data_4W56
# 
_entry.id   4W56 
# 
_audit_conform.dict_name       mmcif_pdbx.dic 
_audit_conform.dict_version    5.379 
_audit_conform.dict_location   http://mmcif.pdb.org/dictionaries/ascii/mmcif_pdbx.dic 
# 
loop_
_database_2.database_id 
_database_2.database_code 
_database_2.pdbx_database_accession 
_database_2.pdbx_DOI 
PDB   4W56         pdb_00004w56 10.2210/pdb4w56/pdb 
WWPDB D_1000203183 ?            ?                   
# 
_pdbx_database_status.status_code                     REL 
_pdbx_database_status.status_code_sf                  REL 
_pdbx_database_status.status_code_mr                  ? 
_pdbx_database_status.entry_id                        4W56 
_pdbx_database_status.recvd_initial_deposition_date   2014-08-16 
_pdbx_database_status.SG_entry                        N 
_pdbx_database_status.deposit_site                    RCSB 
_pdbx_database_status.process_site                    RCSB 
_pdbx_database_status.status_code_cs                  ? 
_pdbx_database_status.methods_development_category    ? 
_pdbx_database_status.pdb_format_compatible           Y 
_pdbx_database_status.status_code_nmr_data            ? 
# 
loop_
_audit_author.name 
_audit_author.pdbx_ordinal 
'Merski, M.'     1 
'Shoichet, B.K.' 2 
'Eidam, O.'      3 
'Fischer, M.'    4 
# 
_citation.abstract                  ? 
_citation.abstract_id_CAS           ? 
_citation.book_id_ISBN              ? 
_citation.book_publisher            ? 
_citation.book_publisher_city       ? 
_citation.book_title                ? 
_citation.coordinate_linkage        ? 
_citation.country                   US 
_citation.database_id_Medline       ? 
_citation.details                   ? 
_citation.id                        primary 
_citation.journal_abbrev            Proc.Natl.Acad.Sci.USA 
_citation.journal_id_ASTM           PNASA6 
_citation.journal_id_CSD            0040 
_citation.journal_id_ISSN           1091-6490 
_citation.journal_full              ? 
_citation.journal_issue             ? 
_citation.journal_volume            112 
_citation.language                  ? 
_citation.page_first                5039 
_citation.page_last                 5044 
_citation.title                     'Homologous ligands accommodated by discrete conformations of a buried cavity.' 
_citation.year                      2015 
_citation.database_id_CSD           ? 
_citation.pdbx_database_id_DOI      10.1073/pnas.1500806112 
_citation.pdbx_database_id_PubMed   25847998 
_citation.unpublished_flag          ? 
# 
loop_
_citation_author.citation_id 
_citation_author.name 
_citation_author.ordinal 
_citation_author.identifier_ORCID 
primary 'Merski, M.'     1 ? 
primary 'Fischer, M.'    2 ? 
primary 'Balius, T.E.'   3 ? 
primary 'Eidam, O.'      4 ? 
primary 'Shoichet, B.K.' 5 ? 
# 
_cell.length_a           60.360 
_cell.length_b           60.360 
_cell.length_c           96.820 
_cell.angle_alpha        90.000 
_cell.angle_beta         90.000 
_cell.angle_gamma        120.000 
_cell.entry_id           4W56 
_cell.Z_PDB              6 
_cell.pdbx_unique_axis   ? 
# 
_symmetry.entry_id                         4W56 
_symmetry.cell_setting                     ? 
_symmetry.Int_Tables_number                154 
_symmetry.space_group_name_Hall            ? 
_symmetry.space_group_name_H-M             'P 32 2 1' 
_symmetry.pdbx_full_space_group_name_H-M   ? 
# 
loop_
_entity.id 
_entity.type 
_entity.src_method 
_entity.pdbx_description 
_entity.formula_weight 
_entity.pdbx_number_of_molecules 
_entity.pdbx_ec 
_entity.pdbx_mutation 
_entity.pdbx_fragment 
_entity.details 
1 polymer     man Endolysin                                             19691.541 1   3.2.1.17 L99A ? ? 
2 non-polymer syn '(2R)-butan-2-ylbenzene'                              134.218   1   ?        ?    ? ? 
3 non-polymer syn '4-(2-HYDROXYETHYL)-1-PIPERAZINE ETHANESULFONIC ACID' 238.305   1   ?        ?    ? ? 
4 water       nat water                                                 18.015    159 ?        ?    ? ? 
# 
_entity_name_com.entity_id   1 
_entity_name_com.name        'Lysis protein,Lysozyme,Muramidase' 
# 
_entity_poly.entity_id                      1 
_entity_poly.type                           'polypeptide(L)' 
_entity_poly.nstd_linkage                   no 
_entity_poly.nstd_monomer                   no 
_entity_poly.pdbx_seq_one_letter_code       
;MNIFEMLRIDEGLRLKIYKDTEGYYTIGIGHLLTKSPSLNAAKSELDKAIGRNCNGVITKDEAEKLFNQDVDAAVRGILR
NAKLKPVYDSLDAVRRCAAINMVFQMGETGVAGFTNSLRMLQQKRWDEAAVNLAKSRWYNQTPNRAKRVITTFRTGTWDA
YKNLLEHHHHHH
;
_entity_poly.pdbx_seq_one_letter_code_can   
;MNIFEMLRIDEGLRLKIYKDTEGYYTIGIGHLLTKSPSLNAAKSELDKAIGRNCNGVITKDEAEKLFNQDVDAAVRGILR
NAKLKPVYDSLDAVRRCAAINMVFQMGETGVAGFTNSLRMLQQKRWDEAAVNLAKSRWYNQTPNRAKRVITTFRTGTWDA
YKNLLEHHHHHH
;
_entity_poly.pdbx_strand_id                 A 
_entity_poly.pdbx_target_identifier         ? 
# 
loop_
_entity_poly_seq.entity_id 
_entity_poly_seq.num 
_entity_poly_seq.mon_id 
_entity_poly_seq.hetero 
1 1   MET n 
1 2   ASN n 
1 3   ILE n 
1 4   PHE n 
1 5   GLU n 
1 6   MET n 
1 7   LEU n 
1 8   ARG n 
1 9   ILE n 
1 10  ASP n 
1 11  GLU n 
1 12  GLY n 
1 13  LEU n 
1 14  ARG n 
1 15  LEU n 
1 16  LYS n 
1 17  ILE n 
1 18  TYR n 
1 19  LYS n 
1 20  ASP n 
1 21  THR n 
1 22  GLU n 
1 23  GLY n 
1 24  TYR n 
1 25  TYR n 
1 26  THR n 
1 27  ILE n 
1 28  GLY n 
1 29  ILE n 
1 30  GLY n 
1 31  HIS n 
1 32  LEU n 
1 33  LEU n 
1 34  THR n 
1 35  LYS n 
1 36  SER n 
1 37  PRO n 
1 38  SER n 
1 39  LEU n 
1 40  ASN n 
1 41  ALA n 
1 42  ALA n 
1 43  LYS n 
1 44  SER n 
1 45  GLU n 
1 46  LEU n 
1 47  ASP n 
1 48  LYS n 
1 49  ALA n 
1 50  ILE n 
1 51  GLY n 
1 52  ARG n 
1 53  ASN n 
1 54  CYS n 
1 55  ASN n 
1 56  GLY n 
1 57  VAL n 
1 58  ILE n 
1 59  THR n 
1 60  LYS n 
1 61  ASP n 
1 62  GLU n 
1 63  ALA n 
1 64  GLU n 
1 65  LYS n 
1 66  LEU n 
1 67  PHE n 
1 68  ASN n 
1 69  GLN n 
1 70  ASP n 
1 71  VAL n 
1 72  ASP n 
1 73  ALA n 
1 74  ALA n 
1 75  VAL n 
1 76  ARG n 
1 77  GLY n 
1 78  ILE n 
1 79  LEU n 
1 80  ARG n 
1 81  ASN n 
1 82  ALA n 
1 83  LYS n 
1 84  LEU n 
1 85  LYS n 
1 86  PRO n 
1 87  VAL n 
1 88  TYR n 
1 89  ASP n 
1 90  SER n 
1 91  LEU n 
1 92  ASP n 
1 93  ALA n 
1 94  VAL n 
1 95  ARG n 
1 96  ARG n 
1 97  CYS n 
1 98  ALA n 
1 99  ALA n 
1 100 ILE n 
1 101 ASN n 
1 102 MET n 
1 103 VAL n 
1 104 PHE n 
1 105 GLN n 
1 106 MET n 
1 107 GLY n 
1 108 GLU n 
1 109 THR n 
1 110 GLY n 
1 111 VAL n 
1 112 ALA n 
1 113 GLY n 
1 114 PHE n 
1 115 THR n 
1 116 ASN n 
1 117 SER n 
1 118 LEU n 
1 119 ARG n 
1 120 MET n 
1 121 LEU n 
1 122 GLN n 
1 123 GLN n 
1 124 LYS n 
1 125 ARG n 
1 126 TRP n 
1 127 ASP n 
1 128 GLU n 
1 129 ALA n 
1 130 ALA n 
1 131 VAL n 
1 132 ASN n 
1 133 LEU n 
1 134 ALA n 
1 135 LYS n 
1 136 SER n 
1 137 ARG n 
1 138 TRP n 
1 139 TYR n 
1 140 ASN n 
1 141 GLN n 
1 142 THR n 
1 143 PRO n 
1 144 ASN n 
1 145 ARG n 
1 146 ALA n 
1 147 LYS n 
1 148 ARG n 
1 149 VAL n 
1 150 ILE n 
1 151 THR n 
1 152 THR n 
1 153 PHE n 
1 154 ARG n 
1 155 THR n 
1 156 GLY n 
1 157 THR n 
1 158 TRP n 
1 159 ASP n 
1 160 ALA n 
1 161 TYR n 
1 162 LYS n 
1 163 ASN n 
1 164 LEU n 
1 165 LEU n 
1 166 GLU n 
1 167 HIS n 
1 168 HIS n 
1 169 HIS n 
1 170 HIS n 
1 171 HIS n 
1 172 HIS n 
# 
_entity_src_gen.entity_id                          1 
_entity_src_gen.pdbx_src_id                        1 
_entity_src_gen.pdbx_alt_source_flag               sample 
_entity_src_gen.pdbx_seq_type                      'Biological sequence' 
_entity_src_gen.pdbx_beg_seq_num                   1 
_entity_src_gen.pdbx_end_seq_num                   172 
_entity_src_gen.gene_src_common_name               ? 
_entity_src_gen.gene_src_genus                     ? 
_entity_src_gen.pdbx_gene_src_gene                 ? 
_entity_src_gen.gene_src_species                   ? 
_entity_src_gen.gene_src_strain                    ? 
_entity_src_gen.gene_src_tissue                    ? 
_entity_src_gen.gene_src_tissue_fraction           ? 
_entity_src_gen.gene_src_details                   ? 
_entity_src_gen.pdbx_gene_src_fragment             ? 
_entity_src_gen.pdbx_gene_src_scientific_name      'Enterobacteria phage T4' 
_entity_src_gen.pdbx_gene_src_ncbi_taxonomy_id     10665 
_entity_src_gen.pdbx_gene_src_variant              ? 
_entity_src_gen.pdbx_gene_src_cell_line            ? 
_entity_src_gen.pdbx_gene_src_atcc                 ? 
_entity_src_gen.pdbx_gene_src_organ                ? 
_entity_src_gen.pdbx_gene_src_organelle            ? 
_entity_src_gen.pdbx_gene_src_cell                 ? 
_entity_src_gen.pdbx_gene_src_cellular_location    ? 
_entity_src_gen.host_org_common_name               ? 
_entity_src_gen.pdbx_host_org_scientific_name      'Escherichia coli' 
_entity_src_gen.pdbx_host_org_ncbi_taxonomy_id     469008 
_entity_src_gen.host_org_genus                     ? 
_entity_src_gen.pdbx_host_org_gene                 ? 
_entity_src_gen.pdbx_host_org_organ                ? 
_entity_src_gen.host_org_species                   ? 
_entity_src_gen.pdbx_host_org_tissue               ? 
_entity_src_gen.pdbx_host_org_tissue_fraction      ? 
_entity_src_gen.pdbx_host_org_strain               'BL21(DE3)' 
_entity_src_gen.pdbx_host_org_variant              ? 
_entity_src_gen.pdbx_host_org_cell_line            ? 
_entity_src_gen.pdbx_host_org_atcc                 ? 
_entity_src_gen.pdbx_host_org_culture_collection   ? 
_entity_src_gen.pdbx_host_org_cell                 ? 
_entity_src_gen.pdbx_host_org_organelle            ? 
_entity_src_gen.pdbx_host_org_cellular_location    ? 
_entity_src_gen.pdbx_host_org_vector_type          plasmid 
_entity_src_gen.pdbx_host_org_vector               ? 
_entity_src_gen.host_org_details                   ? 
_entity_src_gen.expression_system_id               ? 
_entity_src_gen.plasmid_name                       pET29 
_entity_src_gen.plasmid_details                    ? 
_entity_src_gen.pdbx_description                   ? 
# 
_struct_ref.id                         1 
_struct_ref.db_name                    UNP 
_struct_ref.db_code                    ENLYS_BPT4 
_struct_ref.pdbx_db_accession          P00720 
_struct_ref.pdbx_db_isoform            ? 
_struct_ref.entity_id                  1 
_struct_ref.pdbx_seq_one_letter_code   
;MNIFEMLRIDERLRLKIYKDTEGYYTIGIGHLLTKSPSLNAAKSELDKAIGRNCNGVITKDEAEKLFNQDVDAAVRGILR
NAKLKPVYDSLDAVRRCALINMVFQMGETGVAGFTNSLRMLQQKRWDEAAVNLAKSIWYNQTPNRAKRVITTFRTGTWDA
YKNL
;
_struct_ref.pdbx_align_begin           1 
# 
_struct_ref_seq.align_id                      1 
_struct_ref_seq.ref_id                        1 
_struct_ref_seq.pdbx_PDB_id_code              4W56 
_struct_ref_seq.pdbx_strand_id                A 
_struct_ref_seq.seq_align_beg                 1 
_struct_ref_seq.pdbx_seq_align_beg_ins_code   ? 
_struct_ref_seq.seq_align_end                 164 
_struct_ref_seq.pdbx_seq_align_end_ins_code   ? 
_struct_ref_seq.pdbx_db_accession             P00720 
_struct_ref_seq.db_align_beg                  1 
_struct_ref_seq.pdbx_db_align_beg_ins_code    ? 
_struct_ref_seq.db_align_end                  164 
_struct_ref_seq.pdbx_db_align_end_ins_code    ? 
_struct_ref_seq.pdbx_auth_seq_align_beg       1 
_struct_ref_seq.pdbx_auth_seq_align_end       164 
# 
loop_
_struct_ref_seq_dif.align_id 
_struct_ref_seq_dif.pdbx_pdb_id_code 
_struct_ref_seq_dif.mon_id 
_struct_ref_seq_dif.pdbx_pdb_strand_id 
_struct_ref_seq_dif.seq_num 
_struct_ref_seq_dif.pdbx_pdb_ins_code 
_struct_ref_seq_dif.pdbx_seq_db_name 
_struct_ref_seq_dif.pdbx_seq_db_accession_code 
_struct_ref_seq_dif.db_mon_id 
_struct_ref_seq_dif.pdbx_seq_db_seq_num 
_struct_ref_seq_dif.details 
_struct_ref_seq_dif.pdbx_auth_seq_num 
_struct_ref_seq_dif.pdbx_ordinal 
1 4W56 GLY A 12  ? UNP P00720 ARG 12  variant               12  1  
1 4W56 ALA A 99  ? UNP P00720 LEU 99  'engineered mutation' 99  2  
1 4W56 ARG A 137 ? UNP P00720 ILE 137 variant               137 3  
1 4W56 LEU A 165 ? UNP P00720 ?   ?   'expression tag'      165 4  
1 4W56 GLU A 166 ? UNP P00720 ?   ?   'expression tag'      166 5  
1 4W56 HIS A 167 ? UNP P00720 ?   ?   'expression tag'      167 6  
1 4W56 HIS A 168 ? UNP P00720 ?   ?   'expression tag'      168 7  
1 4W56 HIS A 169 ? UNP P00720 ?   ?   'expression tag'      169 8  
1 4W56 HIS A 170 ? UNP P00720 ?   ?   'expression tag'      170 9  
1 4W56 HIS A 171 ? UNP P00720 ?   ?   'expression tag'      171 10 
1 4W56 HIS A 172 ? UNP P00720 ?   ?   'expression tag'      172 11 
# 
loop_
_chem_comp.id 
_chem_comp.type 
_chem_comp.mon_nstd_flag 
_chem_comp.name 
_chem_comp.pdbx_synonyms 
_chem_comp.formula 
_chem_comp.formula_weight 
3GY non-polymer         . '(2R)-butan-2-ylbenzene'                              sec-Butylbenzene 'C10 H14'        134.218 
ALA 'L-peptide linking' y ALANINE                                               ?                'C3 H7 N O2'     89.093  
ARG 'L-peptide linking' y ARGININE                                              ?                'C6 H15 N4 O2 1' 175.209 
ASN 'L-peptide linking' y ASPARAGINE                                            ?                'C4 H8 N2 O3'    132.118 
ASP 'L-peptide linking' y 'ASPARTIC ACID'                                       ?                'C4 H7 N O4'     133.103 
CYS 'L-peptide linking' y CYSTEINE                                              ?                'C3 H7 N O2 S'   121.158 
EPE non-polymer         . '4-(2-HYDROXYETHYL)-1-PIPERAZINE ETHANESULFONIC ACID' HEPES            'C8 H18 N2 O4 S' 238.305 
GLN 'L-peptide linking' y GLUTAMINE                                             ?                'C5 H10 N2 O3'   146.144 
GLU 'L-peptide linking' y 'GLUTAMIC ACID'                                       ?                'C5 H9 N O4'     147.129 
GLY 'peptide linking'   y GLYCINE                                               ?                'C2 H5 N O2'     75.067  
HIS 'L-peptide linking' y HISTIDINE                                             ?                'C6 H10 N3 O2 1' 156.162 
HOH non-polymer         . WATER                                                 ?                'H2 O'           18.015  
ILE 'L-peptide linking' y ISOLEUCINE                                            ?                'C6 H13 N O2'    131.173 
LEU 'L-peptide linking' y LEUCINE                                               ?                'C6 H13 N O2'    131.173 
LYS 'L-peptide linking' y LYSINE                                                ?                'C6 H15 N2 O2 1' 147.195 
MET 'L-peptide linking' y METHIONINE                                            ?                'C5 H11 N O2 S'  149.211 
PHE 'L-peptide linking' y PHENYLALANINE                                         ?                'C9 H11 N O2'    165.189 
PRO 'L-peptide linking' y PROLINE                                               ?                'C5 H9 N O2'     115.130 
SER 'L-peptide linking' y SERINE                                                ?                'C3 H7 N O3'     105.093 
THR 'L-peptide linking' y THREONINE                                             ?                'C4 H9 N O3'     119.119 
TRP 'L-peptide linking' y TRYPTOPHAN                                            ?                'C11 H12 N2 O2'  204.225 
TYR 'L-peptide linking' y TYROSINE                                              ?                'C9 H11 N O3'    181.189 
VAL 'L-peptide linking' y VALINE                                                ?                'C5 H11 N O2'    117.146 
# 
_exptl.absorpt_coefficient_mu     ? 
_exptl.absorpt_correction_T_max   ? 
_exptl.absorpt_correction_T_min   ? 
_exptl.absorpt_correction_type    ? 
_exptl.absorpt_process_details    ? 
_exptl.entry_id                   4W56 
_exptl.crystals_number            1 
_exptl.details                    ? 
_exptl.method                     'X-RAY DIFFRACTION' 
_exptl.method_details             ? 
# 
_exptl_crystal.colour                      ? 
_exptl_crystal.density_diffrn              ? 
_exptl_crystal.density_Matthews            2.59 
_exptl_crystal.density_method              ? 
_exptl_crystal.density_percent_sol         52.43 
_exptl_crystal.description                 ? 
_exptl_crystal.F_000                       ? 
_exptl_crystal.id                          1 
_exptl_crystal.preparation                 ? 
_exptl_crystal.size_max                    ? 
_exptl_crystal.size_mid                    ? 
_exptl_crystal.size_min                    ? 
_exptl_crystal.size_rad                    ? 
_exptl_crystal.colour_lustre               ? 
_exptl_crystal.colour_modifier             ? 
_exptl_crystal.colour_primary              ? 
_exptl_crystal.density_meas                ? 
_exptl_crystal.density_meas_esd            ? 
_exptl_crystal.density_meas_gt             ? 
_exptl_crystal.density_meas_lt             ? 
_exptl_crystal.density_meas_temp           ? 
_exptl_crystal.density_meas_temp_esd       ? 
_exptl_crystal.density_meas_temp_gt        ? 
_exptl_crystal.density_meas_temp_lt        ? 
_exptl_crystal.pdbx_crystal_image_url      ? 
_exptl_crystal.pdbx_crystal_image_format   ? 
_exptl_crystal.pdbx_mosaicity              ? 
_exptl_crystal.pdbx_mosaicity_esd          ? 
# 
_exptl_crystal_grow.apparatus       ? 
_exptl_crystal_grow.atmosphere      ? 
_exptl_crystal_grow.crystal_id      1 
_exptl_crystal_grow.details         ? 
_exptl_crystal_grow.method          'VAPOR DIFFUSION, HANGING DROP' 
_exptl_crystal_grow.method_ref      ? 
_exptl_crystal_grow.pH              7.5 
_exptl_crystal_grow.pressure        ? 
_exptl_crystal_grow.pressure_esd    ? 
_exptl_crystal_grow.seeding         ? 
_exptl_crystal_grow.seeding_ref     ? 
_exptl_crystal_grow.temp            277 
_exptl_crystal_grow.temp_details    ? 
_exptl_crystal_grow.temp_esd        ? 
_exptl_crystal_grow.time            ? 
_exptl_crystal_grow.pdbx_details    
'20% (w/v) PEGF-4000, 10% 2-propanol, 0.1 M HEPES, 50 mM 2-mercaptoethanol, 50 mM 2-hydroxyethyl disulfide' 
_exptl_crystal_grow.pdbx_pH_range   ? 
# 
_diffrn.ambient_environment    ? 
_diffrn.ambient_temp           100 
_diffrn.ambient_temp_details   ? 
_diffrn.ambient_temp_esd       ? 
_diffrn.crystal_id             1 
_diffrn.crystal_support        ? 
_diffrn.crystal_treatment      ? 
_diffrn.details                ? 
_diffrn.id                     1 
_diffrn.ambient_pressure       ? 
_diffrn.ambient_pressure_esd   ? 
_diffrn.ambient_pressure_gt    ? 
_diffrn.ambient_pressure_lt    ? 
_diffrn.ambient_temp_gt        ? 
_diffrn.ambient_temp_lt        ? 
# 
_diffrn_detector.details                      ? 
_diffrn_detector.detector                     CCD 
_diffrn_detector.diffrn_id                    1 
_diffrn_detector.type                         'ADSC QUANTUM 315r' 
_diffrn_detector.area_resol_mean              ? 
_diffrn_detector.dtime                        ? 
_diffrn_detector.pdbx_frames_total            ? 
_diffrn_detector.pdbx_collection_time_total   ? 
_diffrn_detector.pdbx_collection_date         2009-07-23 
# 
_diffrn_radiation.collimation                      ? 
_diffrn_radiation.diffrn_id                        1 
_diffrn_radiation.filter_edge                      ? 
_diffrn_radiation.inhomogeneity                    ? 
_diffrn_radiation.monochromator                    'two flat Si(111) crystals, mounted in a model DCM from Khozu' 
_diffrn_radiation.polarisn_norm                    ? 
_diffrn_radiation.polarisn_ratio                   ? 
_diffrn_radiation.probe                            ? 
_diffrn_radiation.type                             ? 
_diffrn_radiation.xray_symbol                      ? 
_diffrn_radiation.wavelength_id                    1 
_diffrn_radiation.pdbx_monochromatic_or_laue_m_l   M 
_diffrn_radiation.pdbx_wavelength_list             ? 
_diffrn_radiation.pdbx_wavelength                  ? 
_diffrn_radiation.pdbx_diffrn_protocol             'SINGLE WAVELENGTH' 
_diffrn_radiation.pdbx_analyzer                    ? 
_diffrn_radiation.pdbx_scattering_type             x-ray 
# 
_diffrn_radiation_wavelength.id           1 
_diffrn_radiation_wavelength.wavelength   1.116 
_diffrn_radiation_wavelength.wt           1.0 
# 
_diffrn_source.current                     ? 
_diffrn_source.details                     ? 
_diffrn_source.diffrn_id                   1 
_diffrn_source.power                       ? 
_diffrn_source.size                        ? 
_diffrn_source.source                      SYNCHROTRON 
_diffrn_source.target                      ? 
_diffrn_source.type                        'ALS BEAMLINE 8.3.1' 
_diffrn_source.voltage                     ? 
_diffrn_source.take-off_angle              ? 
_diffrn_source.pdbx_wavelength_list        1.116 
_diffrn_source.pdbx_wavelength             ? 
_diffrn_source.pdbx_synchrotron_beamline   8.3.1 
_diffrn_source.pdbx_synchrotron_site       ALS 
# 
_reflns.B_iso_Wilson_estimate            15.340 
_reflns.entry_id                         4W56 
_reflns.data_reduction_details           ? 
_reflns.data_reduction_method            ? 
_reflns.d_resolution_high                1.63 
_reflns.d_resolution_low                 50.0 
_reflns.details                          ? 
_reflns.limit_h_max                      ? 
_reflns.limit_h_min                      ? 
_reflns.limit_k_max                      ? 
_reflns.limit_k_min                      ? 
_reflns.limit_l_max                      ? 
_reflns.limit_l_min                      ? 
_reflns.number_all                       ? 
_reflns.number_obs                       30214 
_reflns.observed_criterion               ? 
_reflns.observed_criterion_F_max         ? 
_reflns.observed_criterion_F_min         ? 
_reflns.observed_criterion_I_max         ? 
_reflns.observed_criterion_I_min         ? 
_reflns.observed_criterion_sigma_F       ? 
_reflns.observed_criterion_sigma_I       -3.000 
_reflns.percent_possible_obs             99.900 
_reflns.R_free_details                   ? 
_reflns.Rmerge_F_all                     ? 
_reflns.Rmerge_F_obs                     0.068 
_reflns.Friedel_coverage                 ? 
_reflns.number_gt                        ? 
_reflns.threshold_expression             ? 
_reflns.pdbx_redundancy                  8.7 
_reflns.pdbx_Rmerge_I_obs                0.065 
_reflns.pdbx_Rmerge_I_all                ? 
_reflns.pdbx_Rsym_value                  ? 
_reflns.pdbx_netI_over_av_sigmaI         ? 
_reflns.pdbx_netI_over_sigmaI            22.090 
_reflns.pdbx_res_netI_over_av_sigmaI_2   ? 
_reflns.pdbx_res_netI_over_sigmaI_2      ? 
_reflns.pdbx_chi_squared                 1.012 
_reflns.pdbx_scaling_rejects             ? 
_reflns.pdbx_d_res_high_opt              ? 
_reflns.pdbx_d_res_low_opt               ? 
_reflns.pdbx_d_res_opt_method            ? 
_reflns.phase_calculation_details        ? 
_reflns.pdbx_Rrim_I_all                  0.069 
_reflns.pdbx_Rpim_I_all                  ? 
_reflns.pdbx_d_opt                       ? 
_reflns.pdbx_number_measured_all         226096 
_reflns.pdbx_diffrn_id                   1 
_reflns.pdbx_ordinal                     1 
_reflns.pdbx_CC_half                     ? 
_reflns.pdbx_R_split                     ? 
# 
loop_
_reflns_shell.d_res_high 
_reflns_shell.d_res_low 
_reflns_shell.meanI_over_sigI_all 
_reflns_shell.meanI_over_sigI_obs 
_reflns_shell.number_measured_all 
_reflns_shell.number_measured_obs 
_reflns_shell.number_possible 
_reflns_shell.number_unique_all 
_reflns_shell.number_unique_obs 
_reflns_shell.percent_possible_all 
_reflns_shell.percent_possible_obs 
_reflns_shell.Rmerge_F_all 
_reflns_shell.Rmerge_F_obs 
_reflns_shell.Rmerge_I_all 
_reflns_shell.Rmerge_I_obs 
_reflns_shell.meanI_over_sigI_gt 
_reflns_shell.meanI_over_uI_all 
_reflns_shell.meanI_over_uI_gt 
_reflns_shell.number_measured_gt 
_reflns_shell.number_unique_gt 
_reflns_shell.percent_possible_gt 
_reflns_shell.Rmerge_F_gt 
_reflns_shell.Rmerge_I_gt 
_reflns_shell.pdbx_redundancy 
_reflns_shell.pdbx_Rsym_value 
_reflns_shell.pdbx_chi_squared 
_reflns_shell.pdbx_netI_over_sigmaI_all 
_reflns_shell.pdbx_netI_over_sigmaI_obs 
_reflns_shell.pdbx_Rrim_I_all 
_reflns_shell.pdbx_Rpim_I_all 
_reflns_shell.pdbx_rejects 
_reflns_shell.pdbx_ordinal 
_reflns_shell.pdbx_diffrn_id 
_reflns_shell.pdbx_CC_half 
_reflns_shell.pdbx_R_split 
1.630  1.730  ? 5.340  ? 36773 4174 ? 4174 100.000 ? ? 0.302 ? 0.477 ? ? ? ? ? ? ? ? ? ? ? ? ? 0.506 ? 0 1 1 ? ? 
1.730  1.850  ? 7.780  ? 34510 3888 ? 3888 100.000 ? ? 0.205 ? 0.311 ? ? ? ? ? ? ? ? ? ? ? ? ? 0.330 ? 0 2 1 ? ? 
1.850  2.000  ? 12.140 ? 32968 3714 ? 3714 100.000 ? ? 0.119 ? 0.183 ? ? ? ? ? ? ? ? ? ? ? ? ? 0.194 ? 0 3 1 ? ? 
2.000  2.240  ? 20.710 ? 35811 4042 ? 4042 100.000 ? ? 0.066 ? 0.100 ? ? ? ? ? ? ? ? ? ? ? ? ? 0.107 ? 0 4 1 ? ? 
2.240  2.680  ? 29.530 ? 36187 4166 ? 4166 100.000 ? ? 0.041 ? 0.066 ? ? ? ? ? ? ? ? ? ? ? ? ? 0.070 ? 0 5 1 ? ? 
2.680  3.280  ? 37.200 ? 22673 2711 ? 2710 100.000 ? ? 0.027 ? 0.048 ? ? ? ? ? ? ? ? ? ? ? ? ? 0.051 ? 0 6 1 ? ? 
3.280  4.630  ? 50.760 ? 17667 2130 ? 2126 99.800  ? ? 0.017 ? 0.033 ? ? ? ? ? ? ? ? ? ? ? ? ? 0.035 ? 0 7 1 ? ? 
4.630  10.000 ? 51.340 ? 8745  1111 ? 1102 99.200  ? ? 0.016 ? 0.030 ? ? ? ? ? ? ? ? ? ? ? ? ? 0.033 ? 0 8 1 ? ? 
10.000 ?      ? 44.380 ? 762   144  ? 129  89.600  ? ? 0.015 ? 0.027 ? ? ? ? ? ? ? ? ? ? ? ? ? 0.030 ? 0 9 1 ? ? 
# 
_refine.aniso_B[1][1]                            0.8345 
_refine.aniso_B[1][2]                            -0.0000 
_refine.aniso_B[1][3]                            -0.0000 
_refine.aniso_B[2][2]                            0.8345 
_refine.aniso_B[2][3]                            0.0000 
_refine.aniso_B[3][3]                            -1.6690 
_refine.B_iso_max                                64.000 
_refine.B_iso_mean                               17.3165 
_refine.B_iso_min                                7.740 
_refine.correlation_coeff_Fo_to_Fc               ? 
_refine.correlation_coeff_Fo_to_Fc_free          ? 
_refine.details                                  ? 
_refine.diff_density_max                         ? 
_refine.diff_density_max_esd                     ? 
_refine.diff_density_min                         ? 
_refine.diff_density_min_esd                     ? 
_refine.diff_density_rms                         ? 
_refine.diff_density_rms_esd                     ? 
_refine.entry_id                                 4W56 
_refine.pdbx_refine_id                           'X-RAY DIFFRACTION' 
_refine.ls_abs_structure_details                 ? 
_refine.ls_abs_structure_Flack                   ? 
_refine.ls_abs_structure_Flack_esd               ? 
_refine.ls_abs_structure_Rogers                  ? 
_refine.ls_abs_structure_Rogers_esd              ? 
_refine.ls_d_res_high                            1.6300 
_refine.ls_d_res_low                             45.9970 
_refine.ls_extinction_coef                       ? 
_refine.ls_extinction_coef_esd                   ? 
_refine.ls_extinction_expression                 ? 
_refine.ls_extinction_method                     ? 
_refine.ls_goodness_of_fit_all                   ? 
_refine.ls_goodness_of_fit_all_esd               ? 
_refine.ls_goodness_of_fit_obs                   ? 
_refine.ls_goodness_of_fit_obs_esd               ? 
_refine.ls_hydrogen_treatment                    ? 
_refine.ls_matrix_type                           ? 
_refine.ls_number_constraints                    ? 
_refine.ls_number_parameters                     ? 
_refine.ls_number_reflns_all                     ? 
_refine.ls_number_reflns_obs                     26049 
_refine.ls_number_reflns_R_free                  1042 
_refine.ls_number_reflns_R_work                  25007 
_refine.ls_number_restraints                     ? 
_refine.ls_percent_reflns_obs                    99.8900 
_refine.ls_percent_reflns_R_free                 4.0000 
_refine.ls_R_factor_all                          ? 
_refine.ls_R_factor_obs                          0.1716 
_refine.ls_R_factor_R_free                       0.1877 
_refine.ls_R_factor_R_free_error                 ? 
_refine.ls_R_factor_R_free_error_details         ? 
_refine.ls_R_factor_R_work                       0.1709 
_refine.ls_R_Fsqd_factor_obs                     ? 
_refine.ls_R_I_factor_obs                        ? 
_refine.ls_redundancy_reflns_all                 ? 
_refine.ls_redundancy_reflns_obs                 ? 
_refine.ls_restrained_S_all                      ? 
_refine.ls_restrained_S_obs                      ? 
_refine.ls_shift_over_esd_max                    ? 
_refine.ls_shift_over_esd_mean                   ? 
_refine.ls_structure_factor_coef                 ? 
_refine.ls_weighting_details                     ? 
_refine.ls_weighting_scheme                      ? 
_refine.ls_wR_factor_all                         ? 
_refine.ls_wR_factor_obs                         ? 
_refine.ls_wR_factor_R_free                      ? 
_refine.ls_wR_factor_R_work                      ? 
_refine.occupancy_max                            ? 
_refine.occupancy_min                            ? 
_refine.solvent_model_details                    'FLAT BULK SOLVENT MODEL' 
_refine.solvent_model_param_bsol                 46.8870 
_refine.solvent_model_param_ksol                 0.3900 
_refine.ls_R_factor_gt                           ? 
_refine.ls_goodness_of_fit_gt                    ? 
_refine.ls_goodness_of_fit_ref                   ? 
_refine.ls_shift_over_su_max                     ? 
_refine.ls_shift_over_su_max_lt                  ? 
_refine.ls_shift_over_su_mean                    ? 
_refine.ls_shift_over_su_mean_lt                 ? 
_refine.pdbx_ls_sigma_I                          ? 
_refine.pdbx_ls_sigma_F                          2.000 
_refine.pdbx_ls_sigma_Fsqd                       ? 
_refine.pdbx_data_cutoff_high_absF               ? 
_refine.pdbx_data_cutoff_high_rms_absF           ? 
_refine.pdbx_data_cutoff_low_absF                ? 
_refine.pdbx_isotropic_thermal_model             ? 
_refine.pdbx_ls_cross_valid_method               'FREE R-VALUE' 
_refine.pdbx_method_to_determine_struct          'MOLECULAR REPLACEMENT' 
_refine.pdbx_starting_model                      181L 
_refine.pdbx_stereochemistry_target_values       ML 
_refine.pdbx_R_Free_selection_details            'Random selection' 
_refine.pdbx_stereochem_target_val_spec_case     ? 
_refine.pdbx_overall_ESU_R                       ? 
_refine.pdbx_overall_ESU_R_Free                  ? 
_refine.pdbx_solvent_vdw_probe_radii             1.3000 
_refine.pdbx_solvent_ion_probe_radii             ? 
_refine.pdbx_solvent_shrinkage_radii             1.0600 
_refine.pdbx_real_space_R                        ? 
_refine.pdbx_density_correlation                 ? 
_refine.pdbx_pd_number_of_powder_patterns        ? 
_refine.pdbx_pd_number_of_points                 ? 
_refine.pdbx_pd_meas_number_of_points            ? 
_refine.pdbx_pd_proc_ls_prof_R_factor            ? 
_refine.pdbx_pd_proc_ls_prof_wR_factor           ? 
_refine.pdbx_pd_Marquardt_correlation_coeff      ? 
_refine.pdbx_pd_Fsqrd_R_factor                   ? 
_refine.pdbx_pd_ls_matrix_band_width             ? 
_refine.pdbx_overall_phase_error                 16.3100 
_refine.pdbx_overall_SU_R_free_Cruickshank_DPI   ? 
_refine.pdbx_overall_SU_R_free_Blow_DPI          ? 
_refine.pdbx_overall_SU_R_Blow_DPI               ? 
_refine.pdbx_TLS_residual_ADP_flag               ? 
_refine.pdbx_diffrn_id                           1 
_refine.overall_SU_B                             ? 
_refine.overall_SU_ML                            0.2600 
_refine.overall_SU_R_Cruickshank_DPI             ? 
_refine.overall_SU_R_free                        ? 
_refine.overall_FOM_free_R_set                   ? 
_refine.overall_FOM_work_R_set                   ? 
# 
_refine_hist.cycle_id                         final 
_refine_hist.pdbx_refine_id                   'X-RAY DIFFRACTION' 
_refine_hist.d_res_high                       1.6300 
_refine_hist.d_res_low                        45.9970 
_refine_hist.pdbx_number_atoms_ligand         35 
_refine_hist.number_atoms_solvent             159 
_refine_hist.number_atoms_total               1478 
_refine_hist.pdbx_number_residues_total       164 
_refine_hist.pdbx_B_iso_mean_ligand           26.55 
_refine_hist.pdbx_B_iso_mean_solvent          27.26 
_refine_hist.pdbx_number_atoms_protein        1284 
_refine_hist.pdbx_number_atoms_nucleic_acid   0 
# 
loop_
_refine_ls_restr.pdbx_refine_id 
_refine_ls_restr.criterion 
_refine_ls_restr.dev_ideal 
_refine_ls_restr.dev_ideal_target 
_refine_ls_restr.number 
_refine_ls_restr.rejects 
_refine_ls_restr.type 
_refine_ls_restr.weight 
_refine_ls_restr.pdbx_restraint_function 
'X-RAY DIFFRACTION' ? 0.007  ? 1448 ? f_bond_d           ? ? 
'X-RAY DIFFRACTION' ? 0.993  ? 1964 ? f_angle_d          ? ? 
'X-RAY DIFFRACTION' ? 0.059  ? 217  ? f_chiral_restr     ? ? 
'X-RAY DIFFRACTION' ? 0.005  ? 252  ? f_plane_restr      ? ? 
'X-RAY DIFFRACTION' ? 10.975 ? 557  ? f_dihedral_angle_d ? ? 
# 
loop_
_refine_ls_shell.pdbx_refine_id 
_refine_ls_shell.d_res_high 
_refine_ls_shell.d_res_low 
_refine_ls_shell.number_reflns_all 
_refine_ls_shell.number_reflns_obs 
_refine_ls_shell.number_reflns_R_free 
_refine_ls_shell.number_reflns_R_work 
_refine_ls_shell.percent_reflns_obs 
_refine_ls_shell.percent_reflns_R_free 
_refine_ls_shell.R_factor_all 
_refine_ls_shell.R_factor_obs 
_refine_ls_shell.R_factor_R_free 
_refine_ls_shell.R_factor_R_free_error 
_refine_ls_shell.R_factor_R_work 
_refine_ls_shell.redundancy_reflns_all 
_refine_ls_shell.redundancy_reflns_obs 
_refine_ls_shell.wR_factor_all 
_refine_ls_shell.wR_factor_obs 
_refine_ls_shell.wR_factor_R_free 
_refine_ls_shell.wR_factor_R_work 
_refine_ls_shell.pdbx_total_number_of_bins_used 
_refine_ls_shell.pdbx_phase_error 
'X-RAY DIFFRACTION' 1.6300 1.7160  3640 . 145 3495 100.0000 . . . 0.2094 . 0.1810 . . . . . . 7 . 
'X-RAY DIFFRACTION' 1.7160 1.8235  3654 . 146 3508 100.0000 . . . 0.2139 . 0.1759 . . . . . . 7 . 
'X-RAY DIFFRACTION' 1.8235 1.9643  3688 . 148 3540 100.0000 . . . 0.2221 . 0.1682 . . . . . . 7 . 
'X-RAY DIFFRACTION' 1.9643 2.1619  3712 . 148 3564 100.0000 . . . 0.1609 . 0.1583 . . . . . . 7 . 
'X-RAY DIFFRACTION' 2.1619 2.4747  3700 . 148 3552 100.0000 . . . 0.2022 . 0.1597 . . . . . . 7 . 
'X-RAY DIFFRACTION' 2.4747 3.1178  3763 . 151 3612 100.0000 . . . 0.2009 . 0.1817 . . . . . . 7 . 
'X-RAY DIFFRACTION' 3.1178 46.0157 3892 . 156 3736 99.0000  . . . 0.1686 . 0.1719 . . . . . . 7 . 
# 
_struct.entry_id                     4W56 
_struct.title                        'T4 Lysozyme L99A with sec-Butylbenzene Bound' 
_struct.pdbx_model_details           ? 
_struct.pdbx_formula_weight          ? 
_struct.pdbx_formula_weight_method   ? 
_struct.pdbx_model_type_details      ? 
_struct.pdbx_CASP_flag               ? 
# 
_struct_keywords.entry_id        4W56 
_struct_keywords.text            HYDROLASE 
_struct_keywords.pdbx_keywords   HYDROLASE 
# 
loop_
_struct_asym.id 
_struct_asym.pdbx_blank_PDB_chainid_flag 
_struct_asym.pdbx_modified 
_struct_asym.entity_id 
_struct_asym.details 
A N N 1 ? 
B N N 2 ? 
C N N 3 ? 
D N N 4 ? 
# 
loop_
_struct_conf.conf_type_id 
_struct_conf.id 
_struct_conf.pdbx_PDB_helix_id 
_struct_conf.beg_label_comp_id 
_struct_conf.beg_label_asym_id 
_struct_conf.beg_label_seq_id 
_struct_conf.pdbx_beg_PDB_ins_code 
_struct_conf.end_label_comp_id 
_struct_conf.end_label_asym_id 
_struct_conf.end_label_seq_id 
_struct_conf.pdbx_end_PDB_ins_code 
_struct_conf.beg_auth_comp_id 
_struct_conf.beg_auth_asym_id 
_struct_conf.beg_auth_seq_id 
_struct_conf.end_auth_comp_id 
_struct_conf.end_auth_asym_id 
_struct_conf.end_auth_seq_id 
_struct_conf.pdbx_PDB_helix_class 
_struct_conf.details 
_struct_conf.pdbx_PDB_helix_length 
HELX_P HELX_P1  AA1 ASN A 2   ? GLY A 12  ? ASN A 2   GLY A 12  1 ? 11 
HELX_P HELX_P2  AA2 SER A 38  ? GLY A 51  ? SER A 38  GLY A 51  1 ? 14 
HELX_P HELX_P3  AA3 THR A 59  ? ASN A 81  ? THR A 59  ASN A 81  1 ? 23 
HELX_P HELX_P4  AA4 LYS A 83  ? LEU A 91  ? LYS A 83  LEU A 91  1 ? 9  
HELX_P HELX_P5  AA5 ASP A 92  ? VAL A 111 ? ASP A 92  VAL A 111 1 ? 20 
HELX_P HELX_P6  AA6 PHE A 114 ? GLN A 123 ? PHE A 114 GLN A 123 1 ? 10 
HELX_P HELX_P7  AA7 ARG A 125 ? ALA A 134 ? ARG A 125 ALA A 134 1 ? 10 
HELX_P HELX_P8  AA8 SER A 136 ? THR A 142 ? SER A 136 THR A 142 1 ? 7  
HELX_P HELX_P9  AA9 THR A 142 ? GLY A 156 ? THR A 142 GLY A 156 1 ? 15 
HELX_P HELX_P10 AB1 TRP A 158 ? ASN A 163 ? TRP A 158 ASN A 163 1 ? 6  
# 
_struct_conf_type.id          HELX_P 
_struct_conf_type.criteria    ? 
_struct_conf_type.reference   ? 
# 
_struct_sheet.id               AA1 
_struct_sheet.type             ? 
_struct_sheet.number_strands   3 
_struct_sheet.details          ? 
# 
loop_
_struct_sheet_order.sheet_id 
_struct_sheet_order.range_id_1 
_struct_sheet_order.range_id_2 
_struct_sheet_order.offset 
_struct_sheet_order.sense 
AA1 1 2 ? anti-parallel 
AA1 2 3 ? anti-parallel 
# 
loop_
_struct_sheet_range.sheet_id 
_struct_sheet_range.id 
_struct_sheet_range.beg_label_comp_id 
_struct_sheet_range.beg_label_asym_id 
_struct_sheet_range.beg_label_seq_id 
_struct_sheet_range.pdbx_beg_PDB_ins_code 
_struct_sheet_range.end_label_comp_id 
_struct_sheet_range.end_label_asym_id 
_struct_sheet_range.end_label_seq_id 
_struct_sheet_range.pdbx_end_PDB_ins_code 
_struct_sheet_range.beg_auth_comp_id 
_struct_sheet_range.beg_auth_asym_id 
_struct_sheet_range.beg_auth_seq_id 
_struct_sheet_range.end_auth_comp_id 
_struct_sheet_range.end_auth_asym_id 
_struct_sheet_range.end_auth_seq_id 
AA1 1 ARG A 14 ? LYS A 19 ? ARG A 14 LYS A 19 
AA1 2 TYR A 25 ? GLY A 28 ? TYR A 25 GLY A 28 
AA1 3 HIS A 31 ? THR A 34 ? HIS A 31 THR A 34 
# 
loop_
_pdbx_struct_sheet_hbond.sheet_id 
_pdbx_struct_sheet_hbond.range_id_1 
_pdbx_struct_sheet_hbond.range_id_2 
_pdbx_struct_sheet_hbond.range_1_label_atom_id 
_pdbx_struct_sheet_hbond.range_1_label_comp_id 
_pdbx_struct_sheet_hbond.range_1_label_asym_id 
_pdbx_struct_sheet_hbond.range_1_label_seq_id 
_pdbx_struct_sheet_hbond.range_1_PDB_ins_code 
_pdbx_struct_sheet_hbond.range_1_auth_atom_id 
_pdbx_struct_sheet_hbond.range_1_auth_comp_id 
_pdbx_struct_sheet_hbond.range_1_auth_asym_id 
_pdbx_struct_sheet_hbond.range_1_auth_seq_id 
_pdbx_struct_sheet_hbond.range_2_label_atom_id 
_pdbx_struct_sheet_hbond.range_2_label_comp_id 
_pdbx_struct_sheet_hbond.range_2_label_asym_id 
_pdbx_struct_sheet_hbond.range_2_label_seq_id 
_pdbx_struct_sheet_hbond.range_2_PDB_ins_code 
_pdbx_struct_sheet_hbond.range_2_auth_atom_id 
_pdbx_struct_sheet_hbond.range_2_auth_comp_id 
_pdbx_struct_sheet_hbond.range_2_auth_asym_id 
_pdbx_struct_sheet_hbond.range_2_auth_seq_id 
AA1 1 2 N TYR A 18 ? N TYR A 18 O THR A 26 ? O THR A 26 
AA1 2 3 N TYR A 25 ? N TYR A 25 O LEU A 33 ? O LEU A 33 
# 
loop_
_struct_site.id 
_struct_site.pdbx_evidence_code 
_struct_site.pdbx_auth_asym_id 
_struct_site.pdbx_auth_comp_id 
_struct_site.pdbx_auth_seq_id 
_struct_site.pdbx_auth_ins_code 
_struct_site.pdbx_num_residues 
_struct_site.details 
AC1 Software A 3GY 200 ? 10 'binding site for residue 3GY A 200' 
AC2 Software A EPE 201 ? 7  'binding site for residue EPE A 201' 
# 
loop_
_struct_site_gen.id 
_struct_site_gen.site_id 
_struct_site_gen.pdbx_num_res 
_struct_site_gen.label_comp_id 
_struct_site_gen.label_asym_id 
_struct_site_gen.label_seq_id 
_struct_site_gen.pdbx_auth_ins_code 
_struct_site_gen.auth_comp_id 
_struct_site_gen.auth_asym_id 
_struct_site_gen.auth_seq_id 
_struct_site_gen.label_atom_id 
_struct_site_gen.label_alt_id 
_struct_site_gen.symmetry 
_struct_site_gen.details 
1  AC1 10 VAL A 87  ? VAL A 87  . ? 1_555 ? 
2  AC1 10 TYR A 88  ? TYR A 88  . ? 1_555 ? 
3  AC1 10 ALA A 99  ? ALA A 99  . ? 1_555 ? 
4  AC1 10 MET A 102 ? MET A 102 . ? 1_555 ? 
5  AC1 10 VAL A 103 ? VAL A 103 . ? 1_555 ? 
6  AC1 10 VAL A 111 ? VAL A 111 . ? 1_555 ? 
7  AC1 10 PHE A 114 ? PHE A 114 . ? 1_555 ? 
8  AC1 10 LEU A 118 ? LEU A 118 . ? 1_555 ? 
9  AC1 10 LEU A 121 ? LEU A 121 . ? 1_555 ? 
10 AC1 10 PHE A 153 ? PHE A 153 . ? 1_555 ? 
11 AC2 7  GLY A 30  ? GLY A 30  . ? 1_555 ? 
12 AC2 7  LEU A 32  ? LEU A 32  . ? 1_555 ? 
13 AC2 7  LYS A 35  ? LYS A 35  . ? 1_555 ? 
14 AC2 7  ASP A 70  ? ASP A 70  . ? 1_555 ? 
15 AC2 7  PHE A 104 ? PHE A 104 . ? 1_555 ? 
16 AC2 7  GLN A 105 ? GLN A 105 . ? 1_555 ? 
17 AC2 7  MET A 106 ? MET A 106 . ? 1_555 ? 
# 
_atom_sites.entry_id                    4W56 
_atom_sites.fract_transf_matrix[1][1]   0.00757982 
_atom_sites.fract_transf_matrix[1][2]   0.01741319 
_atom_sites.fract_transf_matrix[1][3]   -0.00229822 
_atom_sites.fract_transf_matrix[2][1]   0.00002051 
_atom_sites.fract_transf_matrix[2][2]   0.00821922 
_atom_sites.fract_transf_matrix[2][3]   -0.01727428 
_atom_sites.fract_transf_matrix[3][1]   -0.00918690 
_atom_sites.fract_transf_matrix[3][2]   0.00426540 
_atom_sites.fract_transf_matrix[3][3]   0.00201860 
_atom_sites.fract_transf_vector[1]      0.456753 
_atom_sites.fract_transf_vector[2]      -0.320285 
_atom_sites.fract_transf_vector[3]      -0.066265 
# 
loop_
_atom_type.symbol 
C 
N 
O 
S 
# 
loop_
_atom_site.group_PDB 
_atom_site.id 
_atom_site.type_symbol 
_atom_site.label_atom_id 
_atom_site.label_alt_id 
_atom_site.label_comp_id 
_atom_site.label_asym_id 
_atom_site.label_entity_id 
_atom_site.label_seq_id 
_atom_site.pdbx_PDB_ins_code 
_atom_site.Cartn_x 
_atom_site.Cartn_y 
_atom_site.Cartn_z 
_atom_site.occupancy 
_atom_site.B_iso_or_equiv 
_atom_site.pdbx_formal_charge 
_atom_site.auth_seq_id 
_atom_site.auth_comp_id 
_atom_site.auth_asym_id 
_atom_site.auth_atom_id 
_atom_site.pdbx_PDB_model_num 
ATOM   1    N N   . MET A 1 1   ? 8.729   13.764  6.196   1.00 28.21 ? 1   MET A N   1 
ATOM   2    C CA  A MET A 1 1   ? 7.950   12.710  5.561   0.50 20.28 ? 1   MET A CA  1 
ATOM   3    C CA  B MET A 1 1   ? 7.961   12.698  5.557   0.50 20.28 ? 1   MET A CA  1 
ATOM   4    C C   . MET A 1 1   ? 7.150   11.904  6.579   1.00 13.79 ? 1   MET A C   1 
ATOM   5    O O   . MET A 1 1   ? 7.566   11.717  7.721   1.00 16.83 ? 1   MET A O   1 
ATOM   6    C CB  A MET A 1 1   ? 8.869   11.777  4.776   0.50 19.85 ? 1   MET A CB  1 
ATOM   7    C CB  B MET A 1 1   ? 8.886   11.754  4.778   0.50 19.87 ? 1   MET A CB  1 
ATOM   8    C CG  A MET A 1 1   ? 8.143   10.662  4.057   0.50 18.37 ? 1   MET A CG  1 
ATOM   9    C CG  B MET A 1 1   ? 9.486   12.332  3.498   0.50 20.44 ? 1   MET A CG  1 
ATOM   10   S SD  A MET A 1 1   ? 7.472   11.195  2.482   0.50 21.85 ? 1   MET A SD  1 
ATOM   11   S SD  B MET A 1 1   ? 8.315   12.365  2.127   0.50 24.14 ? 1   MET A SD  1 
ATOM   12   C CE  A MET A 1 1   ? 8.924   11.983  1.786   0.50 27.29 ? 1   MET A CE  1 
ATOM   13   C CE  B MET A 1 1   ? 7.908   10.624  2.000   0.50 18.08 ? 1   MET A CE  1 
ATOM   14   N N   . ASN A 1 2   ? 5.992   11.435  6.154   1.00 11.27 ? 2   ASN A N   1 
ATOM   15   C CA  . ASN A 1 2   ? 5.156   10.581  6.973   1.00 12.11 ? 2   ASN A CA  1 
ATOM   16   C C   . ASN A 1 2   ? 4.444   9.633   6.023   1.00 12.33 ? 2   ASN A C   1 
ATOM   17   O O   . ASN A 1 2   ? 4.612   9.733   4.808   1.00 11.81 ? 2   ASN A O   1 
ATOM   18   C CB  . ASN A 1 2   ? 4.160   11.423  7.783   1.00 12.79 ? 2   ASN A CB  1 
ATOM   19   C CG  . ASN A 1 2   ? 3.275   12.282  6.906   1.00 12.89 ? 2   ASN A CG  1 
ATOM   20   O OD1 . ASN A 1 2   ? 2.576   11.775  6.035   1.00 11.66 ? 2   ASN A OD1 1 
ATOM   21   N ND2 . ASN A 1 2   ? 3.297   13.587  7.130   1.00 14.02 ? 2   ASN A ND2 1 
ATOM   22   N N   . ILE A 1 3   ? 3.639   8.722   6.563   1.00 9.77  ? 3   ILE A N   1 
ATOM   23   C CA  . ILE A 1 3   ? 3.034   7.672   5.736   1.00 9.52  ? 3   ILE A CA  1 
ATOM   24   C C   . ILE A 1 3   ? 2.083   8.226   4.670   1.00 12.24 ? 3   ILE A C   1 
ATOM   25   O O   . ILE A 1 3   ? 1.958   7.665   3.575   1.00 11.02 ? 3   ILE A O   1 
ATOM   26   C CB  . ILE A 1 3   ? 2.323   6.604   6.614   1.00 10.78 ? 3   ILE A CB  1 
ATOM   27   C CG1 . ILE A 1 3   ? 1.752   5.475   5.757   1.00 9.57  ? 3   ILE A CG1 1 
ATOM   28   C CG2 . ILE A 1 3   ? 1.233   7.246   7.458   1.00 12.10 ? 3   ILE A CG2 1 
ATOM   29   C CD1 . ILE A 1 3   ? 2.801   4.684   4.944   1.00 11.21 ? 3   ILE A CD1 1 
ATOM   30   N N   . PHE A 1 4   ? 1.412   9.329   4.975   1.00 10.02 ? 4   PHE A N   1 
ATOM   31   C CA  . PHE A 1 4   ? 0.515   9.923   3.988   1.00 9.88  ? 4   PHE A CA  1 
ATOM   32   C C   . PHE A 1 4   ? 1.284   10.520  2.827   1.00 10.58 ? 4   PHE A C   1 
ATOM   33   O O   . PHE A 1 4   ? 0.908   10.337  1.664   1.00 12.26 ? 4   PHE A O   1 
ATOM   34   C CB  . PHE A 1 4   ? -0.411  10.955  4.642   1.00 10.35 ? 4   PHE A CB  1 
ATOM   35   C CG  . PHE A 1 4   ? -1.397  10.336  5.574   1.00 9.13  ? 4   PHE A CG  1 
ATOM   36   C CD1 . PHE A 1 4   ? -2.611  9.866   5.099   1.00 13.65 ? 4   PHE A CD1 1 
ATOM   37   C CD2 . PHE A 1 4   ? -1.102  10.198  6.919   1.00 12.16 ? 4   PHE A CD2 1 
ATOM   38   C CE1 . PHE A 1 4   ? -3.518  9.272   5.953   1.00 15.02 ? 4   PHE A CE1 1 
ATOM   39   C CE2 . PHE A 1 4   ? -2.004  9.595   7.775   1.00 14.36 ? 4   PHE A CE2 1 
ATOM   40   C CZ  . PHE A 1 4   ? -3.207  9.141   7.297   1.00 13.51 ? 4   PHE A CZ  1 
ATOM   41   N N   . GLU A 1 5   ? 2.375   11.214  3.129   1.00 11.23 ? 5   GLU A N   1 
ATOM   42   C CA  . GLU A 1 5   ? 3.187   11.805  2.067   1.00 12.46 ? 5   GLU A CA  1 
ATOM   43   C C   . GLU A 1 5   ? 3.822   10.713  1.217   1.00 12.38 ? 5   GLU A C   1 
ATOM   44   O O   . GLU A 1 5   ? 3.892   10.823  -0.004  1.00 11.76 ? 5   GLU A O   1 
ATOM   45   C CB  . GLU A 1 5   ? 4.250   12.735  2.655   1.00 10.81 ? 5   GLU A CB  1 
ATOM   46   C CG  . GLU A 1 5   ? 3.641   13.984  3.262   1.00 11.54 ? 5   GLU A CG  1 
ATOM   47   C CD  . GLU A 1 5   ? 4.665   14.919  3.883   1.00 23.47 ? 5   GLU A CD  1 
ATOM   48   O OE1 . GLU A 1 5   ? 5.810   14.495  4.117   1.00 28.03 ? 5   GLU A OE1 1 
ATOM   49   O OE2 . GLU A 1 5   ? 4.316   16.091  4.141   1.00 21.34 ? 5   GLU A OE2 1 
ATOM   50   N N   . MET A 1 6   ? 4.262   9.647   1.873   1.00 9.62  ? 6   MET A N   1 
ATOM   51   C CA  . MET A 1 6   ? 4.929   8.544   1.188   1.00 9.12  ? 6   MET A CA  1 
ATOM   52   C C   . MET A 1 6   ? 3.974   7.860   0.207   1.00 9.80  ? 6   MET A C   1 
ATOM   53   O O   . MET A 1 6   ? 4.300   7.666   -0.976  1.00 8.82  ? 6   MET A O   1 
ATOM   54   C CB  . MET A 1 6   ? 5.414   7.541   2.227   1.00 10.71 ? 6   MET A CB  1 
ATOM   55   C CG  . MET A 1 6   ? 6.207   6.378   1.679   1.00 9.38  ? 6   MET A CG  1 
ATOM   56   S SD  . MET A 1 6   ? 6.230   5.062   2.916   1.00 10.71 ? 6   MET A SD  1 
ATOM   57   C CE  . MET A 1 6   ? 7.683   4.134   2.442   1.00 13.27 ? 6   MET A CE  1 
ATOM   58   N N   . LEU A 1 7   ? 2.792   7.481   0.694   1.00 9.48  ? 7   LEU A N   1 
ATOM   59   C CA  . LEU A 1 7   ? 1.819   6.827   -0.171  1.00 8.22  ? 7   LEU A CA  1 
ATOM   60   C C   . LEU A 1 7   ? 1.253   7.764   -1.241  1.00 9.86  ? 7   LEU A C   1 
ATOM   61   O O   . LEU A 1 7   ? 0.946   7.316   -2.337  1.00 11.14 ? 7   LEU A O   1 
ATOM   62   C CB  . LEU A 1 7   ? 0.694   6.175   0.650   1.00 9.30  ? 7   LEU A CB  1 
ATOM   63   C CG  . LEU A 1 7   ? 1.059   4.788   1.195   1.00 9.18  ? 7   LEU A CG  1 
ATOM   64   C CD1 . LEU A 1 7   ? 0.076   4.363   2.308   1.00 11.11 ? 7   LEU A CD1 1 
ATOM   65   C CD2 . LEU A 1 7   ? 1.077   3.761   0.061   1.00 10.19 ? 7   LEU A CD2 1 
ATOM   66   N N   . ARG A 1 8   ? 1.139   9.058   -0.942  1.00 10.62 ? 8   ARG A N   1 
ATOM   67   C CA  A ARG A 1 8   ? 0.691   10.012  -1.956  0.70 12.75 ? 8   ARG A CA  1 
ATOM   68   C CA  B ARG A 1 8   ? 0.699   10.025  -1.951  0.30 12.75 ? 8   ARG A CA  1 
ATOM   69   C C   . ARG A 1 8   ? 1.689   10.053  -3.114  1.00 12.03 ? 8   ARG A C   1 
ATOM   70   O O   . ARG A 1 8   ? 1.301   10.123  -4.284  1.00 12.64 ? 8   ARG A O   1 
ATOM   71   C CB  A ARG A 1 8   ? 0.511   11.399  -1.346  0.70 13.05 ? 8   ARG A CB  1 
ATOM   72   C CB  B ARG A 1 8   ? 0.559   11.424  -1.344  0.30 13.10 ? 8   ARG A CB  1 
ATOM   73   C CG  A ARG A 1 8   ? 0.280   12.505  -2.357  0.70 14.89 ? 8   ARG A CG  1 
ATOM   74   C CG  B ARG A 1 8   ? 0.232   12.519  -2.358  0.30 14.91 ? 8   ARG A CG  1 
ATOM   75   C CD  A ARG A 1 8   ? -0.978  12.281  -3.179  0.70 12.74 ? 8   ARG A CD  1 
ATOM   76   C CD  B ARG A 1 8   ? -1.225  12.472  -2.800  0.30 15.47 ? 8   ARG A CD  1 
ATOM   77   N NE  A ARG A 1 8   ? -1.200  13.412  -4.073  0.70 17.10 ? 8   ARG A NE  1 
ATOM   78   N NE  B ARG A 1 8   ? -2.114  13.136  -1.848  0.30 24.15 ? 8   ARG A NE  1 
ATOM   79   C CZ  A ARG A 1 8   ? -0.625  13.539  -5.267  0.70 19.96 ? 8   ARG A CZ  1 
ATOM   80   C CZ  B ARG A 1 8   ? -2.548  14.388  -1.971  0.30 23.37 ? 8   ARG A CZ  1 
ATOM   81   N NH1 A ARG A 1 8   ? 0.190   12.596  -5.718  0.70 17.15 ? 8   ARG A NH1 1 
ATOM   82   N NH1 B ARG A 1 8   ? -2.180  15.128  -3.009  0.30 25.66 ? 8   ARG A NH1 1 
ATOM   83   N NH2 A ARG A 1 8   ? -0.871  14.609  -6.015  0.70 22.79 ? 8   ARG A NH2 1 
ATOM   84   N NH2 B ARG A 1 8   ? -3.354  14.902  -1.052  0.30 20.66 ? 8   ARG A NH2 1 
ATOM   85   N N   . ILE A 1 9   ? 2.978   9.997   -2.793  1.00 9.43  ? 9   ILE A N   1 
ATOM   86   C CA  . ILE A 1 9   ? 3.996   9.928   -3.832  1.00 11.79 ? 9   ILE A CA  1 
ATOM   87   C C   . ILE A 1 9   ? 3.862   8.624   -4.631  1.00 11.97 ? 9   ILE A C   1 
ATOM   88   O O   . ILE A 1 9   ? 3.854   8.626   -5.864  1.00 14.36 ? 9   ILE A O   1 
ATOM   89   C CB  . ILE A 1 9   ? 5.407   10.041  -3.218  1.00 11.26 ? 9   ILE A CB  1 
ATOM   90   C CG1 . ILE A 1 9   ? 5.699   11.491  -2.831  1.00 15.70 ? 9   ILE A CG1 1 
ATOM   91   C CG2 . ILE A 1 9   ? 6.475   9.523   -4.195  1.00 14.41 ? 9   ILE A CG2 1 
ATOM   92   C CD1 . ILE A 1 9   ? 6.832   11.638  -1.839  1.00 13.88 ? 9   ILE A CD1 1 
ATOM   93   N N   . ASP A 1 10  ? 3.742   7.501   -3.932  1.00 9.85  ? 10  ASP A N   1 
ATOM   94   C CA  . ASP A 1 10  ? 3.687   6.206   -4.605  1.00 10.91 ? 10  ASP A CA  1 
ATOM   95   C C   . ASP A 1 10  ? 2.390   5.942   -5.387  1.00 11.75 ? 10  ASP A C   1 
ATOM   96   O O   . ASP A 1 10  ? 2.412   5.248   -6.410  1.00 15.35 ? 10  ASP A O   1 
ATOM   97   C CB  . ASP A 1 10  ? 3.922   5.072   -3.605  1.00 11.08 ? 10  ASP A CB  1 
ATOM   98   C CG  . ASP A 1 10  ? 5.375   4.962   -3.167  1.00 12.98 ? 10  ASP A CG  1 
ATOM   99   O OD1 . ASP A 1 10  ? 6.278   5.400   -3.923  1.00 12.20 ? 10  ASP A OD1 1 
ATOM   100  O OD2 . ASP A 1 10  ? 5.627   4.421   -2.068  1.00 12.06 ? 10  ASP A OD2 1 
ATOM   101  N N   . GLU A 1 11  ? 1.268   6.477   -4.912  1.00 9.64  ? 11  GLU A N   1 
ATOM   102  C CA  . GLU A 1 11  ? -0.027  6.166   -5.531  1.00 11.24 ? 11  GLU A CA  1 
ATOM   103  C C   . GLU A 1 11  ? -0.543  7.245   -6.479  1.00 12.69 ? 11  GLU A C   1 
ATOM   104  O O   . GLU A 1 11  ? -1.390  6.968   -7.331  1.00 16.43 ? 11  GLU A O   1 
ATOM   105  C CB  . GLU A 1 11  ? -1.081  5.904   -4.445  1.00 10.77 ? 11  GLU A CB  1 
ATOM   106  C CG  . GLU A 1 11  ? -0.787  4.700   -3.556  1.00 13.96 ? 11  GLU A CG  1 
ATOM   107  C CD  . GLU A 1 11  ? -0.946  3.353   -4.264  1.00 18.09 ? 11  GLU A CD  1 
ATOM   108  O OE1 . GLU A 1 11  ? -1.401  3.308   -5.438  1.00 19.04 ? 11  GLU A OE1 1 
ATOM   109  O OE2 . GLU A 1 11  ? -0.626  2.319   -3.635  1.00 20.13 ? 11  GLU A OE2 1 
ATOM   110  N N   . GLY A 1 12  ? -0.063  8.473   -6.319  1.00 13.15 ? 12  GLY A N   1 
ATOM   111  C CA  . GLY A 1 12  ? -0.572  9.580   -7.117  1.00 15.71 ? 12  GLY A CA  1 
ATOM   112  C C   . GLY A 1 12  ? -1.961  10.016  -6.671  1.00 15.34 ? 12  GLY A C   1 
ATOM   113  O O   . GLY A 1 12  ? -2.480  9.552   -5.657  1.00 14.08 ? 12  GLY A O   1 
ATOM   114  N N   . LEU A 1 13  ? -2.566  10.928  -7.426  1.00 13.22 ? 13  LEU A N   1 
ATOM   115  C CA  . LEU A 1 13  ? -3.927  11.364  -7.132  1.00 14.77 ? 13  LEU A CA  1 
ATOM   116  C C   . LEU A 1 13  ? -4.670  11.558  -8.434  1.00 16.33 ? 13  LEU A C   1 
ATOM   117  O O   . LEU A 1 13  ? -4.265  12.361  -9.273  1.00 17.17 ? 13  LEU A O   1 
ATOM   118  C CB  . LEU A 1 13  ? -3.934  12.669  -6.336  1.00 13.45 ? 13  LEU A CB  1 
ATOM   119  C CG  . LEU A 1 13  ? -5.270  13.422  -6.258  1.00 20.17 ? 13  LEU A CG  1 
ATOM   120  C CD1 . LEU A 1 13  ? -6.297  12.651  -5.438  1.00 19.60 ? 13  LEU A CD1 1 
ATOM   121  C CD2 . LEU A 1 13  ? -5.057  14.806  -5.656  1.00 27.31 ? 13  LEU A CD2 1 
ATOM   122  N N   . ARG A 1 14  ? -5.749  10.807  -8.601  1.00 14.45 ? 14  ARG A N   1 
ATOM   123  C CA  A ARG A 1 14  ? -6.596  10.951  -9.773  0.70 14.61 ? 14  ARG A CA  1 
ATOM   124  C CA  B ARG A 1 14  ? -6.598  10.932  -9.777  0.30 14.70 ? 14  ARG A CA  1 
ATOM   125  C C   . ARG A 1 14  ? -8.054  10.973  -9.331  1.00 14.18 ? 14  ARG A C   1 
ATOM   126  O O   . ARG A 1 14  ? -8.479  10.160  -8.521  1.00 15.13 ? 14  ARG A O   1 
ATOM   127  C CB  A ARG A 1 14  ? -6.319  9.829   -10.778 0.70 17.11 ? 14  ARG A CB  1 
ATOM   128  C CB  B ARG A 1 14  ? -6.344  9.776   -10.753 0.30 17.06 ? 14  ARG A CB  1 
ATOM   129  C CG  A ARG A 1 14  ? -4.830  9.771   -11.196 0.70 15.51 ? 14  ARG A CG  1 
ATOM   130  C CG  B ARG A 1 14  ? -5.119  9.994   -11.654 0.30 17.14 ? 14  ARG A CG  1 
ATOM   131  C CD  A ARG A 1 14  ? -4.552  8.705   -12.255 0.70 22.09 ? 14  ARG A CD  1 
ATOM   132  C CD  B ARG A 1 14  ? -4.476  8.683   -12.121 0.30 22.13 ? 14  ARG A CD  1 
ATOM   133  N NE  A ARG A 1 14  ? -5.197  9.012   -13.527 0.70 25.06 ? 14  ARG A NE  1 
ATOM   134  N NE  B ARG A 1 14  ? -3.586  8.117   -11.107 0.30 27.28 ? 14  ARG A NE  1 
ATOM   135  C CZ  A ARG A 1 14  ? -5.126  8.237   -14.604 0.70 23.91 ? 14  ARG A CZ  1 
ATOM   136  C CZ  B ARG A 1 14  ? -2.719  7.131   -11.327 0.30 26.61 ? 14  ARG A CZ  1 
ATOM   137  N NH1 A ARG A 1 14  ? -4.434  7.106   -14.560 0.70 22.89 ? 14  ARG A NH1 1 
ATOM   138  N NH1 B ARG A 1 14  ? -2.606  6.585   -12.533 0.30 20.76 ? 14  ARG A NH1 1 
ATOM   139  N NH2 A ARG A 1 14  ? -5.748  8.589   -15.721 0.70 29.26 ? 14  ARG A NH2 1 
ATOM   140  N NH2 B ARG A 1 14  ? -1.958  6.692   -10.335 0.30 25.82 ? 14  ARG A NH2 1 
ATOM   141  N N   . LEU A 1 15  ? -8.811  11.934  -9.848  1.00 13.54 ? 15  LEU A N   1 
ATOM   142  C CA  . LEU A 1 15  ? -10.179 12.141  -9.385  1.00 12.71 ? 15  LEU A CA  1 
ATOM   143  C C   . LEU A 1 15  ? -11.246 11.414  -10.202 1.00 17.09 ? 15  LEU A C   1 
ATOM   144  O O   . LEU A 1 15  ? -12.425 11.439  -9.852  1.00 17.33 ? 15  LEU A O   1 
ATOM   145  C CB  . LEU A 1 15  ? -10.480 13.642  -9.324  1.00 15.29 ? 15  LEU A CB  1 
ATOM   146  C CG  . LEU A 1 15  ? -9.558  14.442  -8.401  1.00 16.79 ? 15  LEU A CG  1 
ATOM   147  C CD1 . LEU A 1 15  ? -9.964  15.916  -8.371  1.00 20.57 ? 15  LEU A CD1 1 
ATOM   148  C CD2 . LEU A 1 15  ? -9.560  13.852  -6.995  1.00 18.24 ? 15  LEU A CD2 1 
ATOM   149  N N   . LYS A 1 16  ? -10.831 10.756  -11.278 1.00 12.65 ? 16  LYS A N   1 
ATOM   150  C CA  . LYS A 1 16  ? -11.737 9.970   -12.095 1.00 13.16 ? 16  LYS A CA  1 
ATOM   151  C C   . LYS A 1 16  ? -11.289 8.518   -12.068 1.00 12.28 ? 16  LYS A C   1 
ATOM   152  O O   . LYS A 1 16  ? -10.088 8.237   -11.932 1.00 15.83 ? 16  LYS A O   1 
ATOM   153  C CB  . LYS A 1 16  ? -11.732 10.494  -13.534 1.00 18.95 ? 16  LYS A CB  1 
ATOM   154  C CG  . LYS A 1 16  ? -12.065 11.971  -13.658 0.50 18.98 ? 16  LYS A CG  1 
ATOM   155  C CD  . LYS A 1 16  ? -11.969 12.429  -15.109 0.50 24.42 ? 16  LYS A CD  1 
ATOM   156  N N   . ILE A 1 17  ? -12.236 7.594   -12.187 1.00 11.39 ? 17  ILE A N   1 
ATOM   157  C CA  . ILE A 1 17  ? -11.901 6.175   -12.177 1.00 10.97 ? 17  ILE A CA  1 
ATOM   158  C C   . ILE A 1 17  ? -10.813 5.877   -13.201 1.00 17.05 ? 17  ILE A C   1 
ATOM   159  O O   . ILE A 1 17  ? -10.895 6.313   -14.354 1.00 15.71 ? 17  ILE A O   1 
ATOM   160  C CB  . ILE A 1 17  ? -13.130 5.299   -12.453 1.00 12.50 ? 17  ILE A CB  1 
ATOM   161  C CG1 . ILE A 1 17  ? -14.107 5.380   -11.267 1.00 11.22 ? 17  ILE A CG1 1 
ATOM   162  C CG2 . ILE A 1 17  ? -12.724 3.858   -12.699 1.00 14.99 ? 17  ILE A CG2 1 
ATOM   163  C CD1 . ILE A 1 17  ? -15.426 4.672   -11.518 1.00 13.65 ? 17  ILE A CD1 1 
ATOM   164  N N   . TYR A 1 18  ? -9.790  5.147   -12.763 1.00 11.58 ? 18  TYR A N   1 
ATOM   165  C CA  . TYR A 1 18  ? -8.690  4.752   -13.642 1.00 13.25 ? 18  TYR A CA  1 
ATOM   166  C C   . TYR A 1 18  ? -8.332  3.295   -13.382 1.00 13.69 ? 18  TYR A C   1 
ATOM   167  O O   . TYR A 1 18  ? -8.810  2.695   -12.425 1.00 13.57 ? 18  TYR A O   1 
ATOM   168  C CB  . TYR A 1 18  ? -7.460  5.649   -13.419 1.00 14.15 ? 18  TYR A CB  1 
ATOM   169  C CG  . TYR A 1 18  ? -6.818  5.562   -12.042 1.00 13.59 ? 18  TYR A CG  1 
ATOM   170  C CD1 . TYR A 1 18  ? -7.313  6.295   -10.973 1.00 14.06 ? 18  TYR A CD1 1 
ATOM   171  C CD2 . TYR A 1 18  ? -5.672  4.789   -11.828 1.00 18.42 ? 18  TYR A CD2 1 
ATOM   172  C CE1 . TYR A 1 18  ? -6.718  6.242   -9.721  1.00 16.30 ? 18  TYR A CE1 1 
ATOM   173  C CE2 . TYR A 1 18  ? -5.071  4.729   -10.565 1.00 18.98 ? 18  TYR A CE2 1 
ATOM   174  C CZ  . TYR A 1 18  ? -5.602  5.458   -9.521  1.00 23.16 ? 18  TYR A CZ  1 
ATOM   175  O OH  . TYR A 1 18  ? -5.024  5.422   -8.261  1.00 21.78 ? 18  TYR A OH  1 
ATOM   176  N N   . LYS A 1 19  ? -7.500  2.715   -14.236 1.00 16.58 ? 19  LYS A N   1 
ATOM   177  C CA  . LYS A 1 19  ? -7.009  1.367   -13.976 1.00 14.20 ? 19  LYS A CA  1 
ATOM   178  C C   . LYS A 1 19  ? -5.628  1.441   -13.374 1.00 15.67 ? 19  LYS A C   1 
ATOM   179  O O   . LYS A 1 19  ? -4.780  2.195   -13.851 1.00 15.21 ? 19  LYS A O   1 
ATOM   180  C CB  . LYS A 1 19  ? -6.971  0.537   -15.254 1.00 15.29 ? 19  LYS A CB  1 
ATOM   181  C CG  . LYS A 1 19  ? -8.334  0.089   -15.730 1.00 15.30 ? 19  LYS A CG  1 
ATOM   182  C CD  . LYS A 1 19  ? -8.201  -0.787  -16.957 1.00 20.78 ? 19  LYS A CD  1 
ATOM   183  C CE  . LYS A 1 19  ? -9.559  -1.261  -17.435 1.00 23.00 ? 19  LYS A CE  1 
ATOM   184  N NZ  . LYS A 1 19  ? -9.432  -2.132  -18.639 1.00 27.54 ? 19  LYS A NZ  1 
ATOM   185  N N   . ASP A 1 20  ? -5.411  0.668   -12.316 1.00 13.37 ? 20  ASP A N   1 
ATOM   186  C CA  . ASP A 1 20  ? -4.131  0.669   -11.624 1.00 13.51 ? 20  ASP A CA  1 
ATOM   187  C C   . ASP A 1 20  ? -3.114  -0.152  -12.411 1.00 14.83 ? 20  ASP A C   1 
ATOM   188  O O   . ASP A 1 20  ? -3.391  -0.565  -13.544 1.00 14.29 ? 20  ASP A O   1 
ATOM   189  C CB  . ASP A 1 20  ? -4.277  0.193   -10.173 1.00 18.34 ? 20  ASP A CB  1 
ATOM   190  C CG  . ASP A 1 20  ? -4.530  -1.298  -10.050 1.00 19.78 ? 20  ASP A CG  1 
ATOM   191  O OD1 . ASP A 1 20  ? -4.636  -1.996  -11.077 1.00 18.87 ? 20  ASP A OD1 1 
ATOM   192  O OD2 . ASP A 1 20  ? -4.641  -1.783  -8.898  1.00 22.91 ? 20  ASP A OD2 1 
ATOM   193  N N   . THR A 1 21  ? -1.935  -0.379  -11.842 1.00 15.94 ? 21  THR A N   1 
ATOM   194  C CA  A THR A 1 21  ? -0.861  -1.094  -12.541 0.60 12.22 ? 21  THR A CA  1 
ATOM   195  C CA  B THR A 1 21  ? -0.911  -1.058  -12.625 0.40 12.23 ? 21  THR A CA  1 
ATOM   196  C C   . THR A 1 21  ? -1.254  -2.527  -12.886 1.00 16.54 ? 21  THR A C   1 
ATOM   197  O O   . THR A 1 21  ? -0.674  -3.141  -13.779 1.00 15.99 ? 21  THR A O   1 
ATOM   198  C CB  A THR A 1 21  ? 0.442   -1.151  -11.699 0.60 15.56 ? 21  THR A CB  1 
ATOM   199  C CB  B THR A 1 21  ? 0.495   -0.911  -12.019 0.40 15.37 ? 21  THR A CB  1 
ATOM   200  O OG1 A THR A 1 21  ? 0.242   -1.981  -10.546 0.60 17.84 ? 21  THR A OG1 1 
ATOM   201  O OG1 B THR A 1 21  ? 1.458   -1.467  -12.923 0.40 15.58 ? 21  THR A OG1 1 
ATOM   202  C CG2 A THR A 1 21  ? 0.876   0.241   -11.260 0.60 14.59 ? 21  THR A CG2 1 
ATOM   203  C CG2 B THR A 1 21  ? 0.577   -1.616  -10.677 0.40 18.32 ? 21  THR A CG2 1 
ATOM   204  N N   . GLU A 1 22  ? -2.220  -3.079  -12.144 1.00 13.46 ? 22  GLU A N   1 
ATOM   205  C CA  . GLU A 1 22  ? -2.677  -4.449  -12.390 1.00 15.08 ? 22  GLU A CA  1 
ATOM   206  C C   . GLU A 1 22  ? -3.902  -4.504  -13.301 1.00 15.16 ? 22  GLU A C   1 
ATOM   207  O O   . GLU A 1 22  ? -4.422  -5.584  -13.594 1.00 17.14 ? 22  GLU A O   1 
ATOM   208  C CB  . GLU A 1 22  ? -3.012  -5.162  -11.078 1.00 16.50 ? 22  GLU A CB  1 
ATOM   209  C CG  . GLU A 1 22  ? -1.855  -5.266  -10.101 1.00 18.01 ? 22  GLU A CG  1 
ATOM   210  C CD  . GLU A 1 22  ? -0.839  -6.334  -10.477 1.00 30.02 ? 22  GLU A CD  1 
ATOM   211  O OE1 . GLU A 1 22  ? -1.085  -7.093  -11.436 1.00 27.73 ? 22  GLU A OE1 1 
ATOM   212  O OE2 . GLU A 1 22  ? 0.211   -6.412  -9.802  1.00 30.57 ? 22  GLU A OE2 1 
ATOM   213  N N   . GLY A 1 23  ? -4.367  -3.338  -13.740 1.00 13.70 ? 23  GLY A N   1 
ATOM   214  C CA  . GLY A 1 23  ? -5.536  -3.264  -14.598 1.00 13.11 ? 23  GLY A CA  1 
ATOM   215  C C   . GLY A 1 23  ? -6.876  -3.187  -13.879 1.00 17.02 ? 23  GLY A C   1 
ATOM   216  O O   . GLY A 1 23  ? -7.917  -3.365  -14.505 1.00 17.86 ? 23  GLY A O   1 
ATOM   217  N N   . TYR A 1 24  ? -6.856  -2.905  -12.577 1.00 12.66 ? 24  TYR A N   1 
ATOM   218  C CA  . TYR A 1 24  ? -8.084  -2.873  -11.775 1.00 13.57 ? 24  TYR A CA  1 
ATOM   219  C C   . TYR A 1 24  ? -8.610  -1.464  -11.575 1.00 12.16 ? 24  TYR A C   1 
ATOM   220  O O   . TYR A 1 24  ? -7.848  -0.543  -11.333 1.00 13.18 ? 24  TYR A O   1 
ATOM   221  C CB  . TYR A 1 24  ? -7.824  -3.452  -10.385 1.00 13.69 ? 24  TYR A CB  1 
ATOM   222  C CG  . TYR A 1 24  ? -7.399  -4.889  -10.367 1.00 18.15 ? 24  TYR A CG  1 
ATOM   223  C CD1 . TYR A 1 24  ? -8.026  -5.828  -11.170 1.00 20.92 ? 24  TYR A CD1 1 
ATOM   224  C CD2 . TYR A 1 24  ? -6.365  -5.309  -9.540  1.00 18.99 ? 24  TYR A CD2 1 
ATOM   225  C CE1 . TYR A 1 24  ? -7.637  -7.154  -11.150 1.00 28.33 ? 24  TYR A CE1 1 
ATOM   226  C CE2 . TYR A 1 24  ? -5.970  -6.632  -9.517  1.00 21.61 ? 24  TYR A CE2 1 
ATOM   227  C CZ  . TYR A 1 24  ? -6.606  -7.548  -10.324 1.00 28.53 ? 24  TYR A CZ  1 
ATOM   228  O OH  . TYR A 1 24  ? -6.213  -8.870  -10.299 1.00 34.31 ? 24  TYR A OH  1 
ATOM   229  N N   . TYR A 1 25  ? -9.929  -1.305  -11.621 1.00 11.69 ? 25  TYR A N   1 
ATOM   230  C CA  . TYR A 1 25  ? -10.530 0.007   -11.432 1.00 11.63 ? 25  TYR A CA  1 
ATOM   231  C C   . TYR A 1 25  ? -10.251 0.555   -10.038 1.00 10.54 ? 25  TYR A C   1 
ATOM   232  O O   . TYR A 1 25  ? -10.460 -0.123  -9.028  1.00 12.03 ? 25  TYR A O   1 
ATOM   233  C CB  . TYR A 1 25  ? -12.031 -0.038  -11.690 1.00 12.44 ? 25  TYR A CB  1 
ATOM   234  C CG  . TYR A 1 25  ? -12.370 -0.326  -13.134 1.00 10.98 ? 25  TYR A CG  1 
ATOM   235  C CD1 . TYR A 1 25  ? -12.035 0.577   -14.131 1.00 14.42 ? 25  TYR A CD1 1 
ATOM   236  C CD2 . TYR A 1 25  ? -13.047 -1.487  -13.482 1.00 15.61 ? 25  TYR A CD2 1 
ATOM   237  C CE1 . TYR A 1 25  ? -12.354 0.320   -15.462 1.00 18.99 ? 25  TYR A CE1 1 
ATOM   238  C CE2 . TYR A 1 25  ? -13.373 -1.751  -14.806 1.00 17.86 ? 25  TYR A CE2 1 
ATOM   239  C CZ  . TYR A 1 25  ? -13.023 -0.846  -15.783 1.00 21.99 ? 25  TYR A CZ  1 
ATOM   240  O OH  . TYR A 1 25  ? -13.345 -1.111  -17.097 1.00 27.17 ? 25  TYR A OH  1 
ATOM   241  N N   . THR A 1 26  ? -9.803  1.801   -10.019 1.00 10.33 ? 26  THR A N   1 
ATOM   242  C CA  . THR A 1 26  ? -9.254  2.450   -8.846  1.00 11.13 ? 26  THR A CA  1 
ATOM   243  C C   . THR A 1 26  ? -9.630  3.918   -8.934  1.00 12.67 ? 26  THR A C   1 
ATOM   244  O O   . THR A 1 26  ? -9.981  4.405   -10.006 1.00 12.15 ? 26  THR A O   1 
ATOM   245  C CB  . THR A 1 26  ? -7.711  2.291   -8.875  1.00 9.22  ? 26  THR A CB  1 
ATOM   246  O OG1 . THR A 1 26  ? -7.401  0.894   -8.882  1.00 15.21 ? 26  THR A OG1 1 
ATOM   247  C CG2 . THR A 1 26  ? -7.039  2.924   -7.663  1.00 12.36 ? 26  THR A CG2 1 
ATOM   248  N N   . ILE A 1 27  ? -9.572  4.633   -7.818  1.00 10.39 ? 27  ILE A N   1 
ATOM   249  C CA  . ILE A 1 27  ? -9.787  6.078   -7.855  1.00 9.41  ? 27  ILE A CA  1 
ATOM   250  C C   . ILE A 1 27  ? -9.014  6.738   -6.727  1.00 9.20  ? 27  ILE A C   1 
ATOM   251  O O   . ILE A 1 27  ? -8.577  6.060   -5.797  1.00 10.83 ? 27  ILE A O   1 
ATOM   252  C CB  . ILE A 1 27  ? -11.286 6.440   -7.763  1.00 10.84 ? 27  ILE A CB  1 
ATOM   253  C CG1 . ILE A 1 27  ? -11.545 7.877   -8.244  1.00 11.89 ? 27  ILE A CG1 1 
ATOM   254  C CG2 . ILE A 1 27  ? -11.820 6.226   -6.336  1.00 13.17 ? 27  ILE A CG2 1 
ATOM   255  C CD1 . ILE A 1 27  ? -13.004 8.143   -8.653  1.00 12.56 ? 27  ILE A CD1 1 
ATOM   256  N N   . GLY A 1 28  ? -8.874  8.058   -6.798  1.00 11.17 ? 28  GLY A N   1 
ATOM   257  C CA  . GLY A 1 28  ? -8.228  8.820   -5.748  1.00 11.26 ? 28  GLY A CA  1 
ATOM   258  C C   . GLY A 1 28  ? -6.766  8.473   -5.565  1.00 11.09 ? 28  GLY A C   1 
ATOM   259  O O   . GLY A 1 28  ? -6.002  8.429   -6.529  1.00 13.87 ? 28  GLY A O   1 
ATOM   260  N N   . ILE A 1 29  ? -6.374  8.228   -4.319  1.00 9.86  ? 29  ILE A N   1 
ATOM   261  C CA  . ILE A 1 29  ? -4.984  7.919   -4.005  1.00 9.78  ? 29  ILE A CA  1 
ATOM   262  C C   . ILE A 1 29  ? -4.909  6.410   -3.806  1.00 10.61 ? 29  ILE A C   1 
ATOM   263  O O   . ILE A 1 29  ? -4.819  5.922   -2.679  1.00 12.24 ? 29  ILE A O   1 
ATOM   264  C CB  . ILE A 1 29  ? -4.516  8.648   -2.732  1.00 11.91 ? 29  ILE A CB  1 
ATOM   265  C CG1 . ILE A 1 29  ? -4.715  10.158  -2.877  1.00 14.05 ? 29  ILE A CG1 1 
ATOM   266  C CG2 . ILE A 1 29  ? -3.058  8.325   -2.438  1.00 12.51 ? 29  ILE A CG2 1 
ATOM   267  C CD1 . ILE A 1 29  ? -4.650  10.911  -1.568  1.00 18.39 ? 29  ILE A CD1 1 
ATOM   268  N N   . GLY A 1 30  ? -4.949  5.677   -4.913  1.00 11.11 ? 30  GLY A N   1 
ATOM   269  C CA  . GLY A 1 30  ? -4.817  4.233   -4.899  1.00 11.75 ? 30  GLY A CA  1 
ATOM   270  C C   . GLY A 1 30  ? -5.944  3.491   -4.204  1.00 10.96 ? 30  GLY A C   1 
ATOM   271  O O   . GLY A 1 30  ? -5.723  2.416   -3.653  1.00 13.77 ? 30  GLY A O   1 
ATOM   272  N N   . HIS A 1 31  ? -7.151  4.049   -4.222  1.00 10.77 ? 31  HIS A N   1 
ATOM   273  C CA  . HIS A 1 31  ? -8.284  3.330   -3.657  1.00 10.76 ? 31  HIS A CA  1 
ATOM   274  C C   . HIS A 1 31  ? -8.854  2.312   -4.650  1.00 10.48 ? 31  HIS A C   1 
ATOM   275  O O   . HIS A 1 31  ? -9.535  2.686   -5.612  1.00 12.09 ? 31  HIS A O   1 
ATOM   276  C CB  . HIS A 1 31  ? -9.389  4.279   -3.208  1.00 11.84 ? 31  HIS A CB  1 
ATOM   277  C CG  . HIS A 1 31  ? -10.555 3.561   -2.614  1.00 10.63 ? 31  HIS A CG  1 
ATOM   278  N ND1 . HIS A 1 31  ? -10.568 3.127   -1.307  1.00 14.05 ? 31  HIS A ND1 1 
ATOM   279  C CD2 . HIS A 1 31  ? -11.721 3.142   -3.164  1.00 13.38 ? 31  HIS A CD2 1 
ATOM   280  C CE1 . HIS A 1 31  ? -11.705 2.498   -1.067  1.00 15.95 ? 31  HIS A CE1 1 
ATOM   281  N NE2 . HIS A 1 31  ? -12.420 2.487   -2.179  1.00 14.28 ? 31  HIS A NE2 1 
ATOM   282  N N   . LEU A 1 32  ? -8.597  1.029   -4.399  1.00 10.90 ? 32  LEU A N   1 
ATOM   283  C CA  . LEU A 1 32  ? -9.110  -0.038  -5.265  1.00 9.87  ? 32  LEU A CA  1 
ATOM   284  C C   . LEU A 1 32  ? -10.623 -0.105  -5.161  1.00 9.40  ? 32  LEU A C   1 
ATOM   285  O O   . LEU A 1 32  ? -11.168 -0.183  -4.055  1.00 13.60 ? 32  LEU A O   1 
ATOM   286  C CB  . LEU A 1 32  ? -8.515  -1.381  -4.855  1.00 12.95 ? 32  LEU A CB  1 
ATOM   287  C CG  . LEU A 1 32  ? -9.096  -2.625  -5.526  1.00 16.55 ? 32  LEU A CG  1 
ATOM   288  C CD1 . LEU A 1 32  ? -8.820  -2.565  -7.014  1.00 15.91 ? 32  LEU A CD1 1 
ATOM   289  C CD2 . LEU A 1 32  ? -8.496  -3.895  -4.916  1.00 22.08 ? 32  LEU A CD2 1 
ATOM   290  N N   . LEU A 1 33  ? -11.309 -0.052  -6.303  1.00 11.34 ? 33  LEU A N   1 
ATOM   291  C CA  . LEU A 1 33  ? -12.769 -0.131  -6.291  1.00 12.03 ? 33  LEU A CA  1 
ATOM   292  C C   . LEU A 1 33  ? -13.256 -1.568  -6.441  1.00 13.98 ? 33  LEU A C   1 
ATOM   293  O O   . LEU A 1 33  ? -14.163 -2.005  -5.724  1.00 17.87 ? 33  LEU A O   1 
ATOM   294  C CB  . LEU A 1 33  ? -13.361 0.747   -7.392  1.00 10.85 ? 33  LEU A CB  1 
ATOM   295  C CG  . LEU A 1 33  ? -13.240 2.238   -7.087  1.00 11.23 ? 33  LEU A CG  1 
ATOM   296  C CD1 . LEU A 1 33  ? -13.560 3.058   -8.347  1.00 12.02 ? 33  LEU A CD1 1 
ATOM   297  C CD2 . LEU A 1 33  ? -14.156 2.655   -5.921  1.00 9.80  ? 33  LEU A CD2 1 
ATOM   298  N N   . THR A 1 34  ? -12.649 -2.298  -7.372  1.00 14.28 ? 34  THR A N   1 
ATOM   299  C CA  . THR A 1 34  ? -13.043 -3.678  -7.634  1.00 15.19 ? 34  THR A CA  1 
ATOM   300  C C   . THR A 1 34  ? -12.041 -4.349  -8.548  1.00 17.02 ? 34  THR A C   1 
ATOM   301  O O   . THR A 1 34  ? -11.342 -3.683  -9.309  1.00 17.06 ? 34  THR A O   1 
ATOM   302  C CB  . THR A 1 34  ? -14.446 -3.755  -8.299  1.00 19.68 ? 34  THR A CB  1 
ATOM   303  O OG1 . THR A 1 34  ? -14.840 -5.128  -8.434  1.00 21.78 ? 34  THR A OG1 1 
ATOM   304  C CG2 . THR A 1 34  ? -14.431 -3.097  -9.680  1.00 17.61 ? 34  THR A CG2 1 
ATOM   305  N N   . LYS A 1 35  ? -11.970 -5.672  -8.481  1.00 18.24 ? 35  LYS A N   1 
ATOM   306  C CA  . LYS A 1 35  ? -11.143 -6.415  -9.421  1.00 18.19 ? 35  LYS A CA  1 
ATOM   307  C C   . LYS A 1 35  ? -11.985 -6.918  -10.596 1.00 19.56 ? 35  LYS A C   1 
ATOM   308  O O   . LYS A 1 35  ? -11.472 -7.554  -11.515 1.00 26.91 ? 35  LYS A O   1 
ATOM   309  C CB  . LYS A 1 35  ? -10.429 -7.569  -8.715  1.00 22.77 ? 35  LYS A CB  1 
ATOM   310  C CG  . LYS A 1 35  ? -9.420  -7.099  -7.674  1.00 19.04 ? 35  LYS A CG  1 
ATOM   311  C CD  . LYS A 1 35  ? -8.658  -8.261  -7.051  1.00 28.18 ? 35  LYS A CD  1 
ATOM   312  C CE  . LYS A 1 35  ? -7.668  -7.753  -6.017  0.80 28.04 ? 35  LYS A CE  1 
ATOM   313  N NZ  . LYS A 1 35  ? -6.936  -8.860  -5.341  0.80 31.56 ? 35  LYS A NZ  1 
ATOM   314  N N   . SER A 1 36  ? -13.278 -6.617  -10.559 1.00 20.86 ? 36  SER A N   1 
ATOM   315  C CA  . SER A 1 36  ? -14.174 -6.939  -11.667 1.00 23.05 ? 36  SER A CA  1 
ATOM   316  C C   . SER A 1 36  ? -13.868 -6.122  -12.916 1.00 24.93 ? 36  SER A C   1 
ATOM   317  O O   . SER A 1 36  ? -13.566 -4.934  -12.829 1.00 21.38 ? 36  SER A O   1 
ATOM   318  C CB  . SER A 1 36  ? -15.623 -6.691  -11.260 1.00 23.48 ? 36  SER A CB  1 
ATOM   319  O OG  . SER A 1 36  ? -16.463 -6.738  -12.399 1.00 25.06 ? 36  SER A OG  1 
ATOM   320  N N   . PRO A 1 37  ? -13.962 -6.757  -14.093 1.00 24.46 ? 37  PRO A N   1 
ATOM   321  C CA  . PRO A 1 37  ? -13.732 -6.084  -15.377 1.00 23.38 ? 37  PRO A CA  1 
ATOM   322  C C   . PRO A 1 37  ? -14.827 -5.076  -15.721 1.00 25.73 ? 37  PRO A C   1 
ATOM   323  O O   . PRO A 1 37  ? -14.692 -4.329  -16.689 1.00 24.86 ? 37  PRO A O   1 
ATOM   324  C CB  . PRO A 1 37  ? -13.772 -7.237  -16.390 1.00 29.40 ? 37  PRO A CB  1 
ATOM   325  C CG  . PRO A 1 37  ? -13.624 -8.490  -15.584 1.00 36.02 ? 37  PRO A CG  1 
ATOM   326  C CD  . PRO A 1 37  ? -14.244 -8.191  -14.264 1.00 25.92 ? 37  PRO A CD  1 
ATOM   327  N N   . SER A 1 38  ? -15.896 -5.050  -14.934 1.00 21.33 ? 38  SER A N   1 
ATOM   328  C CA  . SER A 1 38  ? -17.053 -4.216  -15.246 1.00 21.56 ? 38  SER A CA  1 
ATOM   329  C C   . SER A 1 38  ? -16.910 -2.808  -14.685 1.00 23.37 ? 38  SER A C   1 
ATOM   330  O O   . SER A 1 38  ? -16.849 -2.624  -13.469 1.00 20.22 ? 38  SER A O   1 
ATOM   331  C CB  . SER A 1 38  ? -18.333 -4.863  -14.699 1.00 22.10 ? 38  SER A CB  1 
ATOM   332  O OG  . SER A 1 38  ? -19.410 -3.936  -14.703 1.00 27.65 ? 38  SER A OG  1 
ATOM   333  N N   . LEU A 1 39  ? -16.865 -1.812  -15.564 1.00 19.98 ? 39  LEU A N   1 
ATOM   334  C CA  . LEU A 1 39  ? -16.841 -0.425  -15.116 1.00 17.77 ? 39  LEU A CA  1 
ATOM   335  C C   . LEU A 1 39  ? -18.113 -0.088  -14.335 1.00 16.66 ? 39  LEU A C   1 
ATOM   336  O O   . LEU A 1 39  ? -18.088 0.730   -13.407 1.00 17.60 ? 39  LEU A O   1 
ATOM   337  C CB  . LEU A 1 39  ? -16.670 0.535   -16.301 1.00 19.13 ? 39  LEU A CB  1 
ATOM   338  C CG  . LEU A 1 39  ? -16.782 2.027   -15.972 1.00 21.44 ? 39  LEU A CG  1 
ATOM   339  C CD1 . LEU A 1 39  ? -15.631 2.483   -15.087 1.00 16.80 ? 39  LEU A CD1 1 
ATOM   340  C CD2 . LEU A 1 39  ? -16.842 2.866   -17.241 1.00 27.16 ? 39  LEU A CD2 1 
ATOM   341  N N   . ASN A 1 40  ? -19.234 -0.706  -14.704 1.00 18.45 ? 40  ASN A N   1 
ATOM   342  C CA  . ASN A 1 40  ? -20.466 -0.452  -13.963 1.00 18.11 ? 40  ASN A CA  1 
ATOM   343  C C   . ASN A 1 40  ? -20.349 -0.935  -12.518 1.00 16.53 ? 40  ASN A C   1 
ATOM   344  O O   . ASN A 1 40  ? -20.820 -0.272  -11.594 1.00 18.59 ? 40  ASN A O   1 
ATOM   345  C CB  . ASN A 1 40  ? -21.672 -1.086  -14.653 1.00 27.06 ? 40  ASN A CB  1 
ATOM   346  C CG  . ASN A 1 40  ? -22.179 -0.252  -15.812 1.00 30.74 ? 40  ASN A CG  1 
ATOM   347  O OD1 . ASN A 1 40  ? -21.964 0.961   -15.860 1.00 38.20 ? 40  ASN A OD1 1 
ATOM   348  N ND2 . ASN A 1 40  ? -22.865 -0.897  -16.749 1.00 38.27 ? 40  ASN A ND2 1 
ATOM   349  N N   . ALA A 1 41  ? -19.709 -2.085  -12.328 1.00 18.35 ? 41  ALA A N   1 
ATOM   350  C CA  . ALA A 1 41  ? -19.463 -2.606  -10.987 1.00 20.24 ? 41  ALA A CA  1 
ATOM   351  C C   . ALA A 1 41  ? -18.588 -1.640  -10.194 1.00 18.59 ? 41  ALA A C   1 
ATOM   352  O O   . ALA A 1 41  ? -18.844 -1.379  -9.014  1.00 16.12 ? 41  ALA A O   1 
ATOM   353  C CB  . ALA A 1 41  ? -18.821 -3.979  -11.049 1.00 20.56 ? 41  ALA A CB  1 
ATOM   354  N N   . ALA A 1 42  ? -17.562 -1.098  -10.844 1.00 13.25 ? 42  ALA A N   1 
ATOM   355  C CA  . ALA A 1 42  ? -16.698 -0.113  -10.188 1.00 12.68 ? 42  ALA A CA  1 
ATOM   356  C C   . ALA A 1 42  ? -17.445 1.163   -9.809  1.00 14.01 ? 42  ALA A C   1 
ATOM   357  O O   . ALA A 1 42  ? -17.235 1.707   -8.732  1.00 13.69 ? 42  ALA A O   1 
ATOM   358  C CB  . ALA A 1 42  ? -15.493 0.214   -11.064 1.00 15.58 ? 42  ALA A CB  1 
ATOM   359  N N   . LYS A 1 43  ? -18.319 1.643   -10.696 1.00 12.93 ? 43  LYS A N   1 
ATOM   360  C CA  . LYS A 1 43  ? -19.096 2.840   -10.415 1.00 12.56 ? 43  LYS A CA  1 
ATOM   361  C C   . LYS A 1 43  ? -20.034 2.641   -9.224  1.00 12.05 ? 43  LYS A C   1 
ATOM   362  O O   . LYS A 1 43  ? -20.214 3.547   -8.415  1.00 13.71 ? 43  LYS A O   1 
ATOM   363  C CB  . LYS A 1 43  ? -19.882 3.268   -11.650 1.00 16.81 ? 43  LYS A CB  1 
ATOM   364  C CG  . LYS A 1 43  ? -19.005 3.914   -12.692 1.00 17.82 ? 43  LYS A CG  1 
ATOM   365  C CD  . LYS A 1 43  ? -19.785 4.211   -13.961 1.00 18.78 ? 43  LYS A CD  1 
ATOM   366  C CE  . LYS A 1 43  ? -18.956 5.045   -14.917 1.00 26.32 ? 43  LYS A CE  1 
ATOM   367  N NZ  . LYS A 1 43  ? -19.715 5.421   -16.144 0.50 23.55 ? 43  LYS A NZ  1 
ATOM   368  N N   . SER A 1 44  ? -20.613 1.481   -9.104  1.00 13.19 ? 44  SER A N   1 
ATOM   369  C CA  A SER A 1 44  ? -21.433 1.168   -8.024  0.50 14.94 ? 44  SER A CA  1 
ATOM   370  C CA  B SER A 1 44  ? -21.448 1.170   -7.957  0.50 14.88 ? 44  SER A CA  1 
ATOM   371  C C   . SER A 1 44  ? -20.635 1.109   -6.690  1.00 14.90 ? 44  SER A C   1 
ATOM   372  O O   . SER A 1 44  ? -21.038 1.682   -5.769  1.00 13.93 ? 44  SER A O   1 
ATOM   373  C CB  A SER A 1 44  ? -22.136 -0.145  -8.273  0.50 20.65 ? 44  SER A CB  1 
ATOM   374  C CB  B SER A 1 44  ? -22.197 -0.153  -8.049  0.50 20.74 ? 44  SER A CB  1 
ATOM   375  O OG  A SER A 1 44  ? -22.907 -0.416  -7.199  0.50 17.40 ? 44  SER A OG  1 
ATOM   376  O OG  B SER A 1 44  ? -23.010 -0.115  -9.167  0.50 24.43 ? 44  SER A OG  1 
ATOM   377  N N   . GLU A 1 45  ? -19.465 0.512   -6.724  1.00 14.42 ? 45  GLU A N   1 
ATOM   378  C CA  . GLU A 1 45  ? -18.597 0.503   -5.546  1.00 13.82 ? 45  GLU A CA  1 
ATOM   379  C C   . GLU A 1 45  ? -18.214 1.915   -5.141  1.00 12.36 ? 45  GLU A C   1 
ATOM   380  O O   . GLU A 1 45  ? -18.169 2.243   -3.952  1.00 12.33 ? 45  GLU A O   1 
ATOM   381  C CB  . GLU A 1 45  ? -17.337 -0.333  -5.785  1.00 12.12 ? 45  GLU A CB  1 
ATOM   382  C CG  . GLU A 1 45  ? -17.615 -1.828  -5.857  1.00 14.63 ? 45  GLU A CG  1 
ATOM   383  C CD  . GLU A 1 45  ? -18.199 -2.382  -4.562  1.00 22.13 ? 45  GLU A CD  1 
ATOM   384  O OE1 . GLU A 1 45  ? -17.572 -2.215  -3.487  1.00 19.26 ? 45  GLU A OE1 1 
ATOM   385  O OE2 . GLU A 1 45  ? -19.295 -2.982  -4.620  1.00 23.91 ? 45  GLU A OE2 1 
ATOM   386  N N   . LEU A 1 46  ? -17.931 2.758   -6.128  1.00 10.85 ? 46  LEU A N   1 
ATOM   387  C CA  . LEU A 1 46  ? -17.593 4.141   -5.837  1.00 12.31 ? 46  LEU A CA  1 
ATOM   388  C C   . LEU A 1 46  ? -18.752 4.871   -5.148  1.00 13.64 ? 46  LEU A C   1 
ATOM   389  O O   . LEU A 1 46  ? -18.564 5.547   -4.145  1.00 12.99 ? 46  LEU A O   1 
ATOM   390  C CB  . LEU A 1 46  ? -17.204 4.876   -7.120  1.00 12.18 ? 46  LEU A CB  1 
ATOM   391  C CG  . LEU A 1 46  ? -16.888 6.353   -6.934  1.00 11.14 ? 46  LEU A CG  1 
ATOM   392  C CD1 . LEU A 1 46  ? -15.711 6.529   -5.966  1.00 12.27 ? 46  LEU A CD1 1 
ATOM   393  C CD2 . LEU A 1 46  ? -16.555 6.991   -8.279  1.00 13.98 ? 46  LEU A CD2 1 
ATOM   394  N N   . ASP A 1 47  ? -19.956 4.742   -5.694  1.00 12.83 ? 47  ASP A N   1 
ATOM   395  C CA  . ASP A 1 47  ? -21.100 5.414   -5.093  1.00 11.97 ? 47  ASP A CA  1 
ATOM   396  C C   . ASP A 1 47  ? -21.336 4.934   -3.656  1.00 12.64 ? 47  ASP A C   1 
ATOM   397  O O   . ASP A 1 47  ? -21.687 5.738   -2.784  1.00 14.78 ? 47  ASP A O   1 
ATOM   398  C CB  . ASP A 1 47  ? -22.352 5.205   -5.947  1.00 15.15 ? 47  ASP A CB  1 
ATOM   399  C CG  . ASP A 1 47  ? -22.265 5.913   -7.293  1.00 20.02 ? 47  ASP A CG  1 
ATOM   400  O OD1 . ASP A 1 47  ? -21.307 6.684   -7.510  1.00 18.90 ? 47  ASP A OD1 1 
ATOM   401  O OD2 . ASP A 1 47  ? -23.166 5.708   -8.133  1.00 25.15 ? 47  ASP A OD2 1 
ATOM   402  N N   . LYS A 1 48  ? -21.137 3.642   -3.420  1.00 12.86 ? 48  LYS A N   1 
ATOM   403  C CA  . LYS A 1 48  ? -21.291 3.061   -2.084  1.00 13.41 ? 48  LYS A CA  1 
ATOM   404  C C   . LYS A 1 48  ? -20.231 3.621   -1.133  1.00 14.26 ? 48  LYS A C   1 
ATOM   405  O O   . LYS A 1 48  ? -20.519 3.972   0.011   1.00 12.86 ? 48  LYS A O   1 
ATOM   406  C CB  . LYS A 1 48  ? -21.188 1.533   -2.171  1.00 14.66 ? 48  LYS A CB  1 
ATOM   407  C CG  . LYS A 1 48  ? -21.162 0.813   -0.839  1.00 15.89 ? 48  LYS A CG  1 
ATOM   408  C CD  . LYS A 1 48  ? -21.486 -0.673  -1.006  1.00 13.98 ? 48  LYS A CD  1 
ATOM   409  C CE  . LYS A 1 48  ? -20.558 -1.379  -1.981  1.00 20.27 ? 48  LYS A CE  1 
ATOM   410  N NZ  . LYS A 1 48  ? -19.286 -1.764  -1.328  1.00 17.27 ? 48  LYS A NZ  1 
ATOM   411  N N   . ALA A 1 49  ? -19.004 3.743   -1.626  1.00 12.56 ? 49  ALA A N   1 
ATOM   412  C CA  . ALA A 1 49  ? -17.898 4.239   -0.794  1.00 11.82 ? 49  ALA A CA  1 
ATOM   413  C C   . ALA A 1 49  ? -18.037 5.719   -0.426  1.00 11.46 ? 49  ALA A C   1 
ATOM   414  O O   . ALA A 1 49  ? -17.665 6.136   0.672   1.00 12.56 ? 49  ALA A O   1 
ATOM   415  C CB  . ALA A 1 49  ? -16.553 3.992   -1.498  1.00 11.51 ? 49  ALA A CB  1 
ATOM   416  N N   . ILE A 1 50  ? -18.562 6.518   -1.346  1.00 11.78 ? 50  ILE A N   1 
ATOM   417  C CA  . ILE A 1 50  ? -18.640 7.955   -1.150  1.00 10.72 ? 50  ILE A CA  1 
ATOM   418  C C   . ILE A 1 50  ? -19.978 8.394   -0.560  1.00 11.28 ? 50  ILE A C   1 
ATOM   419  O O   . ILE A 1 50  ? -20.058 9.412   0.126   1.00 15.16 ? 50  ILE A O   1 
ATOM   420  C CB  . ILE A 1 50  ? -18.429 8.692   -2.495  1.00 12.27 ? 50  ILE A CB  1 
ATOM   421  C CG1 . ILE A 1 50  ? -17.090 8.287   -3.111  1.00 16.83 ? 50  ILE A CG1 1 
ATOM   422  C CG2 . ILE A 1 50  ? -18.507 10.193  -2.308  1.00 14.80 ? 50  ILE A CG2 1 
ATOM   423  C CD1 . ILE A 1 50  ? -15.906 8.718   -2.290  1.00 18.61 ? 50  ILE A CD1 1 
ATOM   424  N N   . GLY A 1 51  ? -21.022 7.622   -0.842  1.00 13.64 ? 51  GLY A N   1 
ATOM   425  C CA  . GLY A 1 51  ? -22.343 7.887   -0.301  1.00 14.04 ? 51  GLY A CA  1 
ATOM   426  C C   . GLY A 1 51  ? -23.168 8.846   -1.134  1.00 19.57 ? 51  GLY A C   1 
ATOM   427  O O   . GLY A 1 51  ? -24.056 9.514   -0.620  1.00 21.44 ? 51  GLY A O   1 
ATOM   428  N N   . ARG A 1 52  ? -22.861 8.925   -2.423  1.00 15.60 ? 52  ARG A N   1 
ATOM   429  C CA  . ARG A 1 52  ? -23.672 9.706   -3.357  1.00 19.34 ? 52  ARG A CA  1 
ATOM   430  C C   . ARG A 1 52  ? -23.440 9.161   -4.756  1.00 19.17 ? 52  ARG A C   1 
ATOM   431  O O   . ARG A 1 52  ? -22.529 8.360   -4.964  1.00 16.17 ? 52  ARG A O   1 
ATOM   432  C CB  . ARG A 1 52  ? -23.292 11.186  -3.314  1.00 19.57 ? 52  ARG A CB  1 
ATOM   433  C CG  . ARG A 1 52  ? -21.875 11.471  -3.784  1.00 15.47 ? 52  ARG A CG  1 
ATOM   434  C CD  . ARG A 1 52  ? -21.542 12.961  -3.796  1.00 18.70 ? 52  ARG A CD  1 
ATOM   435  N NE  . ARG A 1 52  ? -20.166 13.177  -4.246  1.00 18.96 ? 52  ARG A NE  1 
ATOM   436  C CZ  . ARG A 1 52  ? -19.814 13.337  -5.517  1.00 20.70 ? 52  ARG A CZ  1 
ATOM   437  N NH1 . ARG A 1 52  ? -20.740 13.329  -6.473  1.00 19.41 ? 52  ARG A NH1 1 
ATOM   438  N NH2 . ARG A 1 52  ? -18.540 13.513  -5.837  1.00 21.53 ? 52  ARG A NH2 1 
ATOM   439  N N   . ASN A 1 53  ? -24.266 9.583   -5.714  1.00 16.86 ? 53  ASN A N   1 
ATOM   440  C CA  A ASN A 1 53  ? -24.084 9.193   -7.106  0.50 17.79 ? 53  ASN A CA  1 
ATOM   441  C CA  B ASN A 1 53  ? -24.070 9.177   -7.099  0.50 17.74 ? 53  ASN A CA  1 
ATOM   442  C C   . ASN A 1 53  ? -22.967 10.011  -7.750  1.00 17.92 ? 53  ASN A C   1 
ATOM   443  O O   . ASN A 1 53  ? -23.151 11.192  -8.054  1.00 18.82 ? 53  ASN A O   1 
ATOM   444  C CB  A ASN A 1 53  ? -25.387 9.384   -7.883  0.50 22.85 ? 53  ASN A CB  1 
ATOM   445  C CB  B ASN A 1 53  ? -25.370 9.282   -7.899  0.50 22.94 ? 53  ASN A CB  1 
ATOM   446  C CG  A ASN A 1 53  ? -26.516 8.529   -7.345  0.50 24.21 ? 53  ASN A CG  1 
ATOM   447  C CG  B ASN A 1 53  ? -25.295 8.547   -9.226  0.50 22.69 ? 53  ASN A CG  1 
ATOM   448  O OD1 A ASN A 1 53  ? -26.317 7.366   -6.994  0.50 30.86 ? 53  ASN A OD1 1 
ATOM   449  O OD1 B ASN A 1 53  ? -24.275 8.581   -9.912  0.50 32.84 ? 53  ASN A OD1 1 
ATOM   450  N ND2 A ASN A 1 53  ? -27.709 9.105   -7.270  0.50 34.35 ? 53  ASN A ND2 1 
ATOM   451  N ND2 B ASN A 1 53  ? -26.375 7.864   -9.585  0.50 34.68 ? 53  ASN A ND2 1 
ATOM   452  N N   . CYS A 1 54  ? -21.811 9.381   -7.954  1.00 16.58 ? 54  CYS A N   1 
ATOM   453  C CA  . CYS A 1 54  ? -20.609 10.088  -8.399  1.00 18.06 ? 54  CYS A CA  1 
ATOM   454  C C   . CYS A 1 54  ? -20.388 10.108  -9.901  1.00 13.37 ? 54  CYS A C   1 
ATOM   455  O O   . CYS A 1 54  ? -19.657 10.959  -10.405 1.00 17.76 ? 54  CYS A O   1 
ATOM   456  C CB  . CYS A 1 54  ? -19.366 9.457   -7.767  1.00 13.51 ? 54  CYS A CB  1 
ATOM   457  S SG  . CYS A 1 54  ? -19.348 9.576   -5.975  1.00 18.53 ? 54  CYS A SG  1 
ATOM   458  N N   . ASN A 1 55  ? -20.995 9.153   -10.594 1.00 16.87 ? 55  ASN A N   1 
ATOM   459  C CA  . ASN A 1 55  ? -20.759 8.967   -12.018 1.00 24.01 ? 55  ASN A CA  1 
ATOM   460  C C   . ASN A 1 55  ? -19.267 8.920   -12.341 1.00 17.71 ? 55  ASN A C   1 
ATOM   461  O O   . ASN A 1 55  ? -18.805 9.530   -13.309 1.00 19.42 ? 55  ASN A O   1 
ATOM   462  C CB  . ASN A 1 55  ? -21.446 10.066  -12.825 1.00 20.35 ? 55  ASN A CB  1 
ATOM   463  C CG  . ASN A 1 55  ? -21.554 9.720   -14.300 1.00 27.34 ? 55  ASN A CG  1 
ATOM   464  O OD1 . ASN A 1 55  ? -21.594 8.544   -14.673 1.00 33.18 ? 55  ASN A OD1 1 
ATOM   465  N ND2 . ASN A 1 55  ? -21.595 10.742  -15.144 1.00 29.17 ? 55  ASN A ND2 1 
ATOM   466  N N   . GLY A 1 56  ? -18.519 8.213   -11.505 1.00 14.43 ? 56  GLY A N   1 
ATOM   467  C CA  . GLY A 1 56  ? -17.104 7.962   -11.763 1.00 14.95 ? 56  GLY A CA  1 
ATOM   468  C C   . GLY A 1 56  ? -16.111 9.069   -11.463 1.00 17.92 ? 56  GLY A C   1 
ATOM   469  O O   . GLY A 1 56  ? -14.939 8.955   -11.828 1.00 16.93 ? 56  GLY A O   1 
ATOM   470  N N   . VAL A 1 57  ? -16.557 10.136  -10.803 1.00 13.95 ? 57  VAL A N   1 
ATOM   471  C CA  . VAL A 1 57  ? -15.691 11.264  -10.484 1.00 13.66 ? 57  VAL A CA  1 
ATOM   472  C C   . VAL A 1 57  ? -15.892 11.709  -9.041  1.00 15.68 ? 57  VAL A C   1 
ATOM   473  O O   . VAL A 1 57  ? -17.030 11.781  -8.563  1.00 17.55 ? 57  VAL A O   1 
ATOM   474  C CB  . VAL A 1 57  ? -15.975 12.464  -11.419 1.00 20.49 ? 57  VAL A CB  1 
ATOM   475  C CG1 . VAL A 1 57  ? -15.100 13.655  -11.054 1.00 21.32 ? 57  VAL A CG1 1 
ATOM   476  C CG2 . VAL A 1 57  ? -15.759 12.064  -12.871 1.00 25.40 ? 57  VAL A CG2 1 
ATOM   477  N N   . ILE A 1 58  ? -14.798 12.008  -8.346  1.00 13.35 ? 58  ILE A N   1 
ATOM   478  C CA  . ILE A 1 58  ? -14.887 12.504  -6.977  1.00 11.78 ? 58  ILE A CA  1 
ATOM   479  C C   . ILE A 1 58  ? -14.091 13.790  -6.814  1.00 13.64 ? 58  ILE A C   1 
ATOM   480  O O   . ILE A 1 58  ? -13.348 14.200  -7.722  1.00 16.43 ? 58  ILE A O   1 
ATOM   481  C CB  . ILE A 1 58  ? -14.383 11.463  -5.951  1.00 11.68 ? 58  ILE A CB  1 
ATOM   482  C CG1 . ILE A 1 58  ? -12.900 11.139  -6.200  1.00 10.88 ? 58  ILE A CG1 1 
ATOM   483  C CG2 . ILE A 1 58  ? -15.254 10.203  -6.006  1.00 13.97 ? 58  ILE A CG2 1 
ATOM   484  C CD1 . ILE A 1 58  ? -12.302 10.170  -5.182  1.00 12.22 ? 58  ILE A CD1 1 
ATOM   485  N N   . THR A 1 59  ? -14.253 14.431  -5.660  1.00 13.50 ? 59  THR A N   1 
ATOM   486  C CA  . THR A 1 59  ? -13.487 15.624  -5.336  1.00 14.56 ? 59  THR A CA  1 
ATOM   487  C C   . THR A 1 59  ? -12.200 15.255  -4.612  1.00 14.24 ? 59  THR A C   1 
ATOM   488  O O   . THR A 1 59  ? -12.039 14.128  -4.138  1.00 16.25 ? 59  THR A O   1 
ATOM   489  C CB  . THR A 1 59  ? -14.279 16.573  -4.419  1.00 19.31 ? 59  THR A CB  1 
ATOM   490  O OG1 . THR A 1 59  ? -14.471 15.947  -3.147  1.00 17.29 ? 59  THR A OG1 1 
ATOM   491  C CG2 . THR A 1 59  ? -15.636 16.911  -5.026  1.00 19.53 ? 59  THR A CG2 1 
ATOM   492  N N   . LYS A 1 60  ? -11.286 16.210  -4.521  1.00 14.38 ? 60  LYS A N   1 
ATOM   493  C CA  . LYS A 1 60  ? -10.042 15.985  -3.806  1.00 13.99 ? 60  LYS A CA  1 
ATOM   494  C C   . LYS A 1 60  ? -10.310 15.678  -2.330  1.00 12.90 ? 60  LYS A C   1 
ATOM   495  O O   . LYS A 1 60  ? -9.664  14.801  -1.755  1.00 13.02 ? 60  LYS A O   1 
ATOM   496  C CB  . LYS A 1 60  ? -9.107  17.183  -3.958  1.00 16.46 ? 60  LYS A CB  1 
ATOM   497  C CG  . LYS A 1 60  ? -7.735  16.964  -3.352  1.00 18.69 ? 60  LYS A CG  1 
ATOM   498  C CD  . LYS A 1 60  ? -6.796  18.116  -3.672  1.00 28.33 ? 60  LYS A CD  1 
ATOM   499  C CE  . LYS A 1 60  ? -5.410  17.873  -3.100  0.80 31.38 ? 60  LYS A CE  1 
ATOM   500  N N   . ASP A 1 61  ? -11.260 16.388  -1.718  1.00 16.53 ? 61  ASP A N   1 
ATOM   501  C CA  . ASP A 1 61  ? -11.610 16.114  -0.327  1.00 17.73 ? 61  ASP A CA  1 
ATOM   502  C C   . ASP A 1 61  ? -12.080 14.672  -0.167  1.00 17.81 ? 61  ASP A C   1 
ATOM   503  O O   . ASP A 1 61  ? -11.731 14.001  0.804   1.00 15.53 ? 61  ASP A O   1 
ATOM   504  C CB  . ASP A 1 61  ? -12.704 17.056  0.187   1.00 19.41 ? 61  ASP A CB  1 
ATOM   505  C CG  . ASP A 1 61  ? -12.220 18.483  0.361   1.00 41.87 ? 61  ASP A CG  1 
ATOM   506  O OD1 . ASP A 1 61  ? -11.009 18.734  0.192   1.00 35.05 ? 61  ASP A OD1 1 
ATOM   507  O OD2 . ASP A 1 61  ? -13.060 19.354  0.678   1.00 43.09 ? 61  ASP A OD2 1 
ATOM   508  N N   . GLU A 1 62  ? -12.884 14.199  -1.114  1.00 14.76 ? 62  GLU A N   1 
ATOM   509  C CA  . GLU A 1 62  ? -13.384 12.827  -1.051  1.00 10.65 ? 62  GLU A CA  1 
ATOM   510  C C   . GLU A 1 62  ? -12.248 11.826  -1.228  1.00 13.28 ? 62  GLU A C   1 
ATOM   511  O O   . GLU A 1 62  ? -12.197 10.816  -0.528  1.00 11.39 ? 62  GLU A O   1 
ATOM   512  C CB  . GLU A 1 62  ? -14.491 12.601  -2.087  1.00 10.97 ? 62  GLU A CB  1 
ATOM   513  C CG  . GLU A 1 62  ? -15.804 13.287  -1.694  1.00 14.42 ? 62  GLU A CG  1 
ATOM   514  C CD  . GLU A 1 62  ? -16.815 13.386  -2.822  1.00 19.66 ? 62  GLU A CD  1 
ATOM   515  O OE1 . GLU A 1 62  ? -16.426 13.275  -3.997  1.00 16.29 ? 62  GLU A OE1 1 
ATOM   516  O OE2 . GLU A 1 62  ? -18.018 13.592  -2.526  1.00 17.86 ? 62  GLU A OE2 1 
ATOM   517  N N   . ALA A 1 63  ? -11.345 12.102  -2.163  1.00 11.63 ? 63  ALA A N   1 
ATOM   518  C CA  . ALA A 1 63  ? -10.172 11.242  -2.339  1.00 10.97 ? 63  ALA A CA  1 
ATOM   519  C C   . ALA A 1 63  ? -9.367  11.153  -1.050  1.00 11.07 ? 63  ALA A C   1 
ATOM   520  O O   . ALA A 1 63  ? -8.914  10.070  -0.658  1.00 11.75 ? 63  ALA A O   1 
ATOM   521  C CB  . ALA A 1 63  ? -9.302  11.748  -3.479  1.00 13.33 ? 63  ALA A CB  1 
ATOM   522  N N   . GLU A 1 64  ? -9.180  12.288  -0.386  1.00 10.87 ? 64  GLU A N   1 
ATOM   523  C CA  . GLU A 1 64  ? -8.379  12.301  0.835   1.00 9.87  ? 64  GLU A CA  1 
ATOM   524  C C   . GLU A 1 64  ? -9.090  11.576  1.982   1.00 11.55 ? 64  GLU A C   1 
ATOM   525  O O   . GLU A 1 64  ? -8.448  10.959  2.826   1.00 11.67 ? 64  GLU A O   1 
ATOM   526  C CB  . GLU A 1 64  ? -7.990  13.733  1.206   1.00 12.64 ? 64  GLU A CB  1 
ATOM   527  C CG  . GLU A 1 64  ? -7.016  14.316  0.181   1.00 12.94 ? 64  GLU A CG  1 
ATOM   528  C CD  . GLU A 1 64  ? -6.796  15.807  0.332   1.00 28.06 ? 64  GLU A CD  1 
ATOM   529  O OE1 . GLU A 1 64  ? -7.627  16.480  0.982   1.00 29.01 ? 64  GLU A OE1 1 
ATOM   530  O OE2 . GLU A 1 64  ? -5.785  16.301  -0.210  1.00 28.57 ? 64  GLU A OE2 1 
ATOM   531  N N   . LYS A 1 65  ? -10.421 11.631  2.000   1.00 10.86 ? 65  LYS A N   1 
ATOM   532  C CA  . LYS A 1 65  ? -11.171 10.876  3.003   1.00 10.80 ? 65  LYS A CA  1 
ATOM   533  C C   . LYS A 1 65  ? -11.011 9.362   2.817   1.00 11.61 ? 65  LYS A C   1 
ATOM   534  O O   . LYS A 1 65  ? -10.750 8.646   3.788   1.00 12.34 ? 65  LYS A O   1 
ATOM   535  C CB  . LYS A 1 65  ? -12.651 11.266  2.996   1.00 10.77 ? 65  LYS A CB  1 
ATOM   536  C CG  . LYS A 1 65  ? -13.438 10.628  4.137   1.00 15.49 ? 65  LYS A CG  1 
ATOM   537  C CD  . LYS A 1 65  ? -14.799 11.283  4.295   1.00 18.96 ? 65  LYS A CD  1 
ATOM   538  C CE  . LYS A 1 65  ? -15.505 10.769  5.548   1.00 24.25 ? 65  LYS A CE  1 
ATOM   539  N NZ  . LYS A 1 65  ? -16.766 11.517  5.798   1.00 22.85 ? 65  LYS A NZ  1 
ATOM   540  N N   . LEU A 1 66  ? -11.162 8.872   1.583   1.00 11.19 ? 66  LEU A N   1 
ATOM   541  C CA  . LEU A 1 66  ? -10.913 7.451   1.307   1.00 10.86 ? 66  LEU A CA  1 
ATOM   542  C C   . LEU A 1 66  ? -9.484  7.089   1.701   1.00 8.42  ? 66  LEU A C   1 
ATOM   543  O O   . LEU A 1 66  ? -9.240  6.019   2.256   1.00 10.47 ? 66  LEU A O   1 
ATOM   544  C CB  . LEU A 1 66  ? -11.131 7.106   -0.173  1.00 11.63 ? 66  LEU A CB  1 
ATOM   545  C CG  . LEU A 1 66  ? -12.548 7.305   -0.720  1.00 11.34 ? 66  LEU A CG  1 
ATOM   546  C CD1 . LEU A 1 66  ? -12.612 6.952   -2.218  1.00 16.87 ? 66  LEU A CD1 1 
ATOM   547  C CD2 . LEU A 1 66  ? -13.573 6.493   0.074   1.00 15.19 ? 66  LEU A CD2 1 
ATOM   548  N N   . PHE A 1 67  ? -8.542  7.992   1.427   1.00 10.26 ? 67  PHE A N   1 
ATOM   549  C CA  . PHE A 1 67  ? -7.132  7.741   1.745   1.00 10.03 ? 67  PHE A CA  1 
ATOM   550  C C   . PHE A 1 67  ? -6.927  7.577   3.254   1.00 10.77 ? 67  PHE A C   1 
ATOM   551  O O   . PHE A 1 67  ? -6.244  6.649   3.701   1.00 12.04 ? 67  PHE A O   1 
ATOM   552  C CB  . PHE A 1 67  ? -6.290  8.901   1.192   1.00 9.49  ? 67  PHE A CB  1 
ATOM   553  C CG  . PHE A 1 67  ? -4.795  8.693   1.257   1.00 8.81  ? 67  PHE A CG  1 
ATOM   554  C CD1 . PHE A 1 67  ? -4.222  7.450   1.035   1.00 9.83  ? 67  PHE A CD1 1 
ATOM   555  C CD2 . PHE A 1 67  ? -3.961  9.787   1.485   1.00 11.72 ? 67  PHE A CD2 1 
ATOM   556  C CE1 . PHE A 1 67  ? -2.832  7.294   1.071   1.00 12.39 ? 67  PHE A CE1 1 
ATOM   557  C CE2 . PHE A 1 67  ? -2.579  9.637   1.524   1.00 12.05 ? 67  PHE A CE2 1 
ATOM   558  C CZ  . PHE A 1 67  ? -2.013  8.388   1.309   1.00 10.38 ? 67  PHE A CZ  1 
ATOM   559  N N   . ASN A 1 68  ? -7.504  8.479   4.042   1.00 11.44 ? 68  ASN A N   1 
ATOM   560  C CA  A ASN A 1 68  ? -7.440  8.348   5.497   0.70 10.39 ? 68  ASN A CA  1 
ATOM   561  C CA  B ASN A 1 68  ? -7.433  8.355   5.491   0.30 10.46 ? 68  ASN A CA  1 
ATOM   562  C C   . ASN A 1 68  ? -7.993  6.995   5.940   1.00 11.94 ? 68  ASN A C   1 
ATOM   563  O O   . ASN A 1 68  ? -7.395  6.290   6.764   1.00 12.10 ? 68  ASN A O   1 
ATOM   564  C CB  A ASN A 1 68  ? -8.213  9.478   6.182   0.70 12.27 ? 68  ASN A CB  1 
ATOM   565  C CB  B ASN A 1 68  ? -8.126  9.535   6.172   0.30 12.35 ? 68  ASN A CB  1 
ATOM   566  C CG  A ASN A 1 68  ? -7.448  10.782  6.191   0.70 12.13 ? 68  ASN A CG  1 
ATOM   567  C CG  B ASN A 1 68  ? -7.678  9.723   7.608   0.30 11.97 ? 68  ASN A CG  1 
ATOM   568  O OD1 A ASN A 1 68  ? -6.226  10.791  6.310   0.70 18.19 ? 68  ASN A OD1 1 
ATOM   569  O OD1 B ASN A 1 68  ? -7.135  8.807   8.226   0.30 20.76 ? 68  ASN A OD1 1 
ATOM   570  N ND2 A ASN A 1 68  ? -8.166  11.897  6.070   0.70 17.92 ? 68  ASN A ND2 1 
ATOM   571  N ND2 B ASN A 1 68  ? -7.906  10.914  8.148   0.30 15.65 ? 68  ASN A ND2 1 
ATOM   572  N N   . GLN A 1 69  ? -9.154  6.638   5.399   1.00 9.92  ? 69  GLN A N   1 
ATOM   573  C CA  . GLN A 1 69  ? -9.767  5.354   5.730   1.00 10.56 ? 69  GLN A CA  1 
ATOM   574  C C   . GLN A 1 69  ? -8.878  4.175   5.352   1.00 11.29 ? 69  GLN A C   1 
ATOM   575  O O   . GLN A 1 69  ? -8.772  3.201   6.104   1.00 12.55 ? 69  GLN A O   1 
ATOM   576  C CB  . GLN A 1 69  ? -11.123 5.225   5.038   1.00 10.61 ? 69  GLN A CB  1 
ATOM   577  C CG  . GLN A 1 69  ? -12.123 6.212   5.564   1.00 9.25  ? 69  GLN A CG  1 
ATOM   578  C CD  . GLN A 1 69  ? -13.470 6.129   4.875   1.00 11.46 ? 69  GLN A CD  1 
ATOM   579  O OE1 . GLN A 1 69  ? -13.627 5.452   3.841   1.00 16.87 ? 69  GLN A OE1 1 
ATOM   580  N NE2 . GLN A 1 69  ? -14.453 6.819   5.438   1.00 10.27 ? 69  GLN A NE2 1 
ATOM   581  N N   . ASP A 1 70  ? -8.250  4.258   4.182   1.00 10.20 ? 70  ASP A N   1 
ATOM   582  C CA  . ASP A 1 70  ? -7.432  3.162   3.672   1.00 11.39 ? 70  ASP A CA  1 
ATOM   583  C C   . ASP A 1 70  ? -6.129  2.997   4.452   1.00 10.26 ? 70  ASP A C   1 
ATOM   584  O O   . ASP A 1 70  ? -5.685  1.876   4.684   1.00 11.97 ? 70  ASP A O   1 
ATOM   585  C CB  . ASP A 1 70  ? -7.136  3.360   2.182   1.00 10.08 ? 70  ASP A CB  1 
ATOM   586  C CG  . ASP A 1 70  ? -8.379  3.223   1.320   1.00 14.49 ? 70  ASP A CG  1 
ATOM   587  O OD1 . ASP A 1 70  ? -9.377  2.633   1.788   1.00 14.99 ? 70  ASP A OD1 1 
ATOM   588  O OD2 . ASP A 1 70  ? -8.351  3.697   0.160   1.00 14.49 ? 70  ASP A OD2 1 
ATOM   589  N N   . VAL A 1 71  ? -5.521  4.108   4.848   1.00 9.48  ? 71  VAL A N   1 
ATOM   590  C CA  . VAL A 1 71  ? -4.310  4.030   5.676   1.00 10.71 ? 71  VAL A CA  1 
ATOM   591  C C   . VAL A 1 71  ? -4.658  3.429   7.036   1.00 12.52 ? 71  VAL A C   1 
ATOM   592  O O   . VAL A 1 71  ? -3.959  2.535   7.528   1.00 11.85 ? 71  VAL A O   1 
ATOM   593  C CB  . VAL A 1 71  ? -3.625  5.393   5.828   1.00 11.81 ? 71  VAL A CB  1 
ATOM   594  C CG1 . VAL A 1 71  ? -2.488  5.295   6.850   1.00 12.86 ? 71  VAL A CG1 1 
ATOM   595  C CG2 . VAL A 1 71  ? -3.080  5.859   4.469   1.00 11.76 ? 71  VAL A CG2 1 
ATOM   596  N N   . ASP A 1 72  ? -5.754  3.911   7.623   1.00 12.06 ? 72  ASP A N   1 
ATOM   597  C CA  . ASP A 1 72  ? -6.254  3.390   8.896   1.00 14.38 ? 72  ASP A CA  1 
ATOM   598  C C   . ASP A 1 72  ? -6.461  1.880   8.784   1.00 12.24 ? 72  ASP A C   1 
ATOM   599  O O   . ASP A 1 72  ? -5.999  1.111   9.630   1.00 14.00 ? 72  ASP A O   1 
ATOM   600  C CB  . ASP A 1 72  ? -7.563  4.115   9.260   1.00 13.29 ? 72  ASP A CB  1 
ATOM   601  C CG  . ASP A 1 72  ? -8.031  3.845   10.688  1.00 33.28 ? 72  ASP A CG  1 
ATOM   602  O OD1 . ASP A 1 72  ? -8.036  2.677   11.118  1.00 32.37 ? 72  ASP A OD1 1 
ATOM   603  O OD2 . ASP A 1 72  ? -8.422  4.812   11.375  1.00 41.00 ? 72  ASP A OD2 1 
ATOM   604  N N   . ALA A 1 73  ? -7.126  1.447   7.722   1.00 14.07 ? 73  ALA A N   1 
ATOM   605  C CA  . ALA A 1 73  ? -7.381  0.024   7.513   1.00 13.14 ? 73  ALA A CA  1 
ATOM   606  C C   . ALA A 1 73  ? -6.101  -0.795  7.359   1.00 14.13 ? 73  ALA A C   1 
ATOM   607  O O   . ALA A 1 73  ? -6.022  -1.940  7.822   1.00 16.85 ? 73  ALA A O   1 
ATOM   608  C CB  . ALA A 1 73  ? -8.299  -0.181  6.308   1.00 16.50 ? 73  ALA A CB  1 
ATOM   609  N N   . ALA A 1 74  ? -5.103  -0.228  6.693   1.00 11.86 ? 74  ALA A N   1 
ATOM   610  C CA  . ALA A 1 74  ? -3.835  -0.927  6.545   1.00 12.20 ? 74  ALA A CA  1 
ATOM   611  C C   . ALA A 1 74  ? -3.177  -1.136  7.906   1.00 14.01 ? 74  ALA A C   1 
ATOM   612  O O   . ALA A 1 74  ? -2.681  -2.227  8.198   1.00 14.43 ? 74  ALA A O   1 
ATOM   613  C CB  . ALA A 1 74  ? -2.906  -0.162  5.603   1.00 13.33 ? 74  ALA A CB  1 
ATOM   614  N N   . VAL A 1 75  ? -3.175  -0.095  8.735   1.00 11.88 ? 75  VAL A N   1 
ATOM   615  C CA  . VAL A 1 75  ? -2.565  -0.199  10.061  1.00 11.47 ? 75  VAL A CA  1 
ATOM   616  C C   . VAL A 1 75  ? -3.326  -1.208  10.916  1.00 15.57 ? 75  VAL A C   1 
ATOM   617  O O   . VAL A 1 75  ? -2.728  -2.048  11.591  1.00 15.04 ? 75  VAL A O   1 
ATOM   618  C CB  . VAL A 1 75  ? -2.556  1.163   10.776  1.00 12.48 ? 75  VAL A CB  1 
ATOM   619  C CG1 . VAL A 1 75  ? -2.072  1.003   12.224  1.00 17.70 ? 75  VAL A CG1 1 
ATOM   620  C CG2 . VAL A 1 75  ? -1.680  2.147   10.010  1.00 14.01 ? 75  VAL A CG2 1 
ATOM   621  N N   . ARG A 1 76  ? -4.653  -1.125  10.891  1.00 15.99 ? 76  ARG A N   1 
ATOM   622  C CA  . ARG A 1 76  ? -5.465  -2.050  11.674  1.00 20.50 ? 76  ARG A CA  1 
ATOM   623  C C   . ARG A 1 76  ? -5.245  -3.481  11.229  1.00 20.70 ? 76  ARG A C   1 
ATOM   624  O O   . ARG A 1 76  ? -5.218  -4.408  12.052  1.00 20.64 ? 76  ARG A O   1 
ATOM   625  C CB  . ARG A 1 76  ? -6.944  -1.695  11.565  1.00 21.73 ? 76  ARG A CB  1 
ATOM   626  C CG  . ARG A 1 76  ? -7.295  -0.424  12.284  1.00 27.54 ? 76  ARG A CG  1 
ATOM   627  C CD  . ARG A 1 76  ? -8.788  -0.349  12.526  0.70 35.46 ? 76  ARG A CD  1 
ATOM   628  N NE  . ARG A 1 76  ? -9.144  0.848   13.276  0.70 30.83 ? 76  ARG A NE  1 
ATOM   629  C CZ  . ARG A 1 76  ? -9.219  0.907   14.601  0.70 35.71 ? 76  ARG A CZ  1 
ATOM   630  N NH1 . ARG A 1 76  ? -8.958  -0.165  15.338  0.70 39.44 ? 76  ARG A NH1 1 
ATOM   631  N NH2 . ARG A 1 76  ? -9.555  2.043   15.189  0.70 22.55 ? 76  ARG A NH2 1 
ATOM   632  N N   . GLY A 1 77  ? -5.084  -3.659  9.925   1.00 14.49 ? 77  GLY A N   1 
ATOM   633  C CA  . GLY A 1 77  ? -4.829  -4.968  9.354   1.00 20.64 ? 77  GLY A CA  1 
ATOM   634  C C   . GLY A 1 77  ? -3.556  -5.557  9.924   1.00 22.28 ? 77  GLY A C   1 
ATOM   635  O O   . GLY A 1 77  ? -3.500  -6.735  10.274  1.00 20.08 ? 77  GLY A O   1 
ATOM   636  N N   . ILE A 1 78  ? -2.528  -4.727  10.029  1.00 12.11 ? 78  ILE A N   1 
ATOM   637  C CA  . ILE A 1 78  ? -1.265  -5.172  10.597  1.00 13.49 ? 78  ILE A CA  1 
ATOM   638  C C   . ILE A 1 78  ? -1.432  -5.543  12.066  1.00 13.21 ? 78  ILE A C   1 
ATOM   639  O O   . ILE A 1 78  ? -0.946  -6.589  12.503  1.00 15.41 ? 78  ILE A O   1 
ATOM   640  C CB  . ILE A 1 78  ? -0.167  -4.098  10.429  1.00 13.74 ? 78  ILE A CB  1 
ATOM   641  C CG1 . ILE A 1 78  ? 0.249   -4.017  8.960   1.00 12.11 ? 78  ILE A CG1 1 
ATOM   642  C CG2 . ILE A 1 78  ? 1.052   -4.419  11.290  1.00 14.26 ? 78  ILE A CG2 1 
ATOM   643  C CD1 . ILE A 1 78  ? 1.076   -2.788  8.632   1.00 16.07 ? 78  ILE A CD1 1 
ATOM   644  N N   . LEU A 1 79  ? -2.121  -4.696  12.820  1.00 13.10 ? 79  LEU A N   1 
ATOM   645  C CA  . LEU A 1 79  ? -2.235  -4.928  14.261  1.00 14.69 ? 79  LEU A CA  1 
ATOM   646  C C   . LEU A 1 79  ? -3.065  -6.168  14.587  1.00 21.99 ? 79  LEU A C   1 
ATOM   647  O O   . LEU A 1 79  ? -2.876  -6.782  15.641  1.00 21.80 ? 79  LEU A O   1 
ATOM   648  C CB  . LEU A 1 79  ? -2.807  -3.700  14.966  1.00 15.74 ? 79  LEU A CB  1 
ATOM   649  C CG  . LEU A 1 79  ? -1.990  -2.411  14.834  1.00 18.70 ? 79  LEU A CG  1 
ATOM   650  C CD1 . LEU A 1 79  ? -2.660  -1.276  15.599  1.00 29.10 ? 79  LEU A CD1 1 
ATOM   651  C CD2 . LEU A 1 79  ? -0.554  -2.606  15.313  1.00 26.61 ? 79  LEU A CD2 1 
ATOM   652  N N   . ARG A 1 80  ? -3.966  -6.545  13.683  1.00 15.89 ? 80  ARG A N   1 
ATOM   653  C CA  . ARG A 1 80  ? -4.830  -7.712  13.907  1.00 17.25 ? 80  ARG A CA  1 
ATOM   654  C C   . ARG A 1 80  ? -4.199  -9.027  13.450  1.00 23.34 ? 80  ARG A C   1 
ATOM   655  O O   . ARG A 1 80  ? -4.702  -10.109 13.761  1.00 21.76 ? 80  ARG A O   1 
ATOM   656  C CB  . ARG A 1 80  ? -6.188  -7.523  13.211  1.00 19.67 ? 80  ARG A CB  1 
ATOM   657  N N   . ASN A 1 81  ? -3.100  -8.934  12.711  1.00 18.24 ? 81  ASN A N   1 
ATOM   658  C CA  . ASN A 1 81  ? -2.471  -10.101 12.125  1.00 18.51 ? 81  ASN A CA  1 
ATOM   659  C C   . ASN A 1 81  ? -1.349  -10.616 13.018  1.00 19.07 ? 81  ASN A C   1 
ATOM   660  O O   . ASN A 1 81  ? -0.381  -9.906  13.280  1.00 17.86 ? 81  ASN A O   1 
ATOM   661  C CB  . ASN A 1 81  ? -1.923  -9.748  10.741  1.00 17.82 ? 81  ASN A CB  1 
ATOM   662  C CG  . ASN A 1 81  ? -1.467  -10.957 9.970   1.00 20.71 ? 81  ASN A CG  1 
ATOM   663  O OD1 . ASN A 1 81  ? -0.516  -11.632 10.361  1.00 23.86 ? 81  ASN A OD1 1 
ATOM   664  N ND2 . ASN A 1 81  ? -2.131  -11.231 8.854   1.00 25.13 ? 81  ASN A ND2 1 
ATOM   665  N N   . ALA A 1 82  ? -1.472  -11.853 13.485  1.00 18.27 ? 82  ALA A N   1 
ATOM   666  C CA  . ALA A 1 82  ? -0.501  -12.384 14.439  1.00 19.20 ? 82  ALA A CA  1 
ATOM   667  C C   . ALA A 1 82  ? 0.903   -12.561 13.864  1.00 18.38 ? 82  ALA A C   1 
ATOM   668  O O   . ALA A 1 82  ? 1.875   -12.627 14.617  1.00 22.21 ? 82  ALA A O   1 
ATOM   669  C CB  . ALA A 1 82  ? -1.005  -13.697 15.037  1.00 25.30 ? 82  ALA A CB  1 
ATOM   670  N N   . LYS A 1 83  ? 1.015   -12.650 12.541  1.00 18.39 ? 83  LYS A N   1 
ATOM   671  C CA  . LYS A 1 83  ? 2.330   -12.744 11.906  1.00 19.08 ? 83  LYS A CA  1 
ATOM   672  C C   . LYS A 1 83  ? 2.962   -11.368 11.718  1.00 18.18 ? 83  LYS A C   1 
ATOM   673  O O   . LYS A 1 83  ? 4.175   -11.202 11.864  1.00 22.38 ? 83  LYS A O   1 
ATOM   674  C CB  . LYS A 1 83  ? 2.244   -13.468 10.559  1.00 25.89 ? 83  LYS A CB  1 
ATOM   675  C CG  . LYS A 1 83  ? 1.942   -14.960 10.669  1.00 28.19 ? 83  LYS A CG  1 
ATOM   676  N N   . LEU A 1 84  ? 2.139   -10.372 11.406  1.00 14.08 ? 84  LEU A N   1 
ATOM   677  C CA  . LEU A 1 84  ? 2.661   -9.042  11.120  1.00 11.53 ? 84  LEU A CA  1 
ATOM   678  C C   . LEU A 1 84  ? 2.892   -8.179  12.348  1.00 13.51 ? 84  LEU A C   1 
ATOM   679  O O   . LEU A 1 84  ? 3.878   -7.445  12.409  1.00 14.16 ? 84  LEU A O   1 
ATOM   680  C CB  . LEU A 1 84  ? 1.731   -8.296  10.165  1.00 10.93 ? 84  LEU A CB  1 
ATOM   681  C CG  . LEU A 1 84  ? 1.457   -8.985  8.830   1.00 12.26 ? 84  LEU A CG  1 
ATOM   682  C CD1 . LEU A 1 84  ? 0.537   -8.099  8.008   1.00 13.73 ? 84  LEU A CD1 1 
ATOM   683  C CD2 . LEU A 1 84  ? 2.742   -9.265  8.073   1.00 21.32 ? 84  LEU A CD2 1 
ATOM   684  N N   . LYS A 1 85  ? 1.988   -8.245  13.319  1.00 13.25 ? 85  LYS A N   1 
ATOM   685  C CA  . LYS A 1 85  ? 2.084   -7.346  14.464  1.00 12.70 ? 85  LYS A CA  1 
ATOM   686  C C   . LYS A 1 85  ? 3.438   -7.379  15.180  1.00 13.43 ? 85  LYS A C   1 
ATOM   687  O O   . LYS A 1 85  ? 4.019   -6.324  15.439  1.00 13.78 ? 85  LYS A O   1 
ATOM   688  C CB  . LYS A 1 85  ? 0.943   -7.563  15.457  1.00 15.05 ? 85  LYS A CB  1 
ATOM   689  C CG  . LYS A 1 85  ? 0.953   -6.542  16.580  1.00 15.60 ? 85  LYS A CG  1 
ATOM   690  C CD  . LYS A 1 85  ? -0.241  -6.721  17.502  1.00 23.95 ? 85  LYS A CD  1 
ATOM   691  C CE  . LYS A 1 85  ? -0.366  -5.552  18.473  1.00 32.27 ? 85  LYS A CE  1 
ATOM   692  N NZ  . LYS A 1 85  ? 0.827   -5.404  19.347  1.00 33.75 ? 85  LYS A NZ  1 
ATOM   693  N N   . PRO A 1 86  ? 3.951   -8.577  15.506  1.00 13.98 ? 86  PRO A N   1 
ATOM   694  C CA  . PRO A 1 86  ? 5.228   -8.560  16.233  1.00 17.38 ? 86  PRO A CA  1 
ATOM   695  C C   . PRO A 1 86  ? 6.371   -7.932  15.447  1.00 15.81 ? 86  PRO A C   1 
ATOM   696  O O   . PRO A 1 86  ? 7.213   -7.262  16.047  1.00 15.60 ? 86  PRO A O   1 
ATOM   697  C CB  . PRO A 1 86  ? 5.514   -10.046 16.510  1.00 16.51 ? 86  PRO A CB  1 
ATOM   698  C CG  . PRO A 1 86  ? 4.571   -10.810 15.643  1.00 20.45 ? 86  PRO A CG  1 
ATOM   699  C CD  . PRO A 1 86  ? 3.377   -9.929  15.429  1.00 16.94 ? 86  PRO A CD  1 
ATOM   700  N N   . VAL A 1 87  ? 6.410   -8.136  14.135  1.00 12.55 ? 87  VAL A N   1 
ATOM   701  C CA  . VAL A 1 87  ? 7.457   -7.527  13.325  1.00 13.11 ? 87  VAL A CA  1 
ATOM   702  C C   . VAL A 1 87  ? 7.261   -6.007  13.296  1.00 11.88 ? 87  VAL A C   1 
ATOM   703  O O   . VAL A 1 87  ? 8.196   -5.229  13.511  1.00 12.66 ? 87  VAL A O   1 
ATOM   704  C CB  . VAL A 1 87  ? 7.485   -8.115  11.909  1.00 18.09 ? 87  VAL A CB  1 
ATOM   705  C CG1 . VAL A 1 87  ? 8.710   -7.621  11.168  1.00 15.81 ? 87  VAL A CG1 1 
ATOM   706  C CG2 . VAL A 1 87  ? 7.505   -9.643  11.979  1.00 19.24 ? 87  VAL A CG2 1 
ATOM   707  N N   . TYR A 1 88  ? 6.027   -5.584  13.056  1.00 10.56 ? 88  TYR A N   1 
ATOM   708  C CA  . TYR A 1 88  ? 5.712   -4.164  13.046  1.00 11.61 ? 88  TYR A CA  1 
ATOM   709  C C   . TYR A 1 88  ? 6.103   -3.509  14.367  1.00 12.94 ? 88  TYR A C   1 
ATOM   710  O O   . TYR A 1 88  ? 6.752   -2.471  14.380  1.00 12.82 ? 88  TYR A O   1 
ATOM   711  C CB  . TYR A 1 88  ? 4.222   -3.984  12.756  1.00 10.49 ? 88  TYR A CB  1 
ATOM   712  C CG  . TYR A 1 88  ? 3.758   -2.548  12.684  1.00 13.08 ? 88  TYR A CG  1 
ATOM   713  C CD1 . TYR A 1 88  ? 3.870   -1.816  11.502  1.00 11.07 ? 88  TYR A CD1 1 
ATOM   714  C CD2 . TYR A 1 88  ? 3.187   -1.935  13.783  1.00 15.63 ? 88  TYR A CD2 1 
ATOM   715  C CE1 . TYR A 1 88  ? 3.435   -0.511  11.431  1.00 14.81 ? 88  TYR A CE1 1 
ATOM   716  C CE2 . TYR A 1 88  ? 2.747   -0.628  13.721  1.00 17.98 ? 88  TYR A CE2 1 
ATOM   717  C CZ  . TYR A 1 88  ? 2.875   0.077   12.539  1.00 21.76 ? 88  TYR A CZ  1 
ATOM   718  O OH  . TYR A 1 88  ? 2.438   1.379   12.465  1.00 20.31 ? 88  TYR A OH  1 
ATOM   719  N N   . ASP A 1 89  ? 5.733   -4.126  15.482  1.00 12.82 ? 89  ASP A N   1 
ATOM   720  C CA  . ASP A 1 89  ? 6.082   -3.557  16.789  1.00 13.85 ? 89  ASP A CA  1 
ATOM   721  C C   . ASP A 1 89  ? 7.584   -3.448  17.013  1.00 14.45 ? 89  ASP A C   1 
ATOM   722  O O   . ASP A 1 89  ? 8.042   -2.585  17.759  1.00 15.45 ? 89  ASP A O   1 
ATOM   723  C CB  . ASP A 1 89  ? 5.454   -4.365  17.920  1.00 15.92 ? 89  ASP A CB  1 
ATOM   724  C CG  . ASP A 1 89  ? 3.971   -4.093  18.065  1.00 23.67 ? 89  ASP A CG  1 
ATOM   725  O OD1 . ASP A 1 89  ? 3.486   -3.113  17.455  1.00 22.15 ? 89  ASP A OD1 1 
ATOM   726  O OD2 . ASP A 1 89  ? 3.299   -4.860  18.783  1.00 25.80 ? 89  ASP A OD2 1 
ATOM   727  N N   . SER A 1 90  ? 8.349   -4.329  16.374  1.00 10.43 ? 90  SER A N   1 
ATOM   728  C CA  . SER A 1 90  ? 9.800   -4.328  16.527  1.00 11.68 ? 90  SER A CA  1 
ATOM   729  C C   . SER A 1 90  ? 10.482  -3.204  15.745  1.00 12.45 ? 90  SER A C   1 
ATOM   730  O O   . SER A 1 90  ? 11.646  -2.889  15.992  1.00 13.23 ? 90  SER A O   1 
ATOM   731  C CB  . SER A 1 90  ? 10.374  -5.687  16.105  1.00 15.19 ? 90  SER A CB  1 
ATOM   732  O OG  . SER A 1 90  ? 10.480  -5.792  14.695  1.00 13.07 ? 90  SER A OG  1 
ATOM   733  N N   . LEU A 1 91  ? 9.761   -2.612  14.794  1.00 12.44 ? 91  LEU A N   1 
ATOM   734  C CA  . LEU A 1 91  ? 10.351  -1.629  13.884  1.00 11.38 ? 91  LEU A CA  1 
ATOM   735  C C   . LEU A 1 91  ? 10.320  -0.217  14.445  1.00 11.98 ? 91  LEU A C   1 
ATOM   736  O O   . LEU A 1 91  ? 9.456   0.125   15.254  1.00 12.75 ? 91  LEU A O   1 
ATOM   737  C CB  . LEU A 1 91  ? 9.608   -1.622  12.546  1.00 12.06 ? 91  LEU A CB  1 
ATOM   738  C CG  . LEU A 1 91  ? 9.655   -2.908  11.717  1.00 10.94 ? 91  LEU A CG  1 
ATOM   739  C CD1 . LEU A 1 91  ? 8.706   -2.758  10.530  1.00 14.07 ? 91  LEU A CD1 1 
ATOM   740  C CD2 . LEU A 1 91  ? 11.067  -3.192  11.252  1.00 13.84 ? 91  LEU A CD2 1 
ATOM   741  N N   . ASP A 1 92  ? 11.274  0.590   13.995  1.00 11.76 ? 92  ASP A N   1 
ATOM   742  C CA  . ASP A 1 92  ? 11.261  2.030   14.214  1.00 12.57 ? 92  ASP A CA  1 
ATOM   743  C C   . ASP A 1 92  ? 10.198  2.706   13.338  1.00 15.99 ? 92  ASP A C   1 
ATOM   744  O O   . ASP A 1 92  ? 9.637   2.087   12.429  1.00 13.04 ? 92  ASP A O   1 
ATOM   745  C CB  . ASP A 1 92  ? 12.626  2.583   13.843  1.00 13.24 ? 92  ASP A CB  1 
ATOM   746  C CG  . ASP A 1 92  ? 12.979  2.274   12.412  1.00 16.19 ? 92  ASP A CG  1 
ATOM   747  O OD1 . ASP A 1 92  ? 13.560  1.188   12.167  1.00 14.96 ? 92  ASP A OD1 1 
ATOM   748  O OD2 . ASP A 1 92  ? 12.645  3.105   11.531  1.00 16.99 ? 92  ASP A OD2 1 
ATOM   749  N N   . ALA A 1 93  ? 9.934   3.982   13.605  1.00 14.42 ? 93  ALA A N   1 
ATOM   750  C CA  . ALA A 1 93  ? 8.835   4.694   12.959  1.00 16.37 ? 93  ALA A CA  1 
ATOM   751  C C   . ALA A 1 93  ? 8.951   4.766   11.439  1.00 12.99 ? 93  ALA A C   1 
ATOM   752  O O   . ALA A 1 93  ? 7.946   4.673   10.734  1.00 15.42 ? 93  ALA A O   1 
ATOM   753  C CB  . ALA A 1 93  ? 8.697   6.106   13.542  1.00 17.58 ? 93  ALA A CB  1 
ATOM   754  N N   . VAL A 1 94  ? 10.159  4.954   10.929  1.00 12.62 ? 94  VAL A N   1 
ATOM   755  C CA  . VAL A 1 94  ? 10.321  5.065   9.480   1.00 9.47  ? 94  VAL A CA  1 
ATOM   756  C C   . VAL A 1 94  ? 10.057  3.723   8.817   1.00 11.79 ? 94  VAL A C   1 
ATOM   757  O O   . VAL A 1 94  ? 9.330   3.627   7.827   1.00 10.50 ? 94  VAL A O   1 
ATOM   758  C CB  . VAL A 1 94  ? 11.721  5.594   9.108   1.00 15.04 ? 94  VAL A CB  1 
ATOM   759  C CG1 . VAL A 1 94  ? 11.908  5.594   7.597   1.00 14.63 ? 94  VAL A CG1 1 
ATOM   760  C CG2 . VAL A 1 94  ? 11.905  7.001   9.665   1.00 16.76 ? 94  VAL A CG2 1 
ATOM   761  N N   . ARG A 1 95  ? 10.624  2.662   9.375   1.00 10.60 ? 95  ARG A N   1 
ATOM   762  C CA  . ARG A 1 95  ? 10.410  1.344   8.793   1.00 8.92  ? 95  ARG A CA  1 
ATOM   763  C C   . ARG A 1 95  ? 8.955   0.878   8.940   1.00 10.15 ? 95  ARG A C   1 
ATOM   764  O O   . ARG A 1 95  ? 8.460   0.137   8.098   1.00 10.21 ? 95  ARG A O   1 
ATOM   765  C CB  . ARG A 1 95  ? 11.385  0.338   9.393   1.00 9.05  ? 95  ARG A CB  1 
ATOM   766  C CG  . ARG A 1 95  ? 12.815  0.620   8.995   1.00 8.89  ? 95  ARG A CG  1 
ATOM   767  C CD  . ARG A 1 95  ? 13.745  -0.462  9.537   1.00 12.78 ? 95  ARG A CD  1 
ATOM   768  N NE  . ARG A 1 95  ? 15.093  -0.371  8.982   1.00 10.53 ? 95  ARG A NE  1 
ATOM   769  C CZ  . ARG A 1 95  ? 16.116  0.237   9.577   1.00 13.48 ? 95  ARG A CZ  1 
ATOM   770  N NH1 . ARG A 1 95  ? 15.953  0.831   10.751  1.00 14.96 ? 95  ARG A NH1 1 
ATOM   771  N NH2 . ARG A 1 95  ? 17.313  0.250   8.987   1.00 14.29 ? 95  ARG A NH2 1 
ATOM   772  N N   . ARG A 1 96  ? 8.259   1.335   9.981   1.00 10.08 ? 96  ARG A N   1 
ATOM   773  C CA  . ARG A 1 96  ? 6.830   1.037   10.090  1.00 10.70 ? 96  ARG A CA  1 
ATOM   774  C C   . ARG A 1 96  ? 6.067   1.594   8.885   1.00 11.43 ? 96  ARG A C   1 
ATOM   775  O O   . ARG A 1 96  ? 5.109   0.979   8.411   1.00 10.61 ? 96  ARG A O   1 
ATOM   776  C CB  . ARG A 1 96  ? 6.243   1.587   11.388  1.00 10.85 ? 96  ARG A CB  1 
ATOM   777  C CG  . ARG A 1 96  ? 6.627   0.765   12.598  1.00 11.14 ? 96  ARG A CG  1 
ATOM   778  C CD  . ARG A 1 96  ? 5.996   1.300   13.878  1.00 12.93 ? 96  ARG A CD  1 
ATOM   779  N NE  . ARG A 1 96  ? 6.466   0.513   15.014  1.00 14.61 ? 96  ARG A NE  1 
ATOM   780  C CZ  . ARG A 1 96  ? 6.321   0.876   16.284  1.00 20.05 ? 96  ARG A CZ  1 
ATOM   781  N NH1 . ARG A 1 96  ? 5.700   2.010   16.576  1.00 20.88 ? 96  ARG A NH1 1 
ATOM   782  N NH2 . ARG A 1 96  ? 6.784   0.096   17.257  1.00 17.29 ? 96  ARG A NH2 1 
ATOM   783  N N   . CYS A 1 97  ? 6.502   2.749   8.384   1.00 9.91  ? 97  CYS A N   1 
ATOM   784  C CA  . CYS A 1 97  ? 5.856   3.325   7.203   1.00 10.05 ? 97  CYS A CA  1 
ATOM   785  C C   . CYS A 1 97  ? 6.047   2.436   5.994   1.00 11.78 ? 97  CYS A C   1 
ATOM   786  O O   . CYS A 1 97  ? 5.125   2.260   5.210   1.00 10.31 ? 97  CYS A O   1 
ATOM   787  C CB  . CYS A 1 97  ? 6.397   4.714   6.889   1.00 9.93  ? 97  CYS A CB  1 
ATOM   788  S SG  . CYS A 1 97  ? 5.892   5.932   8.109   1.00 14.21 ? 97  CYS A SG  1 
ATOM   789  N N   . ALA A 1 98  ? 7.243   1.879   5.840   1.00 9.28  ? 98  ALA A N   1 
ATOM   790  C CA  . ALA A 1 98  ? 7.489   0.945   4.744   1.00 9.26  ? 98  ALA A CA  1 
ATOM   791  C C   . ALA A 1 98  ? 6.574   -0.282  4.833   1.00 9.62  ? 98  ALA A C   1 
ATOM   792  O O   . ALA A 1 98  ? 6.075   -0.780  3.822   1.00 10.58 ? 98  ALA A O   1 
ATOM   793  C CB  . ALA A 1 98  ? 8.953   0.530   4.729   1.00 9.37  ? 98  ALA A CB  1 
ATOM   794  N N   . ALA A 1 99  ? 6.336   -0.760  6.051   1.00 9.17  ? 99  ALA A N   1 
ATOM   795  C CA  . ALA A 1 99  ? 5.436   -1.894  6.241   1.00 8.80  ? 99  ALA A CA  1 
ATOM   796  C C   . ALA A 1 99  ? 3.991   -1.549  5.880   1.00 9.75  ? 99  ALA A C   1 
ATOM   797  O O   . ALA A 1 99  ? 3.303   -2.319  5.206   1.00 10.99 ? 99  ALA A O   1 
ATOM   798  C CB  . ALA A 1 99  ? 5.525   -2.403  7.679   1.00 10.98 ? 99  ALA A CB  1 
ATOM   799  N N   . ILE A 1 100 ? 3.535   -0.390  6.332   1.00 10.10 ? 100 ILE A N   1 
ATOM   800  C CA  . ILE A 1 100 ? 2.187   0.064   5.995   1.00 9.73  ? 100 ILE A CA  1 
ATOM   801  C C   . ILE A 1 100 ? 2.045   0.216   4.480   1.00 9.58  ? 100 ILE A C   1 
ATOM   802  O O   . ILE A 1 100 ? 1.031   -0.179  3.901   1.00 10.58 ? 100 ILE A O   1 
ATOM   803  C CB  . ILE A 1 100 ? 1.847   1.379   6.721   1.00 8.84  ? 100 ILE A CB  1 
ATOM   804  C CG1 . ILE A 1 100 ? 1.830   1.140   8.229   1.00 9.60  ? 100 ILE A CG1 1 
ATOM   805  C CG2 . ILE A 1 100 ? 0.490   1.913   6.236   1.00 10.08 ? 100 ILE A CG2 1 
ATOM   806  C CD1 . ILE A 1 100 ? 1.947   2.413   9.048   1.00 11.03 ? 100 ILE A CD1 1 
ATOM   807  N N   . ASN A 1 101 ? 3.076   0.761   3.838   1.00 9.30  ? 101 ASN A N   1 
ATOM   808  C CA  . ASN A 1 101 ? 3.063   0.941   2.389   1.00 8.29  ? 101 ASN A CA  1 
ATOM   809  C C   . ASN A 1 101 ? 2.814   -0.395  1.678   1.00 10.71 ? 101 ASN A C   1 
ATOM   810  O O   . ASN A 1 101 ? 1.964   -0.495  0.795   1.00 10.23 ? 101 ASN A O   1 
ATOM   811  C CB  . ASN A 1 101 ? 4.405   1.562   1.951   1.00 7.96  ? 101 ASN A CB  1 
ATOM   812  C CG  . ASN A 1 101 ? 4.382   2.083   0.528   1.00 10.15 ? 101 ASN A CG  1 
ATOM   813  O OD1 . ASN A 1 101 ? 4.072   1.356   -0.409  1.00 11.07 ? 101 ASN A OD1 1 
ATOM   814  N ND2 . ASN A 1 101 ? 4.702   3.359   0.370   1.00 10.62 ? 101 ASN A ND2 1 
ATOM   815  N N   . MET A 1 102 ? 3.553   -1.429  2.066   1.00 10.09 ? 102 MET A N   1 
ATOM   816  C CA  . MET A 1 102 ? 3.372   -2.728  1.439   1.00 9.23  ? 102 MET A CA  1 
ATOM   817  C C   . MET A 1 102 ? 1.968   -3.270  1.647   1.00 10.15 ? 102 MET A C   1 
ATOM   818  O O   . MET A 1 102 ? 1.368   -3.812  0.728   1.00 10.40 ? 102 MET A O   1 
ATOM   819  C CB  . MET A 1 102 ? 4.399   -3.743  1.961   1.00 11.74 ? 102 MET A CB  1 
ATOM   820  C CG  . MET A 1 102 ? 5.799   -3.432  1.498   1.00 11.47 ? 102 MET A CG  1 
ATOM   821  S SD  . MET A 1 102 ? 6.959   -4.719  1.961   1.00 13.86 ? 102 MET A SD  1 
ATOM   822  C CE  . MET A 1 102 ? 6.473   -6.042  0.854   1.00 15.53 ? 102 MET A CE  1 
ATOM   823  N N   . VAL A 1 103 ? 1.454   -3.158  2.868   1.00 9.63  ? 103 VAL A N   1 
ATOM   824  C CA  . VAL A 1 103 ? 0.110   -3.671  3.150   1.00 10.11 ? 103 VAL A CA  1 
ATOM   825  C C   . VAL A 1 103 ? -0.955  -2.874  2.399   1.00 10.72 ? 103 VAL A C   1 
ATOM   826  O O   . VAL A 1 103 ? -1.957  -3.433  1.935   1.00 13.78 ? 103 VAL A O   1 
ATOM   827  C CB  . VAL A 1 103 ? -0.175  -3.683  4.660   1.00 13.16 ? 103 VAL A CB  1 
ATOM   828  C CG1 . VAL A 1 103 ? -1.644  -3.983  4.917   1.00 17.95 ? 103 VAL A CG1 1 
ATOM   829  C CG2 . VAL A 1 103 ? 0.697   -4.733  5.336   1.00 14.43 ? 103 VAL A CG2 1 
ATOM   830  N N   . PHE A 1 104 ? -0.731  -1.572  2.256   1.00 10.87 ? 104 PHE A N   1 
ATOM   831  C CA  . PHE A 1 104 ? -1.636  -0.730  1.467   1.00 10.56 ? 104 PHE A CA  1 
ATOM   832  C C   . PHE A 1 104 ? -1.672  -1.220  0.017   1.00 10.62 ? 104 PHE A C   1 
ATOM   833  O O   . PHE A 1 104 ? -2.749  -1.343  -0.587  1.00 13.00 ? 104 PHE A O   1 
ATOM   834  C CB  . PHE A 1 104 ? -1.183  0.731   1.554   1.00 9.04  ? 104 PHE A CB  1 
ATOM   835  C CG  . PHE A 1 104 ? -2.126  1.723   0.915   1.00 9.28  ? 104 PHE A CG  1 
ATOM   836  C CD1 . PHE A 1 104 ? -2.103  1.943   -0.446  1.00 10.11 ? 104 PHE A CD1 1 
ATOM   837  C CD2 . PHE A 1 104 ? -2.981  2.487   1.702   1.00 15.26 ? 104 PHE A CD2 1 
ATOM   838  C CE1 . PHE A 1 104 ? -2.954  2.882   -1.030  1.00 14.38 ? 104 PHE A CE1 1 
ATOM   839  C CE2 . PHE A 1 104 ? -3.831  3.430   1.128   1.00 15.15 ? 104 PHE A CE2 1 
ATOM   840  C CZ  . PHE A 1 104 ? -3.814  3.623   -0.240  1.00 14.08 ? 104 PHE A CZ  1 
ATOM   841  N N   . GLN A 1 105 ? -0.507  -1.542  -0.534  1.00 9.91  ? 105 GLN A N   1 
ATOM   842  C CA  . GLN A 1 105 ? -0.450  -1.944  -1.935  1.00 10.20 ? 105 GLN A CA  1 
ATOM   843  C C   . GLN A 1 105 ? -0.988  -3.358  -2.176  1.00 15.04 ? 105 GLN A C   1 
ATOM   844  O O   . GLN A 1 105 ? -1.715  -3.586  -3.140  1.00 14.28 ? 105 GLN A O   1 
ATOM   845  C CB  . GLN A 1 105 ? 0.996   -1.855  -2.467  1.00 11.72 ? 105 GLN A CB  1 
ATOM   846  C CG  . GLN A 1 105 ? 1.101   -2.211  -3.955  1.00 13.35 ? 105 GLN A CG  1 
ATOM   847  C CD  . GLN A 1 105 ? 2.516   -2.124  -4.490  1.00 13.75 ? 105 GLN A CD  1 
ATOM   848  O OE1 . GLN A 1 105 ? 3.461   -1.818  -3.762  1.00 12.59 ? 105 GLN A OE1 1 
ATOM   849  N NE2 . GLN A 1 105 ? 2.669   -2.406  -5.776  1.00 16.05 ? 105 GLN A NE2 1 
ATOM   850  N N   . MET A 1 106 ? -0.645  -4.304  -1.307  1.00 11.36 ? 106 MET A N   1 
ATOM   851  C CA  A MET A 1 106 ? -0.921  -5.703  -1.629  0.30 13.45 ? 106 MET A CA  1 
ATOM   852  C CA  B MET A 1 106 ? -0.857  -5.726  -1.575  0.70 13.32 ? 106 MET A CA  1 
ATOM   853  C C   . MET A 1 106 ? -1.857  -6.408  -0.654  1.00 18.15 ? 106 MET A C   1 
ATOM   854  O O   . MET A 1 106 ? -2.251  -7.552  -0.891  1.00 17.96 ? 106 MET A O   1 
ATOM   855  C CB  A MET A 1 106 ? 0.382   -6.493  -1.827  0.30 16.76 ? 106 MET A CB  1 
ATOM   856  C CB  B MET A 1 106 ? 0.486   -6.461  -1.514  0.70 14.81 ? 106 MET A CB  1 
ATOM   857  C CG  A MET A 1 106 ? 1.283   -6.557  -0.613  0.30 11.65 ? 106 MET A CG  1 
ATOM   858  C CG  B MET A 1 106 ? 1.425   -6.068  -2.639  0.70 16.62 ? 106 MET A CG  1 
ATOM   859  S SD  A MET A 1 106 ? 2.937   -7.189  -0.976  0.30 20.90 ? 106 MET A SD  1 
ATOM   860  S SD  B MET A 1 106 ? 2.928   -7.040  -2.647  0.70 20.23 ? 106 MET A SD  1 
ATOM   861  C CE  A MET A 1 106 ? 3.689   -5.734  -1.701  0.30 15.19 ? 106 MET A CE  1 
ATOM   862  C CE  B MET A 1 106 ? 3.921   -6.165  -1.443  0.70 16.10 ? 106 MET A CE  1 
ATOM   863  N N   . GLY A 1 107 ? -2.244  -5.719  0.412   1.00 13.78 ? 107 GLY A N   1 
ATOM   864  C CA  . GLY A 1 107 ? -3.147  -6.301  1.386   1.00 16.37 ? 107 GLY A CA  1 
ATOM   865  C C   . GLY A 1 107 ? -2.410  -7.214  2.346   1.00 21.57 ? 107 GLY A C   1 
ATOM   866  O O   . GLY A 1 107 ? -1.250  -7.561  2.131   1.00 21.47 ? 107 GLY A O   1 
ATOM   867  N N   A GLU A 1 108 ? -3.105  -7.739  3.343   0.60 28.08 ? 108 GLU A N   1 
ATOM   868  N N   B GLU A 1 108 ? -3.093  -7.482  3.457   0.40 26.80 ? 108 GLU A N   1 
ATOM   869  C CA  A GLU A 1 108 ? -2.519  -8.842  4.107   0.60 29.86 ? 108 GLU A CA  1 
ATOM   870  C CA  B GLU A 1 108 ? -2.504  -7.999  4.688   0.40 28.06 ? 108 GLU A CA  1 
ATOM   871  C C   A GLU A 1 108 ? -2.299  -10.083 3.229   0.60 29.51 ? 108 GLU A C   1 
ATOM   872  C C   B GLU A 1 108 ? -2.099  -9.461  4.579   0.40 26.90 ? 108 GLU A C   1 
ATOM   873  O O   A GLU A 1 108 ? -1.332  -10.823 3.413   0.60 30.06 ? 108 GLU A O   1 
ATOM   874  O O   B GLU A 1 108 ? -0.975  -9.829  4.921   0.40 23.15 ? 108 GLU A O   1 
ATOM   875  C CB  A GLU A 1 108 ? -3.381  -9.186  5.319   0.60 32.91 ? 108 GLU A CB  1 
ATOM   876  C CB  B GLU A 1 108 ? -3.495  -7.793  5.841   0.40 29.87 ? 108 GLU A CB  1 
ATOM   877  C CG  A GLU A 1 108 ? -3.444  -8.080  6.355   0.60 31.69 ? 108 GLU A CG  1 
ATOM   878  C CG  B GLU A 1 108 ? -3.408  -8.798  6.978   0.40 30.74 ? 108 GLU A CG  1 
ATOM   879  C CD  A GLU A 1 108 ? -4.271  -8.476  7.556   0.60 35.90 ? 108 GLU A CD  1 
ATOM   880  C CD  B GLU A 1 108 ? -4.673  -8.815  7.827   0.40 36.91 ? 108 GLU A CD  1 
ATOM   881  O OE1 A GLU A 1 108 ? -4.983  -7.606  8.103   0.60 45.06 ? 108 GLU A OE1 1 
ATOM   882  O OE1 B GLU A 1 108 ? -5.702  -8.265  7.377   0.40 31.93 ? 108 GLU A OE1 1 
ATOM   883  O OE2 A GLU A 1 108 ? -4.211  -9.660  7.953   0.60 35.69 ? 108 GLU A OE2 1 
ATOM   884  O OE2 B GLU A 1 108 ? -4.641  -9.379  8.942   0.40 35.17 ? 108 GLU A OE2 1 
ATOM   885  N N   A THR A 1 109 ? -3.192  -10.294 2.266   0.60 29.38 ? 109 THR A N   1 
ATOM   886  N N   B THR A 1 109 ? -3.020  -10.295 4.113   0.40 28.73 ? 109 THR A N   1 
ATOM   887  C CA  A THR A 1 109 ? -3.111  -11.439 1.358   0.60 26.26 ? 109 THR A CA  1 
ATOM   888  C CA  B THR A 1 109 ? -2.713  -11.699 3.888   0.40 28.61 ? 109 THR A CA  1 
ATOM   889  C C   A THR A 1 109 ? -1.836  -11.451 0.518   0.60 32.67 ? 109 THR A C   1 
ATOM   890  C C   B THR A 1 109 ? -1.557  -11.807 2.897   0.40 26.99 ? 109 THR A C   1 
ATOM   891  O O   A THR A 1 109 ? -1.108  -12.446 0.485   0.60 28.55 ? 109 THR A O   1 
ATOM   892  O O   B THR A 1 109 ? -0.710  -12.696 3.003   0.40 25.95 ? 109 THR A O   1 
ATOM   893  C CB  A THR A 1 109 ? -4.309  -11.473 0.390   0.60 35.25 ? 109 THR A CB  1 
ATOM   894  C CB  B THR A 1 109 ? -3.938  -12.463 3.355   0.40 33.78 ? 109 THR A CB  1 
ATOM   895  O OG1 A THR A 1 109 ? -5.513  -11.732 1.123   0.60 32.47 ? 109 THR A OG1 1 
ATOM   896  O OG1 B THR A 1 109 ? -4.340  -11.909 2.098   0.40 34.95 ? 109 THR A OG1 1 
ATOM   897  C CG2 A THR A 1 109 ? -4.112  -12.554 -0.663  0.60 34.66 ? 109 THR A CG2 1 
ATOM   898  C CG2 B THR A 1 109 ? -5.095  -12.357 4.337   0.40 32.62 ? 109 THR A CG2 1 
ATOM   899  N N   A GLY A 1 110 ? -1.583  -10.345 -0.175  0.60 25.28 ? 110 GLY A N   1 
ATOM   900  N N   B GLY A 1 110 ? -1.521  -10.882 1.944   0.40 27.49 ? 110 GLY A N   1 
ATOM   901  C CA  A GLY A 1 110 ? -0.461  -10.254 -1.091  0.60 26.24 ? 110 GLY A CA  1 
ATOM   902  C CA  B GLY A 1 110 ? -0.477  -10.858 0.937   0.40 22.93 ? 110 GLY A CA  1 
ATOM   903  C C   A GLY A 1 110 ? 0.891   -10.352 -0.414  0.60 22.80 ? 110 GLY A C   1 
ATOM   904  C C   B GLY A 1 110 ? 0.911   -10.653 1.513   0.40 23.49 ? 110 GLY A C   1 
ATOM   905  O O   A GLY A 1 110 ? 1.908   -10.560 -1.078  0.60 26.45 ? 110 GLY A O   1 
ATOM   906  O O   B GLY A 1 110 ? 1.846   -11.375 1.173   0.40 26.99 ? 110 GLY A O   1 
ATOM   907  N N   A VAL A 1 111 ? 0.899   -10.209 0.909   0.60 24.69 ? 111 VAL A N   1 
ATOM   908  N N   B VAL A 1 111 ? 1.051   -9.664  2.389   0.40 21.11 ? 111 VAL A N   1 
ATOM   909  C CA  A VAL A 1 111 ? 2.132   -10.231 1.692   0.60 23.06 ? 111 VAL A CA  1 
ATOM   910  C CA  B VAL A 1 111 ? 2.346   -9.370  2.992   0.40 22.98 ? 111 VAL A CA  1 
ATOM   911  C C   A VAL A 1 111 ? 2.382   -11.610 2.312   0.60 22.33 ? 111 VAL A C   1 
ATOM   912  C C   B VAL A 1 111 ? 2.706   -10.398 4.064   0.40 21.50 ? 111 VAL A C   1 
ATOM   913  O O   A VAL A 1 111 ? 3.398   -11.834 2.971   0.60 18.14 ? 111 VAL A O   1 
ATOM   914  O O   B VAL A 1 111 ? 3.883   -10.685 4.293   0.40 19.57 ? 111 VAL A O   1 
ATOM   915  C CB  A VAL A 1 111 ? 2.112   -9.119  2.783   0.60 22.80 ? 111 VAL A CB  1 
ATOM   916  C CB  B VAL A 1 111 ? 2.367   -7.968  3.621   0.40 22.73 ? 111 VAL A CB  1 
ATOM   917  C CG1 A VAL A 1 111 ? 3.043   -9.440  3.941   0.60 30.61 ? 111 VAL A CG1 1 
ATOM   918  C CG1 B VAL A 1 111 ? 2.014   -6.912  2.579   0.40 23.96 ? 111 VAL A CG1 1 
ATOM   919  C CG2 A VAL A 1 111 ? 2.466   -7.775  2.173   0.60 24.87 ? 111 VAL A CG2 1 
ATOM   920  C CG2 B VAL A 1 111 ? 1.405   -7.909  4.783   0.40 28.72 ? 111 VAL A CG2 1 
ATOM   921  N N   A ALA A 1 112 ? 1.467   -12.540 2.066   0.60 23.55 ? 112 ALA A N   1 
ATOM   922  N N   B ALA A 1 112 ? 1.690   -10.943 4.725   0.40 18.91 ? 112 ALA A N   1 
ATOM   923  C CA  A ALA A 1 112 ? 1.535   -13.881 2.649   0.60 25.47 ? 112 ALA A CA  1 
ATOM   924  C CA  B ALA A 1 112 ? 1.907   -11.914 5.792   0.40 19.87 ? 112 ALA A CA  1 
ATOM   925  C C   A ALA A 1 112 ? 2.853   -14.628 2.411   0.60 24.19 ? 112 ALA A C   1 
ATOM   926  C C   B ALA A 1 112 ? 2.572   -13.176 5.258   0.40 23.81 ? 112 ALA A C   1 
ATOM   927  O O   A ALA A 1 112 ? 3.318   -15.364 3.285   0.60 25.07 ? 112 ALA A O   1 
ATOM   928  O O   B ALA A 1 112 ? 3.162   -13.950 6.016   0.40 22.44 ? 112 ALA A O   1 
ATOM   929  C CB  A ALA A 1 112 ? 0.351   -14.727 2.170   0.60 25.08 ? 112 ALA A CB  1 
ATOM   930  C CB  B ALA A 1 112 ? 0.589   -12.249 6.483   0.40 18.54 ? 112 ALA A CB  1 
ATOM   931  N N   A GLY A 1 113 ? 3.449   -14.451 1.233   0.60 23.25 ? 113 GLY A N   1 
ATOM   932  N N   B GLY A 1 113 ? 2.471   -13.379 3.948   0.40 16.73 ? 113 GLY A N   1 
ATOM   933  C CA  A GLY A 1 113 ? 4.650   -15.189 0.879   0.60 22.85 ? 113 GLY A CA  1 
ATOM   934  C CA  B GLY A 1 113 ? 3.091   -14.522 3.300   0.40 24.89 ? 113 GLY A CA  1 
ATOM   935  C C   A GLY A 1 113 ? 5.946   -14.584 1.397   0.60 15.28 ? 113 GLY A C   1 
ATOM   936  C C   B GLY A 1 113 ? 4.576   -14.338 3.034   0.40 20.31 ? 113 GLY A C   1 
ATOM   937  O O   A GLY A 1 113 ? 7.035   -15.056 1.070   0.60 17.33 ? 113 GLY A O   1 
ATOM   938  O O   B GLY A 1 113 ? 5.288   -15.309 2.769   0.40 24.07 ? 113 GLY A O   1 
ATOM   939  N N   A PHE A 1 114 ? 5.826   -13.543 2.214   0.60 18.86 ? 114 PHE A N   1 
ATOM   940  N N   B PHE A 1 114 ? 5.040   -13.093 3.099   0.40 20.74 ? 114 PHE A N   1 
ATOM   941  C CA  A PHE A 1 114 ? 6.997   -12.811 2.694   0.60 12.58 ? 114 PHE A CA  1 
ATOM   942  C CA  B PHE A 1 114 ? 6.457   -12.773 2.927   0.40 18.03 ? 114 PHE A CA  1 
ATOM   943  C C   A PHE A 1 114 ? 7.529   -13.303 4.048   0.60 15.76 ? 114 PHE A C   1 
ATOM   944  C C   B PHE A 1 114 ? 7.254   -13.224 4.146   0.40 15.53 ? 114 PHE A C   1 
ATOM   945  O O   A PHE A 1 114 ? 8.295   -12.595 4.706   0.60 14.69 ? 114 PHE A O   1 
ATOM   946  O O   B PHE A 1 114 ? 7.964   -12.438 4.771   0.40 15.72 ? 114 PHE A O   1 
ATOM   947  C CB  A PHE A 1 114 ? 6.703   -11.305 2.753   0.60 14.08 ? 114 PHE A CB  1 
ATOM   948  C CB  B PHE A 1 114 ? 6.637   -11.271 2.715   0.40 14.23 ? 114 PHE A CB  1 
ATOM   949  C CG  A PHE A 1 114 ? 6.706   -10.620 1.400   0.60 15.03 ? 114 PHE A CG  1 
ATOM   950  C CG  B PHE A 1 114 ? 6.530   -10.835 1.276   0.40 15.67 ? 114 PHE A CG  1 
ATOM   951  C CD1 A PHE A 1 114 ? 7.884   -10.127 0.857   0.60 16.01 ? 114 PHE A CD1 1 
ATOM   952  C CD1 B PHE A 1 114 ? 7.481   -9.993  0.725   0.40 15.69 ? 114 PHE A CD1 1 
ATOM   953  C CD2 A PHE A 1 114 ? 5.529   -10.456 0.683   0.60 21.13 ? 114 PHE A CD2 1 
ATOM   954  C CD2 B PHE A 1 114 ? 5.484   -11.270 0.476   0.40 17.09 ? 114 PHE A CD2 1 
ATOM   955  C CE1 A PHE A 1 114 ? 7.890   -9.492  -0.381  0.60 16.08 ? 114 PHE A CE1 1 
ATOM   956  C CE1 B PHE A 1 114 ? 7.394   -9.587  -0.596  0.40 15.93 ? 114 PHE A CE1 1 
ATOM   957  C CE2 A PHE A 1 114 ? 5.528   -9.822  -0.552  0.60 16.36 ? 114 PHE A CE2 1 
ATOM   958  C CE2 B PHE A 1 114 ? 5.392   -10.868 -0.845  0.40 15.57 ? 114 PHE A CE2 1 
ATOM   959  C CZ  A PHE A 1 114 ? 6.711   -9.345  -1.087  0.60 14.08 ? 114 PHE A CZ  1 
ATOM   960  C CZ  B PHE A 1 114 ? 6.347   -10.025 -1.380  0.40 16.30 ? 114 PHE A CZ  1 
ATOM   961  N N   . THR A 1 115 ? 7.139   -14.508 4.457   1.00 16.89 ? 115 THR A N   1 
ATOM   962  C CA  . THR A 1 115 ? 7.650   -15.089 5.700   1.00 16.91 ? 115 THR A CA  1 
ATOM   963  C C   . THR A 1 115 ? 9.142   -14.902 5.975   1.00 16.77 ? 115 THR A C   1 
ATOM   964  O O   . THR A 1 115 ? 9.535   -14.514 7.080   1.00 16.72 ? 115 THR A O   1 
ATOM   965  C CB  . THR A 1 115 ? 7.328   -16.593 5.770   1.00 21.26 ? 115 THR A CB  1 
ATOM   966  O OG1 . THR A 1 115 ? 5.912   -16.776 5.649   1.00 24.78 ? 115 THR A OG1 1 
ATOM   967  C CG2 . THR A 1 115 ? 7.805   -17.177 7.094   1.00 23.81 ? 115 THR A CG2 1 
ATOM   968  N N   . ASN A 1 116 ? 9.984   -15.188 4.984   1.00 14.21 ? 116 ASN A N   1 
ATOM   969  C CA  . ASN A 1 116 ? 11.419  -15.088 5.197   1.00 15.38 ? 116 ASN A CA  1 
ATOM   970  C C   . ASN A 1 116 ? 11.886  -13.634 5.365   1.00 14.61 ? 116 ASN A C   1 
ATOM   971  O O   . ASN A 1 116 ? 12.749  -13.351 6.188   1.00 15.04 ? 116 ASN A O   1 
ATOM   972  C CB  . ASN A 1 116 ? 12.172  -15.823 4.084   1.00 15.28 ? 116 ASN A CB  1 
ATOM   973  C CG  . ASN A 1 116 ? 11.806  -17.298 4.038   1.00 26.42 ? 116 ASN A CG  1 
ATOM   974  O OD1 . ASN A 1 116 ? 11.734  -17.951 5.078   1.00 26.05 ? 116 ASN A OD1 1 
ATOM   975  N ND2 . ASN A 1 116 ? 11.533  -17.820 2.843   1.00 21.78 ? 116 ASN A ND2 1 
ATOM   976  N N   . SER A 1 117 ? 11.288  -12.714 4.609   1.00 12.23 ? 117 SER A N   1 
ATOM   977  C CA  . SER A 1 117 ? 11.618  -11.293 4.738   1.00 11.39 ? 117 SER A CA  1 
ATOM   978  C C   . SER A 1 117 ? 11.203  -10.780 6.103   1.00 12.78 ? 117 SER A C   1 
ATOM   979  O O   . SER A 1 117 ? 11.924  -10.009 6.734   1.00 13.27 ? 117 SER A O   1 
ATOM   980  C CB  . SER A 1 117 ? 10.905  -10.459 3.673   1.00 16.73 ? 117 SER A CB  1 
ATOM   981  O OG  . SER A 1 117 ? 11.470  -10.669 2.391   1.00 24.31 ? 117 SER A OG  1 
ATOM   982  N N   . LEU A 1 118 ? 10.022  -11.198 6.541   1.00 11.97 ? 118 LEU A N   1 
ATOM   983  C CA  . LEU A 1 118 ? 9.525   -10.830 7.862   1.00 13.14 ? 118 LEU A CA  1 
ATOM   984  C C   . LEU A 1 118 ? 10.514  -11.231 8.946   1.00 13.34 ? 118 LEU A C   1 
ATOM   985  O O   . LEU A 1 118 ? 10.815  -10.443 9.842   1.00 14.14 ? 118 LEU A O   1 
ATOM   986  C CB  . LEU A 1 118 ? 8.167   -11.482 8.122   1.00 14.34 ? 118 LEU A CB  1 
ATOM   987  C CG  . LEU A 1 118 ? 6.975   -10.816 7.441   1.00 19.43 ? 118 LEU A CG  1 
ATOM   988  C CD1 . LEU A 1 118 ? 5.764   -11.728 7.499   1.00 19.97 ? 118 LEU A CD1 1 
ATOM   989  C CD2 . LEU A 1 118 ? 6.670   -9.496  8.127   1.00 18.78 ? 118 LEU A CD2 1 
ATOM   990  N N   . ARG A 1 119 ? 11.027  -12.456 8.871   1.00 13.19 ? 119 ARG A N   1 
ATOM   991  C CA  A ARG A 1 119 ? 11.989  -12.923 9.859   0.60 16.82 ? 119 ARG A CA  1 
ATOM   992  C CA  B ARG A 1 119 ? 12.003  -12.922 9.855   0.40 16.82 ? 119 ARG A CA  1 
ATOM   993  C C   . ARG A 1 119 ? 13.253  -12.055 9.841   1.00 15.97 ? 119 ARG A C   1 
ATOM   994  O O   . ARG A 1 119 ? 13.748  -11.645 10.885  1.00 13.85 ? 119 ARG A O   1 
ATOM   995  C CB  A ARG A 1 119 ? 12.331  -14.395 9.604   0.60 17.30 ? 119 ARG A CB  1 
ATOM   996  C CB  B ARG A 1 119 ? 12.409  -14.379 9.614   0.40 17.42 ? 119 ARG A CB  1 
ATOM   997  C CG  A ARG A 1 119 ? 13.135  -15.054 10.714  0.60 21.47 ? 119 ARG A CG  1 
ATOM   998  C CG  B ARG A 1 119 ? 13.630  -14.781 10.446  0.40 20.01 ? 119 ARG A CG  1 
ATOM   999  C CD  A ARG A 1 119 ? 13.393  -16.526 10.405  0.60 23.77 ? 119 ARG A CD  1 
ATOM   1000 C CD  B ARG A 1 119 ? 14.144  -16.182 10.128  0.40 26.07 ? 119 ARG A CD  1 
ATOM   1001 N NE  A ARG A 1 119 ? 14.093  -16.703 9.134   0.60 34.75 ? 119 ARG A NE  1 
ATOM   1002 N NE  B ARG A 1 119 ? 14.629  -16.316 8.755   0.40 30.94 ? 119 ARG A NE  1 
ATOM   1003 C CZ  A ARG A 1 119 ? 13.543  -17.207 8.033   0.60 29.64 ? 119 ARG A CZ  1 
ATOM   1004 C CZ  B ARG A 1 119 ? 15.829  -15.924 8.334   0.40 30.38 ? 119 ARG A CZ  1 
ATOM   1005 N NH1 A ARG A 1 119 ? 12.277  -17.605 8.036   0.60 27.81 ? 119 ARG A NH1 1 
ATOM   1006 N NH1 B ARG A 1 119 ? 16.685  -15.351 9.170   0.40 27.11 ? 119 ARG A NH1 1 
ATOM   1007 N NH2 A ARG A 1 119 ? 14.265  -17.321 6.926   0.60 40.11 ? 119 ARG A NH2 1 
ATOM   1008 N NH2 B ARG A 1 119 ? 16.170  -16.099 7.065   0.40 28.08 ? 119 ARG A NH2 1 
ATOM   1009 N N   . MET A 1 120 ? 13.776  -11.766 8.652   1.00 12.22 ? 120 MET A N   1 
ATOM   1010 C CA  . MET A 1 120 ? 14.989  -10.953 8.568   1.00 11.54 ? 120 MET A CA  1 
ATOM   1011 C C   . MET A 1 120 ? 14.767  -9.548  9.113   1.00 12.10 ? 120 MET A C   1 
ATOM   1012 O O   . MET A 1 120 ? 15.647  -8.981  9.750   1.00 13.00 ? 120 MET A O   1 
ATOM   1013 C CB  . MET A 1 120 ? 15.500  -10.879 7.131   1.00 10.42 ? 120 MET A CB  1 
ATOM   1014 C CG  . MET A 1 120 ? 15.894  -12.241 6.605   1.00 15.90 ? 120 MET A CG  1 
ATOM   1015 S SD  . MET A 1 120 ? 16.271  -12.165 4.856   1.00 18.61 ? 120 MET A SD  1 
ATOM   1016 C CE  . MET A 1 120 ? 16.378  -13.908 4.448   1.00 22.73 ? 120 MET A CE  1 
ATOM   1017 N N   . LEU A 1 121 ? 13.598  -8.979  8.845   1.00 10.53 ? 121 LEU A N   1 
ATOM   1018 C CA  . LEU A 1 121 ? 13.260  -7.672  9.400   1.00 9.80  ? 121 LEU A CA  1 
ATOM   1019 C C   . LEU A 1 121 ? 13.180  -7.720  10.925  1.00 10.98 ? 121 LEU A C   1 
ATOM   1020 O O   . LEU A 1 121 ? 13.699  -6.835  11.599  1.00 13.03 ? 121 LEU A O   1 
ATOM   1021 C CB  . LEU A 1 121 ? 11.930  -7.159  8.818   1.00 9.61  ? 121 LEU A CB  1 
ATOM   1022 C CG  . LEU A 1 121 ? 11.985  -6.759  7.342   1.00 11.43 ? 121 LEU A CG  1 
ATOM   1023 C CD1 . LEU A 1 121 ? 10.570  -6.497  6.797   1.00 11.54 ? 121 LEU A CD1 1 
ATOM   1024 C CD2 . LEU A 1 121 ? 12.869  -5.539  7.113   1.00 11.19 ? 121 LEU A CD2 1 
ATOM   1025 N N   . GLN A 1 122 ? 12.524  -8.746  11.457  1.00 10.25 ? 122 GLN A N   1 
ATOM   1026 C CA  . GLN A 1 122 ? 12.440  -8.927  12.909  1.00 13.72 ? 122 GLN A CA  1 
ATOM   1027 C C   . GLN A 1 122 ? 13.841  -9.018  13.514  1.00 15.02 ? 122 GLN A C   1 
ATOM   1028 O O   . GLN A 1 122 ? 14.086  -8.510  14.613  1.00 17.37 ? 122 GLN A O   1 
ATOM   1029 C CB  . GLN A 1 122 ? 11.618  -10.177 13.252  1.00 15.53 ? 122 GLN A CB  1 
ATOM   1030 C CG  . GLN A 1 122 ? 11.289  -10.324 14.734  1.00 18.25 ? 122 GLN A CG  1 
ATOM   1031 C CD  . GLN A 1 122 ? 9.987   -11.074 14.970  1.00 36.30 ? 122 GLN A CD  1 
ATOM   1032 N N   . GLN A 1 123 ? 14.761  -9.649  12.784  1.00 12.34 ? 123 GLN A N   1 
ATOM   1033 C CA  . GLN A 1 123 ? 16.139  -9.833  13.249  1.00 13.70 ? 123 GLN A CA  1 
ATOM   1034 C C   . GLN A 1 123 ? 17.013  -8.606  12.997  1.00 15.65 ? 123 GLN A C   1 
ATOM   1035 O O   . GLN A 1 123 ? 18.207  -8.604  13.326  1.00 15.32 ? 123 GLN A O   1 
ATOM   1036 C CB  . GLN A 1 123 ? 16.779  -11.040 12.548  1.00 14.28 ? 123 GLN A CB  1 
ATOM   1037 C CG  . GLN A 1 123 ? 16.197  -12.398 12.903  1.00 19.67 ? 123 GLN A CG  1 
ATOM   1038 C CD  . GLN A 1 123 ? 16.752  -13.510 12.007  1.00 24.98 ? 123 GLN A CD  1 
ATOM   1039 O OE1 . GLN A 1 123 ? 16.948  -13.319 10.803  1.00 24.74 ? 123 GLN A OE1 1 
ATOM   1040 N NE2 . GLN A 1 123 ? 17.004  -14.671 12.593  1.00 37.40 ? 123 GLN A NE2 1 
ATOM   1041 N N   . LYS A 1 124 ? 16.429  -7.584  12.372  1.00 11.76 ? 124 LYS A N   1 
ATOM   1042 C CA  . LYS A 1 124 ? 17.146  -6.362  12.010  1.00 10.47 ? 124 LYS A CA  1 
ATOM   1043 C C   . LYS A 1 124 ? 18.357  -6.620  11.112  1.00 11.25 ? 124 LYS A C   1 
ATOM   1044 O O   . LYS A 1 124 ? 19.372  -5.931  11.197  1.00 13.20 ? 124 LYS A O   1 
ATOM   1045 C CB  . LYS A 1 124 ? 17.532  -5.571  13.268  1.00 11.79 ? 124 LYS A CB  1 
ATOM   1046 C CG  . LYS A 1 124 ? 16.312  -5.209  14.116  1.00 13.61 ? 124 LYS A CG  1 
ATOM   1047 C CD  . LYS A 1 124 ? 16.619  -4.065  15.092  1.00 15.85 ? 124 LYS A CD  1 
ATOM   1048 C CE  . LYS A 1 124 ? 15.382  -3.658  15.877  1.00 16.95 ? 124 LYS A CE  1 
ATOM   1049 N NZ  . LYS A 1 124 ? 14.266  -3.179  15.017  1.00 16.76 ? 124 LYS A NZ  1 
ATOM   1050 N N   . ARG A 1 125 ? 18.227  -7.618  10.248  1.00 11.38 ? 125 ARG A N   1 
ATOM   1051 C CA  . ARG A 1 125 ? 19.235  -7.905  9.236   1.00 11.41 ? 125 ARG A CA  1 
ATOM   1052 C C   . ARG A 1 125 ? 18.807  -7.171  7.973   1.00 11.28 ? 125 ARG A C   1 
ATOM   1053 O O   . ARG A 1 125 ? 18.230  -7.759  7.059   1.00 13.29 ? 125 ARG A O   1 
ATOM   1054 C CB  . ARG A 1 125 ? 19.321  -9.412  9.005   1.00 12.94 ? 125 ARG A CB  1 
ATOM   1055 C CG  . ARG A 1 125 ? 19.757  -10.151 10.274  1.00 14.54 ? 125 ARG A CG  1 
ATOM   1056 C CD  . ARG A 1 125 ? 19.842  -11.655 10.103  1.00 20.69 ? 125 ARG A CD  1 
ATOM   1057 N NE  . ARG A 1 125 ? 20.361  -12.256 11.334  1.00 22.98 ? 125 ARG A NE  1 
ATOM   1058 C CZ  . ARG A 1 125 ? 20.824  -13.499 11.430  1.00 33.40 ? 125 ARG A CZ  1 
ATOM   1059 N NH1 . ARG A 1 125 ? 20.842  -14.287 10.364  1.00 37.20 ? 125 ARG A NH1 1 
ATOM   1060 N NH2 . ARG A 1 125 ? 21.276  -13.950 12.593  1.00 32.29 ? 125 ARG A NH2 1 
ATOM   1061 N N   . TRP A 1 126 ? 19.093  -5.872  7.935   1.00 11.91 ? 126 TRP A N   1 
ATOM   1062 C CA  . TRP A 1 126 ? 18.466  -4.997  6.946   1.00 11.82 ? 126 TRP A CA  1 
ATOM   1063 C C   . TRP A 1 126 ? 18.905  -5.259  5.504   1.00 11.86 ? 126 TRP A C   1 
ATOM   1064 O O   . TRP A 1 126 ? 18.083  -5.241  4.594   1.00 13.51 ? 126 TRP A O   1 
ATOM   1065 C CB  . TRP A 1 126 ? 18.693  -3.520  7.299   1.00 11.10 ? 126 TRP A CB  1 
ATOM   1066 C CG  . TRP A 1 126 ? 18.324  -3.143  8.706   1.00 10.32 ? 126 TRP A CG  1 
ATOM   1067 C CD1 . TRP A 1 126 ? 19.144  -2.550  9.636   1.00 11.91 ? 126 TRP A CD1 1 
ATOM   1068 C CD2 . TRP A 1 126 ? 17.043  -3.294  9.344   1.00 10.06 ? 126 TRP A CD2 1 
ATOM   1069 N NE1 . TRP A 1 126 ? 18.459  -2.344  10.807  1.00 11.73 ? 126 TRP A NE1 1 
ATOM   1070 C CE2 . TRP A 1 126 ? 17.167  -2.788  10.656  1.00 10.52 ? 126 TRP A CE2 1 
ATOM   1071 C CE3 . TRP A 1 126 ? 15.814  -3.828  8.941   1.00 12.23 ? 126 TRP A CE3 1 
ATOM   1072 C CZ2 . TRP A 1 126 ? 16.102  -2.782  11.559  1.00 12.45 ? 126 TRP A CZ2 1 
ATOM   1073 C CZ3 . TRP A 1 126 ? 14.754  -3.817  9.841   1.00 11.79 ? 126 TRP A CZ3 1 
ATOM   1074 C CH2 . TRP A 1 126 ? 14.908  -3.304  11.134  1.00 13.02 ? 126 TRP A CH2 1 
ATOM   1075 N N   . ASP A 1 127 ? 20.200  -5.475  5.291   1.00 12.69 ? 127 ASP A N   1 
ATOM   1076 C CA  . ASP A 1 127 ? 20.686  -5.751  3.948   1.00 12.62 ? 127 ASP A CA  1 
ATOM   1077 C C   . ASP A 1 127 ? 20.155  -7.087  3.454   1.00 12.13 ? 127 ASP A C   1 
ATOM   1078 O O   . ASP A 1 127 ? 19.750  -7.211  2.297   1.00 14.62 ? 127 ASP A O   1 
ATOM   1079 C CB  . ASP A 1 127 ? 22.216  -5.732  3.909   1.00 15.53 ? 127 ASP A CB  1 
ATOM   1080 C CG  . ASP A 1 127 ? 22.786  -4.324  3.859   1.00 24.23 ? 127 ASP A CG  1 
ATOM   1081 O OD1 . ASP A 1 127 ? 22.109  -3.377  4.312   1.00 25.67 ? 127 ASP A OD1 1 
ATOM   1082 O OD2 . ASP A 1 127 ? 23.926  -4.160  3.371   1.00 26.61 ? 127 ASP A OD2 1 
ATOM   1083 N N   . GLU A 1 128 ? 20.139  -8.083  4.333   1.00 12.72 ? 128 GLU A N   1 
ATOM   1084 C CA  . GLU A 1 128 ? 19.610  -9.391  3.965   1.00 12.60 ? 128 GLU A CA  1 
ATOM   1085 C C   . GLU A 1 128 ? 18.122  -9.313  3.621   1.00 11.64 ? 128 GLU A C   1 
ATOM   1086 O O   . GLU A 1 128 ? 17.669  -9.901  2.630   1.00 13.19 ? 128 GLU A O   1 
ATOM   1087 C CB  . GLU A 1 128 ? 19.849  -10.391 5.095   1.00 15.96 ? 128 GLU A CB  1 
ATOM   1088 C CG  . GLU A 1 128 ? 21.330  -10.576 5.405   1.00 24.32 ? 128 GLU A CG  1 
ATOM   1089 C CD  . GLU A 1 128 ? 21.581  -11.605 6.486   0.60 33.12 ? 128 GLU A CD  1 
ATOM   1090 O OE1 . GLU A 1 128 ? 21.006  -12.710 6.402   0.60 36.97 ? 128 GLU A OE1 1 
ATOM   1091 O OE2 . GLU A 1 128 ? 22.354  -11.306 7.420   0.60 36.21 ? 128 GLU A OE2 1 
ATOM   1092 N N   . ALA A 1 129 ? 17.360  -8.593  4.440   1.00 11.51 ? 129 ALA A N   1 
ATOM   1093 C CA  . ALA A 1 129 ? 15.935  -8.397  4.177   1.00 10.10 ? 129 ALA A CA  1 
ATOM   1094 C C   . ALA A 1 129 ? 15.733  -7.728  2.830   1.00 11.39 ? 129 ALA A C   1 
ATOM   1095 O O   . ALA A 1 129 ? 14.856  -8.114  2.056   1.00 12.69 ? 129 ALA A O   1 
ATOM   1096 C CB  . ALA A 1 129 ? 15.295  -7.550  5.279   1.00 12.44 ? 129 ALA A CB  1 
ATOM   1097 N N   . ALA A 1 130 ? 16.550  -6.718  2.551   1.00 11.12 ? 130 ALA A N   1 
ATOM   1098 C CA  . ALA A 1 130 ? 16.438  -5.965  1.310   1.00 11.66 ? 130 ALA A CA  1 
ATOM   1099 C C   . ALA A 1 130 ? 16.634  -6.882  0.109   1.00 13.02 ? 130 ALA A C   1 
ATOM   1100 O O   . ALA A 1 130 ? 15.881  -6.814  -0.860  1.00 12.96 ? 130 ALA A O   1 
ATOM   1101 C CB  . ALA A 1 130 ? 17.455  -4.830  1.288   1.00 15.58 ? 130 ALA A CB  1 
ATOM   1102 N N   . VAL A 1 131 ? 17.648  -7.741  0.178   1.00 12.25 ? 131 VAL A N   1 
ATOM   1103 C CA  . VAL A 1 131 ? 17.895  -8.705  -0.891  1.00 11.83 ? 131 VAL A CA  1 
ATOM   1104 C C   . VAL A 1 131 ? 16.723  -9.666  -1.036  1.00 12.49 ? 131 VAL A C   1 
ATOM   1105 O O   . VAL A 1 131 ? 16.289  -9.960  -2.140  1.00 14.74 ? 131 VAL A O   1 
ATOM   1106 C CB  . VAL A 1 131 ? 19.194  -9.491  -0.643  1.00 14.40 ? 131 VAL A CB  1 
ATOM   1107 C CG1 . VAL A 1 131 ? 19.323  -10.651 -1.640  1.00 15.27 ? 131 VAL A CG1 1 
ATOM   1108 C CG2 . VAL A 1 131 ? 20.384  -8.549  -0.747  1.00 17.02 ? 131 VAL A CG2 1 
ATOM   1109 N N   . ASN A 1 132 ? 16.208  -10.158 0.085   1.00 11.00 ? 132 ASN A N   1 
ATOM   1110 C CA  . ASN A 1 132 ? 15.090  -11.092 0.032   1.00 13.49 ? 132 ASN A CA  1 
ATOM   1111 C C   . ASN A 1 132 ? 13.811  -10.466 -0.530  1.00 11.90 ? 132 ASN A C   1 
ATOM   1112 O O   . ASN A 1 132 ? 13.086  -11.102 -1.298  1.00 12.18 ? 132 ASN A O   1 
ATOM   1113 C CB  . ASN A 1 132 ? 14.823  -11.671 1.417   1.00 13.34 ? 132 ASN A CB  1 
ATOM   1114 C CG  . ASN A 1 132 ? 13.837  -12.820 1.386   1.00 15.65 ? 132 ASN A CG  1 
ATOM   1115 O OD1 . ASN A 1 132 ? 12.642  -12.643 1.643   1.00 19.66 ? 132 ASN A OD1 1 
ATOM   1116 N ND2 . ASN A 1 132 ? 14.328  -14.004 1.063   1.00 16.72 ? 132 ASN A ND2 1 
ATOM   1117 N N   . LEU A 1 133 ? 13.535  -9.221  -0.141  1.00 10.28 ? 133 LEU A N   1 
ATOM   1118 C CA  . LEU A 1 133 ? 12.299  -8.554  -0.557  1.00 10.34 ? 133 LEU A CA  1 
ATOM   1119 C C   . LEU A 1 133 ? 12.245  -8.379  -2.070  1.00 11.56 ? 133 LEU A C   1 
ATOM   1120 O O   . LEU A 1 133 ? 11.162  -8.352  -2.654  1.00 13.74 ? 133 LEU A O   1 
ATOM   1121 C CB  . LEU A 1 133 ? 12.182  -7.181  0.122   1.00 11.26 ? 133 LEU A CB  1 
ATOM   1122 C CG  . LEU A 1 133 ? 11.759  -7.185  1.590   1.00 9.70  ? 133 LEU A CG  1 
ATOM   1123 C CD1 . LEU A 1 133 ? 12.102  -5.873  2.265   1.00 13.05 ? 133 LEU A CD1 1 
ATOM   1124 C CD2 . LEU A 1 133 ? 10.264  -7.455  1.688   1.00 12.52 ? 133 LEU A CD2 1 
ATOM   1125 N N   . ALA A 1 134 ? 13.413  -8.247  -2.697  1.00 11.64 ? 134 ALA A N   1 
ATOM   1126 C CA  . ALA A 1 134 ? 13.482  -7.993  -4.139  1.00 11.96 ? 134 ALA A CA  1 
ATOM   1127 C C   . ALA A 1 134 ? 13.255  -9.251  -4.961  1.00 12.29 ? 134 ALA A C   1 
ATOM   1128 O O   . ALA A 1 134 ? 13.026  -9.175  -6.177  1.00 13.31 ? 134 ALA A O   1 
ATOM   1129 C CB  . ALA A 1 134 ? 14.809  -7.333  -4.505  1.00 14.01 ? 134 ALA A CB  1 
ATOM   1130 N N   . LYS A 1 135 ? 13.313  -10.399 -4.299  1.00 11.02 ? 135 LYS A N   1 
ATOM   1131 C CA  . LYS A 1 135 ? 13.046  -11.672 -4.957  1.00 11.41 ? 135 LYS A CA  1 
ATOM   1132 C C   . LYS A 1 135 ? 11.547  -11.947 -4.939  1.00 10.95 ? 135 LYS A C   1 
ATOM   1133 O O   . LYS A 1 135 ? 11.081  -12.865 -4.284  1.00 13.27 ? 135 LYS A O   1 
ATOM   1134 C CB  . LYS A 1 135 ? 13.822  -12.804 -4.279  1.00 12.86 ? 135 LYS A CB  1 
ATOM   1135 C CG  . LYS A 1 135 ? 15.321  -12.610 -4.345  1.00 14.35 ? 135 LYS A CG  1 
ATOM   1136 C CD  . LYS A 1 135 ? 16.066  -13.707 -3.600  1.00 19.71 ? 135 LYS A CD  1 
ATOM   1137 C CE  . LYS A 1 135 ? 17.561  -13.387 -3.539  1.00 24.48 ? 135 LYS A CE  1 
ATOM   1138 N NZ  . LYS A 1 135 ? 18.317  -14.399 -2.738  1.00 27.63 ? 135 LYS A NZ  1 
ATOM   1139 N N   . SER A 1 136 ? 10.798  -11.133 -5.665  1.00 10.40 ? 136 SER A N   1 
ATOM   1140 C CA  . SER A 1 136 ? 9.348   -11.138 -5.524  1.00 12.37 ? 136 SER A CA  1 
ATOM   1141 C C   . SER A 1 136 ? 8.664   -10.646 -6.777  1.00 12.25 ? 136 SER A C   1 
ATOM   1142 O O   . SER A 1 136 ? 9.215   -9.823  -7.511  1.00 10.79 ? 136 SER A O   1 
ATOM   1143 C CB  . SER A 1 136 ? 8.930   -10.242 -4.347  1.00 12.07 ? 136 SER A CB  1 
ATOM   1144 O OG  . SER A 1 136 ? 9.289   -8.882  -4.590  1.00 11.28 ? 136 SER A OG  1 
ATOM   1145 N N   . ARG A 1 137 ? 7.452   -11.138 -7.013  1.00 9.75  ? 137 ARG A N   1 
ATOM   1146 C CA  . ARG A 1 137 ? 6.648   -10.601 -8.101  1.00 10.70 ? 137 ARG A CA  1 
ATOM   1147 C C   . ARG A 1 137 ? 6.476   -9.105  -7.891  1.00 12.75 ? 137 ARG A C   1 
ATOM   1148 O O   . ARG A 1 137 ? 6.547   -8.313  -8.834  1.00 12.38 ? 137 ARG A O   1 
ATOM   1149 C CB  . ARG A 1 137 ? 5.277   -11.282 -8.191  1.00 10.80 ? 137 ARG A CB  1 
ATOM   1150 C CG  . ARG A 1 137 ? 4.410   -10.655 -9.281  1.00 14.07 ? 137 ARG A CG  1 
ATOM   1151 C CD  . ARG A 1 137 ? 3.054   -11.321 -9.427  1.00 17.02 ? 137 ARG A CD  1 
ATOM   1152 N NE  . ARG A 1 137 ? 2.337   -10.785 -10.584 1.00 15.86 ? 137 ARG A NE  1 
ATOM   1153 C CZ  . ARG A 1 137 ? 1.658   -9.642  -10.593 1.00 21.00 ? 137 ARG A CZ  1 
ATOM   1154 N NH1 . ARG A 1 137 ? 1.591   -8.885  -9.502  1.00 22.74 ? 137 ARG A NH1 1 
ATOM   1155 N NH2 . ARG A 1 137 ? 1.051   -9.247  -11.706 1.00 20.39 ? 137 ARG A NH2 1 
ATOM   1156 N N   . TRP A 1 138 ? 6.263   -8.720  -6.637  1.00 10.72 ? 138 TRP A N   1 
ATOM   1157 C CA  . TRP A 1 138 ? 6.114   -7.307  -6.277  1.00 10.27 ? 138 TRP A CA  1 
ATOM   1158 C C   . TRP A 1 138 ? 7.221   -6.444  -6.874  1.00 11.99 ? 138 TRP A C   1 
ATOM   1159 O O   . TRP A 1 138 ? 6.956   -5.464  -7.578  1.00 12.75 ? 138 TRP A O   1 
ATOM   1160 C CB  . TRP A 1 138 ? 6.136   -7.207  -4.753  1.00 9.92  ? 138 TRP A CB  1 
ATOM   1161 C CG  . TRP A 1 138 ? 6.176   -5.830  -4.192  1.00 11.33 ? 138 TRP A CG  1 
ATOM   1162 C CD1 . TRP A 1 138 ? 5.289   -4.813  -4.419  1.00 13.48 ? 138 TRP A CD1 1 
ATOM   1163 C CD2 . TRP A 1 138 ? 7.133   -5.330  -3.253  1.00 9.37  ? 138 TRP A CD2 1 
ATOM   1164 N NE1 . TRP A 1 138 ? 5.653   -3.698  -3.689  1.00 12.44 ? 138 TRP A NE1 1 
ATOM   1165 C CE2 . TRP A 1 138 ? 6.777   -3.993  -2.962  1.00 9.11  ? 138 TRP A CE2 1 
ATOM   1166 C CE3 . TRP A 1 138 ? 8.264   -5.876  -2.641  1.00 9.88  ? 138 TRP A CE3 1 
ATOM   1167 C CZ2 . TRP A 1 138 ? 7.503   -3.201  -2.082  1.00 9.32  ? 138 TRP A CZ2 1 
ATOM   1168 C CZ3 . TRP A 1 138 ? 8.990   -5.087  -1.759  1.00 11.63 ? 138 TRP A CZ3 1 
ATOM   1169 C CH2 . TRP A 1 138 ? 8.610   -3.760  -1.492  1.00 11.77 ? 138 TRP A CH2 1 
ATOM   1170 N N   . TYR A 1 139 ? 8.460   -6.829  -6.586  1.00 12.42 ? 139 TYR A N   1 
ATOM   1171 C CA  . TYR A 1 139 ? 9.630   -6.101  -7.056  1.00 10.89 ? 139 TYR A CA  1 
ATOM   1172 C C   . TYR A 1 139 ? 9.712   -6.072  -8.578  1.00 14.80 ? 139 TYR A C   1 
ATOM   1173 O O   . TYR A 1 139 ? 10.062  -5.046  -9.162  1.00 16.25 ? 139 TYR A O   1 
ATOM   1174 C CB  . TYR A 1 139 ? 10.907  -6.712  -6.476  1.00 11.52 ? 139 TYR A CB  1 
ATOM   1175 C CG  . TYR A 1 139 ? 12.169  -5.974  -6.863  1.00 14.14 ? 139 TYR A CG  1 
ATOM   1176 C CD1 . TYR A 1 139 ? 12.588  -4.857  -6.153  1.00 16.76 ? 139 TYR A CD1 1 
ATOM   1177 C CD2 . TYR A 1 139 ? 12.940  -6.394  -7.938  1.00 20.63 ? 139 TYR A CD2 1 
ATOM   1178 C CE1 . TYR A 1 139 ? 13.741  -4.179  -6.502  1.00 20.32 ? 139 TYR A CE1 1 
ATOM   1179 C CE2 . TYR A 1 139 ? 14.095  -5.723  -8.295  1.00 30.91 ? 139 TYR A CE2 1 
ATOM   1180 C CZ  . TYR A 1 139 ? 14.490  -4.616  -7.574  1.00 33.80 ? 139 TYR A CZ  1 
ATOM   1181 O OH  . TYR A 1 139 ? 15.638  -3.945  -7.926  1.00 46.86 ? 139 TYR A OH  1 
ATOM   1182 N N   . ASN A 1 140 ? 9.393   -7.191  -9.223  1.00 10.07 ? 140 ASN A N   1 
ATOM   1183 C CA  . ASN A 1 140 ? 9.489   -7.244  -10.678 1.00 9.17  ? 140 ASN A CA  1 
ATOM   1184 C C   . ASN A 1 140 ? 8.405   -6.441  -11.382 1.00 11.13 ? 140 ASN A C   1 
ATOM   1185 O O   . ASN A 1 140 ? 8.649   -5.836  -12.432 1.00 15.06 ? 140 ASN A O   1 
ATOM   1186 C CB  . ASN A 1 140 ? 9.475   -8.694  -11.163 1.00 12.39 ? 140 ASN A CB  1 
ATOM   1187 C CG  . ASN A 1 140 ? 10.788  -9.390  -10.906 1.00 17.93 ? 140 ASN A CG  1 
ATOM   1188 O OD1 . ASN A 1 140 ? 10.934  -10.158 -9.944  1.00 18.01 ? 140 ASN A OD1 1 
ATOM   1189 N ND2 . ASN A 1 140 ? 11.773  -9.107  -11.754 1.00 15.31 ? 140 ASN A ND2 1 
ATOM   1190 N N   . GLN A 1 141 ? 7.207   -6.417  -10.812 1.00 10.50 ? 141 GLN A N   1 
ATOM   1191 C CA  . GLN A 1 141 ? 6.098   -5.725  -11.462 1.00 9.53  ? 141 GLN A CA  1 
ATOM   1192 C C   . GLN A 1 141 ? 6.047   -4.214  -11.184 1.00 12.30 ? 141 GLN A C   1 
ATOM   1193 O O   . GLN A 1 141 ? 5.608   -3.440  -12.037 1.00 14.86 ? 141 GLN A O   1 
ATOM   1194 C CB  . GLN A 1 141 ? 4.760   -6.376  -11.101 1.00 12.55 ? 141 GLN A CB  1 
ATOM   1195 C CG  . GLN A 1 141 ? 4.684   -7.862  -11.432 1.00 15.55 ? 141 GLN A CG  1 
ATOM   1196 C CD  . GLN A 1 141 ? 4.815   -8.149  -12.921 1.00 18.50 ? 141 GLN A CD  1 
ATOM   1197 O OE1 . GLN A 1 141 ? 4.174   -7.488  -13.756 1.00 19.55 ? 141 GLN A OE1 1 
ATOM   1198 N NE2 . GLN A 1 141 ? 5.657   -9.125  -13.265 1.00 13.46 ? 141 GLN A NE2 1 
ATOM   1199 N N   . THR A 1 142 ? 6.489   -3.795  -10.002 1.00 12.21 ? 142 THR A N   1 
ATOM   1200 C CA  . THR A 1 142 ? 6.573   -2.360  -9.682  1.00 12.68 ? 142 THR A CA  1 
ATOM   1201 C C   . THR A 1 142 ? 7.954   -2.077  -9.098  1.00 13.23 ? 142 THR A C   1 
ATOM   1202 O O   . THR A 1 142 ? 8.094   -1.812  -7.904  1.00 13.20 ? 142 THR A O   1 
ATOM   1203 C CB  . THR A 1 142 ? 5.460   -1.885  -8.701  1.00 12.99 ? 142 THR A CB  1 
ATOM   1204 O OG1 . THR A 1 142 ? 5.452   -2.718  -7.532  1.00 15.48 ? 142 THR A OG1 1 
ATOM   1205 C CG2 . THR A 1 142 ? 4.084   -1.956  -9.362  1.00 11.85 ? 142 THR A CG2 1 
ATOM   1206 N N   . PRO A 1 143 ? 8.990   -2.141  -9.944  1.00 11.39 ? 143 PRO A N   1 
ATOM   1207 C CA  . PRO A 1 143 ? 10.351  -2.084  -9.403  1.00 12.46 ? 143 PRO A CA  1 
ATOM   1208 C C   . PRO A 1 143 ? 10.721  -0.723  -8.832  1.00 11.61 ? 143 PRO A C   1 
ATOM   1209 O O   . PRO A 1 143 ? 11.461  -0.670  -7.864  1.00 12.53 ? 143 PRO A O   1 
ATOM   1210 C CB  . PRO A 1 143 ? 11.233  -2.421  -10.619 1.00 14.95 ? 143 PRO A CB  1 
ATOM   1211 C CG  . PRO A 1 143 ? 10.366  -2.137  -11.814 1.00 14.40 ? 143 PRO A CG  1 
ATOM   1212 C CD  . PRO A 1 143 ? 8.970   -2.446  -11.389 1.00 12.82 ? 143 PRO A CD  1 
ATOM   1213 N N   . ASN A 1 144 ? 10.239  0.371   -9.410  1.00 11.53 ? 144 ASN A N   1 
ATOM   1214 C CA  . ASN A 1 144 ? 10.654  1.660   -8.880  1.00 12.87 ? 144 ASN A CA  1 
ATOM   1215 C C   . ASN A 1 144 ? 10.077  1.907   -7.488  1.00 12.01 ? 144 ASN A C   1 
ATOM   1216 O O   . ASN A 1 144 ? 10.777  2.385   -6.594  1.00 12.25 ? 144 ASN A O   1 
ATOM   1217 C CB  . ASN A 1 144 ? 10.314  2.796   -9.846  1.00 12.88 ? 144 ASN A CB  1 
ATOM   1218 C CG  . ASN A 1 144 ? 11.232  2.808   -11.071 1.00 17.58 ? 144 ASN A CG  1 
ATOM   1219 O OD1 . ASN A 1 144 ? 12.192  2.039   -11.145 1.00 30.39 ? 144 ASN A OD1 1 
ATOM   1220 N ND2 . ASN A 1 144 ? 10.951  3.694   -12.017 1.00 28.23 ? 144 ASN A ND2 1 
ATOM   1221 N N   . ARG A 1 145 ? 8.810   1.550   -7.303  1.00 10.44 ? 145 ARG A N   1 
ATOM   1222 C CA  . ARG A 1 145 ? 8.179   1.701   -6.004  1.00 9.35  ? 145 ARG A CA  1 
ATOM   1223 C C   . ARG A 1 145 ? 8.788   0.721   -5.018  1.00 11.85 ? 145 ARG A C   1 
ATOM   1224 O O   . ARG A 1 145 ? 9.071   1.073   -3.876  1.00 11.07 ? 145 ARG A O   1 
ATOM   1225 C CB  . ARG A 1 145 ? 6.687   1.442   -6.096  1.00 12.54 ? 145 ARG A CB  1 
ATOM   1226 C CG  . ARG A 1 145 ? 6.029   1.590   -4.737  1.00 16.70 ? 145 ARG A CG  1 
ATOM   1227 C CD  . ARG A 1 145 ? 4.618   1.217   -4.834  1.00 23.06 ? 145 ARG A CD  1 
ATOM   1228 N NE  . ARG A 1 145 ? 3.923   1.415   -3.575  1.00 12.90 ? 145 ARG A NE  1 
ATOM   1229 C CZ  . ARG A 1 145 ? 2.613   1.571   -3.526  1.00 12.22 ? 145 ARG A CZ  1 
ATOM   1230 N NH1 . ARG A 1 145 ? 1.928   1.551   -4.664  1.00 16.80 ? 145 ARG A NH1 1 
ATOM   1231 N NH2 . ARG A 1 145 ? 1.999   1.726   -2.369  1.00 10.11 ? 145 ARG A NH2 1 
ATOM   1232 N N   . ALA A 1 146 ? 8.982   -0.524  -5.450  1.00 10.64 ? 146 ALA A N   1 
ATOM   1233 C CA  . ALA A 1 146 ? 9.570   -1.521  -4.561  1.00 8.73  ? 146 ALA A CA  1 
ATOM   1234 C C   . ALA A 1 146 ? 10.964  -1.096  -4.121  1.00 11.36 ? 146 ALA A C   1 
ATOM   1235 O O   . ALA A 1 146 ? 11.325  -1.263  -2.958  1.00 12.80 ? 146 ALA A O   1 
ATOM   1236 C CB  . ALA A 1 146 ? 9.601   -2.915  -5.225  1.00 11.85 ? 146 ALA A CB  1 
ATOM   1237 N N   . LYS A 1 147 ? 11.750  -0.531  -5.038  1.00 9.97  ? 147 LYS A N   1 
ATOM   1238 C CA  . LYS A 1 147 ? 13.081  -0.062  -4.676  1.00 10.87 ? 147 LYS A CA  1 
ATOM   1239 C C   . LYS A 1 147 ? 13.007  1.028   -3.608  1.00 10.37 ? 147 LYS A C   1 
ATOM   1240 O O   . LYS A 1 147 ? 13.827  1.047   -2.693  1.00 12.52 ? 147 LYS A O   1 
ATOM   1241 C CB  . LYS A 1 147 ? 13.857  0.430   -5.903  1.00 12.86 ? 147 LYS A CB  1 
ATOM   1242 C CG  . LYS A 1 147 ? 14.267  -0.675  -6.851  1.00 16.25 ? 147 LYS A CG  1 
ATOM   1243 C CD  . LYS A 1 147 ? 14.917  -0.086  -8.105  1.00 23.52 ? 147 LYS A CD  1 
ATOM   1244 C CE  . LYS A 1 147 ? 15.139  -1.152  -9.167  1.00 34.43 ? 147 LYS A CE  1 
ATOM   1245 N N   . ARG A 1 148 ? 12.029  1.923   -3.708  1.00 10.58 ? 148 ARG A N   1 
ATOM   1246 C CA  . ARG A 1 148 ? 11.891  2.978   -2.691  1.00 9.87  ? 148 ARG A CA  1 
ATOM   1247 C C   . ARG A 1 148 ? 11.546  2.388   -1.335  1.00 10.89 ? 148 ARG A C   1 
ATOM   1248 O O   . ARG A 1 148 ? 12.130  2.761   -0.321  1.00 10.76 ? 148 ARG A O   1 
ATOM   1249 C CB  . ARG A 1 148 ? 10.841  4.020   -3.091  1.00 10.49 ? 148 ARG A CB  1 
ATOM   1250 C CG  . ARG A 1 148 ? 11.276  4.901   -4.252  1.00 12.77 ? 148 ARG A CG  1 
ATOM   1251 C CD  . ARG A 1 148 ? 10.344  6.110   -4.401  1.00 9.79  ? 148 ARG A CD  1 
ATOM   1252 N NE  . ARG A 1 148 ? 8.998   5.750   -4.854  1.00 11.33 ? 148 ARG A NE  1 
ATOM   1253 C CZ  . ARG A 1 148 ? 8.655   5.583   -6.133  1.00 15.19 ? 148 ARG A CZ  1 
ATOM   1254 N NH1 . ARG A 1 148 ? 9.563   5.734   -7.102  1.00 13.28 ? 148 ARG A NH1 1 
ATOM   1255 N NH2 . ARG A 1 148 ? 7.405   5.266   -6.448  1.00 13.80 ? 148 ARG A NH2 1 
ATOM   1256 N N   . VAL A 1 149 ? 10.594  1.464   -1.327  1.00 10.16 ? 149 VAL A N   1 
ATOM   1257 C CA  . VAL A 1 149 ? 10.141  0.851   -0.082  1.00 7.74  ? 149 VAL A CA  1 
ATOM   1258 C C   . VAL A 1 149 ? 11.282  0.029   0.521   1.00 8.22  ? 149 VAL A C   1 
ATOM   1259 O O   . VAL A 1 149 ? 11.552  0.090   1.724   1.00 11.36 ? 149 VAL A O   1 
ATOM   1260 C CB  . VAL A 1 149 ? 8.912   -0.026  -0.353  1.00 8.77  ? 149 VAL A CB  1 
ATOM   1261 C CG1 . VAL A 1 149 ? 8.557   -0.861  0.885   1.00 12.81 ? 149 VAL A CG1 1 
ATOM   1262 C CG2 . VAL A 1 149 ? 7.747   0.863   -0.766  1.00 10.35 ? 149 VAL A CG2 1 
ATOM   1263 N N   . ILE A 1 150 ? 11.971  -0.736  -0.319  1.00 10.49 ? 150 ILE A N   1 
ATOM   1264 C CA  . ILE A 1 150 ? 13.090  -1.541  0.161   1.00 10.29 ? 150 ILE A CA  1 
ATOM   1265 C C   . ILE A 1 150 ? 14.223  -0.681  0.718   1.00 11.70 ? 150 ILE A C   1 
ATOM   1266 O O   . ILE A 1 150 ? 14.819  -1.022  1.733   1.00 12.37 ? 150 ILE A O   1 
ATOM   1267 C CB  . ILE A 1 150 ? 13.620  -2.483  -0.939  1.00 10.42 ? 150 ILE A CB  1 
ATOM   1268 C CG1 . ILE A 1 150 ? 12.553  -3.532  -1.251  1.00 11.51 ? 150 ILE A CG1 1 
ATOM   1269 C CG2 . ILE A 1 150 ? 14.934  -3.139  -0.497  1.00 14.47 ? 150 ILE A CG2 1 
ATOM   1270 C CD1 . ILE A 1 150 ? 12.848  -4.425  -2.465  1.00 11.52 ? 150 ILE A CD1 1 
ATOM   1271 N N   . THR A 1 151 ? 14.517  0.438   0.058   1.00 11.14 ? 151 THR A N   1 
ATOM   1272 C CA  . THR A 1 151 ? 15.544  1.346   0.564   1.00 12.86 ? 151 THR A CA  1 
ATOM   1273 C C   . THR A 1 151 ? 15.161  1.876   1.937   1.00 11.93 ? 151 THR A C   1 
ATOM   1274 O O   . THR A 1 151 ? 16.016  2.070   2.803   1.00 13.44 ? 151 THR A O   1 
ATOM   1275 C CB  . THR A 1 151 ? 15.762  2.520   -0.396  1.00 14.60 ? 151 THR A CB  1 
ATOM   1276 O OG1 . THR A 1 151 ? 16.464  2.035   -1.543  1.00 16.68 ? 151 THR A OG1 1 
ATOM   1277 C CG2 . THR A 1 151 ? 16.597  3.614   0.266   1.00 17.31 ? 151 THR A CG2 1 
ATOM   1278 N N   . THR A 1 152 ? 13.869  2.118   2.124   1.00 10.01 ? 152 THR A N   1 
ATOM   1279 C CA  . THR A 1 152 ? 13.361  2.601   3.395   1.00 9.32  ? 152 THR A CA  1 
ATOM   1280 C C   . THR A 1 152 ? 13.576  1.539   4.479   1.00 11.63 ? 152 THR A C   1 
ATOM   1281 O O   . THR A 1 152 ? 13.989  1.862   5.587   1.00 13.22 ? 152 THR A O   1 
ATOM   1282 C CB  . THR A 1 152 ? 11.886  3.013   3.276   1.00 9.89  ? 152 THR A CB  1 
ATOM   1283 O OG1 . THR A 1 152 ? 11.760  3.930   2.179   1.00 11.59 ? 152 THR A OG1 1 
ATOM   1284 C CG2 . THR A 1 152 ? 11.401  3.690   4.549   1.00 12.56 ? 152 THR A CG2 1 
ATOM   1285 N N   . PHE A 1 153 ? 13.301  0.274   4.157   1.00 11.81 ? 153 PHE A N   1 
ATOM   1286 C CA  . PHE A 1 153 ? 13.595  -0.813  5.104   1.00 10.50 ? 153 PHE A CA  1 
ATOM   1287 C C   . PHE A 1 153 ? 15.102  -0.976  5.339   1.00 14.88 ? 153 PHE A C   1 
ATOM   1288 O O   . PHE A 1 153 ? 15.549  -1.260  6.459   1.00 15.74 ? 153 PHE A O   1 
ATOM   1289 C CB  . PHE A 1 153 ? 13.048  -2.164  4.601   1.00 10.30 ? 153 PHE A CB  1 
ATOM   1290 C CG  . PHE A 1 153 ? 11.585  -2.401  4.874   1.00 10.70 ? 153 PHE A CG  1 
ATOM   1291 C CD1 . PHE A 1 153 ? 11.073  -2.337  6.169   1.00 11.29 ? 153 PHE A CD1 1 
ATOM   1292 C CD2 . PHE A 1 153 ? 10.732  -2.772  3.845   1.00 12.86 ? 153 PHE A CD2 1 
ATOM   1293 C CE1 . PHE A 1 153 ? 9.730   -2.605  6.425   1.00 13.25 ? 153 PHE A CE1 1 
ATOM   1294 C CE2 . PHE A 1 153 ? 9.386   -3.041  4.094   1.00 13.16 ? 153 PHE A CE2 1 
ATOM   1295 C CZ  . PHE A 1 153 ? 8.884   -2.950  5.388   1.00 12.11 ? 153 PHE A CZ  1 
ATOM   1296 N N   . ARG A 1 154 ? 15.893  -0.838  4.284   1.00 11.70 ? 154 ARG A N   1 
ATOM   1297 C CA  . ARG A 1 154 ? 17.328  -1.070  4.413   1.00 12.62 ? 154 ARG A CA  1 
ATOM   1298 C C   . ARG A 1 154 ? 17.989  -0.024  5.312   1.00 14.60 ? 154 ARG A C   1 
ATOM   1299 O O   . ARG A 1 154 ? 18.839  -0.361  6.144   1.00 16.35 ? 154 ARG A O   1 
ATOM   1300 C CB  . ARG A 1 154 ? 17.998  -1.106  3.040   1.00 13.12 ? 154 ARG A CB  1 
ATOM   1301 C CG  . ARG A 1 154 ? 19.470  -1.508  3.095   1.00 14.97 ? 154 ARG A CG  1 
ATOM   1302 C CD  . ARG A 1 154 ? 20.119  -1.559  1.706   1.00 18.74 ? 154 ARG A CD  1 
ATOM   1303 N NE  . ARG A 1 154 ? 19.905  -0.336  0.927   1.00 22.35 ? 154 ARG A NE  1 
ATOM   1304 C CZ  . ARG A 1 154 ? 20.667  0.753   1.008   1.00 32.12 ? 154 ARG A CZ  1 
ATOM   1305 N NH1 . ARG A 1 154 ? 21.701  0.790   1.843   1.00 27.35 ? 154 ARG A NH1 1 
ATOM   1306 N NH2 . ARG A 1 154 ? 20.392  1.812   0.257   1.00 32.31 ? 154 ARG A NH2 1 
ATOM   1307 N N   . THR A 1 155 ? 17.583  1.234   5.156   1.00 13.62 ? 155 THR A N   1 
ATOM   1308 C CA  . THR A 1 155 ? 18.283  2.363   5.784   1.00 15.79 ? 155 THR A CA  1 
ATOM   1309 C C   . THR A 1 155 ? 17.579  2.985   6.980   1.00 14.88 ? 155 THR A C   1 
ATOM   1310 O O   . THR A 1 155 ? 18.222  3.613   7.824   1.00 16.29 ? 155 THR A O   1 
ATOM   1311 C CB  . THR A 1 155 ? 18.530  3.506   4.778   1.00 16.74 ? 155 THR A CB  1 
ATOM   1312 O OG1 . THR A 1 155 ? 17.272  4.102   4.409   1.00 15.00 ? 155 THR A OG1 1 
ATOM   1313 C CG2 . THR A 1 155 ? 19.241  2.988   3.537   1.00 14.38 ? 155 THR A CG2 1 
ATOM   1314 N N   . GLY A 1 156 ? 16.260  2.854   7.041   1.00 13.17 ? 156 GLY A N   1 
ATOM   1315 C CA  . GLY A 1 156 ? 15.497  3.478   8.097   1.00 13.03 ? 156 GLY A CA  1 
ATOM   1316 C C   . GLY A 1 156 ? 15.479  4.986   7.933   1.00 13.09 ? 156 GLY A C   1 
ATOM   1317 O O   . GLY A 1 156 ? 15.277  5.718   8.905   1.00 14.12 ? 156 GLY A O   1 
ATOM   1318 N N   . THR A 1 157 ? 15.716  5.443   6.704   1.00 13.54 ? 157 THR A N   1 
ATOM   1319 C CA  . THR A 1 157 ? 15.659  6.858   6.368   1.00 13.83 ? 157 THR A CA  1 
ATOM   1320 C C   . THR A 1 157 ? 14.693  7.074   5.218   1.00 12.22 ? 157 THR A C   1 
ATOM   1321 O O   . THR A 1 157 ? 14.261  6.124   4.574   1.00 13.17 ? 157 THR A O   1 
ATOM   1322 C CB  . THR A 1 157 ? 17.013  7.394   5.874   1.00 12.55 ? 157 THR A CB  1 
ATOM   1323 O OG1 . THR A 1 157 ? 17.278  6.908   4.548   1.00 16.48 ? 157 THR A OG1 1 
ATOM   1324 C CG2 . THR A 1 157 ? 18.140  6.977   6.805   1.00 15.67 ? 157 THR A CG2 1 
ATOM   1325 N N   . TRP A 1 158 ? 14.391  8.337   4.951   1.00 12.70 ? 158 TRP A N   1 
ATOM   1326 C CA  . TRP A 1 158 ? 13.527  8.705   3.839   1.00 11.50 ? 158 TRP A CA  1 
ATOM   1327 C C   . TRP A 1 158 ? 14.308  9.060   2.579   1.00 12.53 ? 158 TRP A C   1 
ATOM   1328 O O   . TRP A 1 158 ? 13.783  9.734   1.694   1.00 13.98 ? 158 TRP A O   1 
ATOM   1329 C CB  . TRP A 1 158 ? 12.670  9.907   4.231   1.00 10.78 ? 158 TRP A CB  1 
ATOM   1330 C CG  . TRP A 1 158 ? 11.674  9.619   5.291   1.00 13.40 ? 158 TRP A CG  1 
ATOM   1331 C CD1 . TRP A 1 158 ? 11.690  10.057  6.582   1.00 14.06 ? 158 TRP A CD1 1 
ATOM   1332 C CD2 . TRP A 1 158 ? 10.489  8.829   5.145   1.00 13.66 ? 158 TRP A CD2 1 
ATOM   1333 N NE1 . TRP A 1 158 ? 10.581  9.588   7.253   1.00 13.75 ? 158 TRP A NE1 1 
ATOM   1334 C CE2 . TRP A 1 158 ? 9.829   8.830   6.391   1.00 12.28 ? 158 TRP A CE2 1 
ATOM   1335 C CE3 . TRP A 1 158 ? 9.923   8.118   4.080   1.00 13.13 ? 158 TRP A CE3 1 
ATOM   1336 C CZ2 . TRP A 1 158 ? 8.627   8.155   6.601   1.00 14.27 ? 158 TRP A CZ2 1 
ATOM   1337 C CZ3 . TRP A 1 158 ? 8.736   7.446   4.287   1.00 14.60 ? 158 TRP A CZ3 1 
ATOM   1338 C CH2 . TRP A 1 158 ? 8.097   7.470   5.537   1.00 14.33 ? 158 TRP A CH2 1 
ATOM   1339 N N   . ASP A 1 159 ? 15.553  8.612   2.492   1.00 14.79 ? 159 ASP A N   1 
ATOM   1340 C CA  . ASP A 1 159 ? 16.408  8.973   1.362   1.00 15.87 ? 159 ASP A CA  1 
ATOM   1341 C C   . ASP A 1 159 ? 15.780  8.709   -0.012  1.00 15.67 ? 159 ASP A C   1 
ATOM   1342 O O   . ASP A 1 159 ? 15.999  9.471   -0.956  1.00 17.52 ? 159 ASP A O   1 
ATOM   1343 C CB  . ASP A 1 159 ? 17.757  8.272   1.470   1.00 18.15 ? 159 ASP A CB  1 
ATOM   1344 C CG  . ASP A 1 159 ? 18.643  8.878   2.544   1.00 33.24 ? 159 ASP A CG  1 
ATOM   1345 O OD1 . ASP A 1 159 ? 18.178  9.786   3.266   1.00 28.45 ? 159 ASP A OD1 1 
ATOM   1346 O OD2 . ASP A 1 159 ? 19.803  8.439   2.668   1.00 34.39 ? 159 ASP A OD2 1 
ATOM   1347 N N   . ALA A 1 160 ? 15.004  7.634   -0.134  1.00 12.40 ? 160 ALA A N   1 
ATOM   1348 C CA  . ALA A 1 160 ? 14.407  7.289   -1.422  1.00 12.98 ? 160 ALA A CA  1 
ATOM   1349 C C   . ALA A 1 160 ? 13.239  8.185   -1.814  1.00 15.66 ? 160 ALA A C   1 
ATOM   1350 O O   . ALA A 1 160 ? 12.818  8.169   -2.971  1.00 21.14 ? 160 ALA A O   1 
ATOM   1351 C CB  . ALA A 1 160 ? 13.958  5.816   -1.431  1.00 15.24 ? 160 ALA A CB  1 
ATOM   1352 N N   . TYR A 1 161 ? 12.711  8.946   -0.861  1.00 13.12 ? 161 TYR A N   1 
ATOM   1353 C CA  . TYR A 1 161 ? 11.528  9.779   -1.091  1.00 15.67 ? 161 TYR A CA  1 
ATOM   1354 C C   . TYR A 1 161 ? 11.824  11.270  -1.024  1.00 24.96 ? 161 TYR A C   1 
ATOM   1355 O O   . TYR A 1 161 ? 11.070  12.072  -1.567  1.00 23.66 ? 161 TYR A O   1 
ATOM   1356 C CB  . TYR A 1 161 ? 10.429  9.459   -0.076  1.00 15.32 ? 161 TYR A CB  1 
ATOM   1357 C CG  . TYR A 1 161 ? 9.756   8.135   -0.324  1.00 10.95 ? 161 TYR A CG  1 
ATOM   1358 C CD1 . TYR A 1 161 ? 10.268  6.969   0.225   1.00 13.04 ? 161 TYR A CD1 1 
ATOM   1359 C CD2 . TYR A 1 161 ? 8.627   8.047   -1.128  1.00 10.84 ? 161 TYR A CD2 1 
ATOM   1360 C CE1 . TYR A 1 161 ? 9.674   5.752   -0.015  1.00 11.52 ? 161 TYR A CE1 1 
ATOM   1361 C CE2 . TYR A 1 161 ? 8.022   6.828   -1.374  1.00 10.02 ? 161 TYR A CE2 1 
ATOM   1362 C CZ  . TYR A 1 161 ? 8.557   5.679   -0.804  1.00 9.62  ? 161 TYR A CZ  1 
ATOM   1363 O OH  . TYR A 1 161 ? 7.974   4.452   -1.024  1.00 11.53 ? 161 TYR A OH  1 
ATOM   1364 N N   . LYS A 1 162 ? 12.896  11.643  -0.334  0.70 20.30 ? 162 LYS A N   1 
ATOM   1365 C CA  . LYS A 1 162 ? 13.145  13.055  -0.049  0.70 35.83 ? 162 LYS A CA  1 
ATOM   1366 C C   . LYS A 1 162 ? 13.100  13.930  -1.298  0.70 36.83 ? 162 LYS A C   1 
ATOM   1367 O O   . LYS A 1 162 ? 12.467  14.986  -1.297  0.70 46.14 ? 162 LYS A O   1 
ATOM   1368 C CB  . LYS A 1 162 ? 14.455  13.245  0.717   0.70 28.90 ? 162 LYS A CB  1 
ATOM   1369 C CG  . LYS A 1 162 ? 14.303  13.068  2.220   0.70 31.15 ? 162 LYS A CG  1 
ATOM   1370 N N   . ASN A 1 163 ? 13.757  13.486  -2.364  0.70 31.21 ? 163 ASN A N   1 
ATOM   1371 C CA  . ASN A 1 163 ? 13.677  14.179  -3.642  0.70 36.56 ? 163 ASN A CA  1 
ATOM   1372 C C   . ASN A 1 163 ? 12.320  13.971  -4.318  0.70 45.73 ? 163 ASN A C   1 
ATOM   1373 O O   . ASN A 1 163 ? 11.864  14.816  -5.091  0.70 37.98 ? 163 ASN A O   1 
ATOM   1374 C CB  . ASN A 1 163 ? 14.801  13.711  -4.570  0.70 41.80 ? 163 ASN A CB  1 
ATOM   1375 N N   . LEU A 1 164 ? 11.690  12.839  -3.997  0.70 44.91 ? 164 LEU A N   1 
ATOM   1376 C CA  . LEU A 1 164 ? 10.438  12.371  -4.606  0.70 38.89 ? 164 LEU A CA  1 
ATOM   1377 C C   . LEU A 1 164 ? 10.691  11.292  -5.662  0.70 39.13 ? 164 LEU A C   1 
ATOM   1378 O O   . LEU A 1 164 ? 10.481  10.101  -5.411  0.70 36.21 ? 164 LEU A O   1 
ATOM   1379 C CB  . LEU A 1 164 ? 9.605   13.518  -5.188  0.70 36.91 ? 164 LEU A CB  1 
ATOM   1380 C CG  . LEU A 1 164 ? 8.507   14.088  -4.286  0.70 26.32 ? 164 LEU A CG  1 
ATOM   1381 C CD1 . LEU A 1 164 ? 9.084   14.597  -2.967  0.70 25.29 ? 164 LEU A CD1 1 
ATOM   1382 C CD2 . LEU A 1 164 ? 7.732   15.181  -5.003  0.70 43.19 ? 164 LEU A CD2 1 
HETATM 1383 C CAA A 3GY B 2 .   ? 7.420   -7.829  4.891   0.60 21.94 ? 200 3GY A CAA 1 
HETATM 1384 C CAA B 3GY B 2 .   ? 7.434   -8.406  4.270   0.40 20.48 ? 200 3GY A CAA 1 
HETATM 1385 C CAH A 3GY B 2 .   ? 5.924   -7.561  4.679   0.60 19.54 ? 200 3GY A CAH 1 
HETATM 1386 C CAH B 3GY B 2 .   ? 6.312   -7.935  5.198   0.40 23.12 ? 200 3GY A CAH 1 
HETATM 1387 C CAJ A 3GY B 2 .   ? 5.499   -6.179  5.193   0.60 14.90 ? 200 3GY A CAJ 1 
HETATM 1388 C CAJ B 3GY B 2 .   ? 6.806   -6.778  6.066   0.40 23.70 ? 200 3GY A CAJ 1 
HETATM 1389 C CAB A 3GY B 2 .   ? 4.013   -5.931  4.908   0.60 16.78 ? 200 3GY A CAB 1 
HETATM 1390 C CAB B 3GY B 2 .   ? 7.261   -5.623  5.183   0.40 20.49 ? 200 3GY A CAB 1 
HETATM 1391 C CAI A 3GY B 2 .   ? 5.758   -6.041  6.701   0.60 16.50 ? 200 3GY A CAI 1 
HETATM 1392 C CAI B 3GY B 2 .   ? 5.694   -6.304  7.005   0.40 16.29 ? 200 3GY A CAI 1 
HETATM 1393 C CAF A 3GY B 2 .   ? 4.692   -6.087  7.596   0.60 18.01 ? 200 3GY A CAF 1 
HETATM 1394 C CAF B 3GY B 2 .   ? 4.434   -5.989  6.505   0.40 21.01 ? 200 3GY A CAF 1 
HETATM 1395 C CAD A 3GY B 2 .   ? 4.923   -5.956  8.963   0.60 15.98 ? 200 3GY A CAD 1 
HETATM 1396 C CAD B 3GY B 2 .   ? 3.431   -5.559  7.368   0.40 19.86 ? 200 3GY A CAD 1 
HETATM 1397 C CAC A 3GY B 2 .   ? 6.219   -5.776  9.437   0.60 16.36 ? 200 3GY A CAC 1 
HETATM 1398 C CAC B 3GY B 2 .   ? 3.683   -5.441  8.729   0.40 17.93 ? 200 3GY A CAC 1 
HETATM 1399 C CAE A 3GY B 2 .   ? 7.283   -5.728  8.548   0.60 15.58 ? 200 3GY A CAE 1 
HETATM 1400 C CAE B 3GY B 2 .   ? 4.941   -5.754  9.228   0.40 16.18 ? 200 3GY A CAE 1 
HETATM 1401 C CAG A 3GY B 2 .   ? 7.049   -5.851  7.180   0.60 15.46 ? 200 3GY A CAG 1 
HETATM 1402 C CAG B 3GY B 2 .   ? 5.946   -6.184  8.367   0.40 16.65 ? 200 3GY A CAG 1 
HETATM 1403 N N1  . EPE C 3 .   ? -6.040  -3.934  -1.257  1.00 28.62 ? 201 EPE A N1  1 
HETATM 1404 C C2  . EPE C 3 .   ? -5.575  -3.400  0.031   1.00 23.77 ? 201 EPE A C2  1 
HETATM 1405 C C3  . EPE C 3 .   ? -5.909  -1.912  0.118   1.00 23.26 ? 201 EPE A C3  1 
HETATM 1406 N N4  . EPE C 3 .   ? -5.449  -1.183  -1.047  1.00 20.28 ? 201 EPE A N4  1 
HETATM 1407 C C5  . EPE C 3 .   ? -5.634  -1.799  -2.352  1.00 21.17 ? 201 EPE A C5  1 
HETATM 1408 C C6  . EPE C 3 .   ? -5.296  -3.285  -2.346  1.00 23.93 ? 201 EPE A C6  1 
HETATM 1409 C C7  . EPE C 3 .   ? -5.504  0.270   -0.991  1.00 18.85 ? 201 EPE A C7  1 
HETATM 1410 C C8  . EPE C 3 .   ? -6.912  0.785   -0.714  1.00 21.63 ? 201 EPE A C8  1 
HETATM 1411 O O8  . EPE C 3 .   ? -7.805  0.219   -1.648  1.00 15.88 ? 201 EPE A O8  1 
HETATM 1412 C C9  . EPE C 3 .   ? -5.787  -5.382  -1.300  1.00 34.64 ? 201 EPE A C9  1 
HETATM 1413 C C10 . EPE C 3 .   ? -7.024  -6.107  -0.794  1.00 47.74 ? 201 EPE A C10 1 
HETATM 1414 S S   . EPE C 3 .   ? -7.032  -7.852  -1.274  1.00 48.34 ? 201 EPE A S   1 
HETATM 1415 O O1S . EPE C 3 .   ? -5.676  -8.391  -1.189  1.00 43.82 ? 201 EPE A O1S 1 
HETATM 1416 O O2S . EPE C 3 .   ? -7.510  -7.974  -2.650  1.00 46.90 ? 201 EPE A O2S 1 
HETATM 1417 O O3S . EPE C 3 .   ? -7.913  -8.582  -0.367  1.00 64.00 ? 201 EPE A O3S 1 
HETATM 1418 O O   . HOH D 4 .   ? 13.694  0.270   -11.710 0.50 24.60 ? 301 HOH A O   1 
HETATM 1419 O O   . HOH D 4 .   ? 19.419  -14.207 7.612   1.00 45.51 ? 302 HOH A O   1 
HETATM 1420 O O   . HOH D 4 .   ? -2.392  13.304  0.695   1.00 26.65 ? 303 HOH A O   1 
HETATM 1421 O O   A HOH D 4 .   ? 22.417  -15.772 13.976  0.50 31.12 ? 304 HOH A O   1 
HETATM 1422 O O   . HOH D 4 .   ? 8.005   -7.508  18.480  1.00 28.03 ? 305 HOH A O   1 
HETATM 1423 O O   . HOH D 4 .   ? 21.035  -0.134  7.514   1.00 19.50 ? 306 HOH A O   1 
HETATM 1424 O O   . HOH D 4 .   ? -14.963 -1.665  -3.255  1.00 29.10 ? 307 HOH A O   1 
HETATM 1425 O O   A HOH D 4 .   ? 3.096   -13.301 -1.093  0.60 26.68 ? 308 HOH A O   1 
HETATM 1426 O O   A HOH D 4 .   ? -23.264 7.209   -10.277 0.50 19.44 ? 309 HOH A O   1 
HETATM 1427 O O   . HOH D 4 .   ? -16.917 7.466   4.824   1.00 16.90 ? 310 HOH A O   1 
HETATM 1428 O O   . HOH D 4 .   ? -8.433  18.894  -0.293  1.00 38.53 ? 311 HOH A O   1 
HETATM 1429 O O   . HOH D 4 .   ? 22.921  -0.915  3.844   1.00 28.98 ? 312 HOH A O   1 
HETATM 1430 O O   . HOH D 4 .   ? -4.905  18.744  0.238   0.50 28.33 ? 313 HOH A O   1 
HETATM 1431 O O   . HOH D 4 .   ? -14.562 0.987   -1.792  1.00 31.27 ? 314 HOH A O   1 
HETATM 1432 O O   . HOH D 4 .   ? 19.985  -10.479 13.949  1.00 30.34 ? 315 HOH A O   1 
HETATM 1433 O O   . HOH D 4 .   ? 5.760   18.010  5.283   1.00 35.74 ? 316 HOH A O   1 
HETATM 1434 O O   . HOH D 4 .   ? -9.312  16.845  3.017   1.00 30.96 ? 317 HOH A O   1 
HETATM 1435 O O   . HOH D 4 .   ? -14.938 8.108   7.732   1.00 24.39 ? 318 HOH A O   1 
HETATM 1436 O O   . HOH D 4 .   ? -11.151 14.866  3.273   1.00 23.80 ? 319 HOH A O   1 
HETATM 1437 O O   . HOH D 4 .   ? 2.948   -10.785 -3.552  1.00 32.09 ? 320 HOH A O   1 
HETATM 1438 O O   . HOH D 4 .   ? 13.272  -7.349  16.906  1.00 26.44 ? 321 HOH A O   1 
HETATM 1439 O O   . HOH D 4 .   ? -1.223  -4.828  -15.815 1.00 18.65 ? 322 HOH A O   1 
HETATM 1440 O O   . HOH D 4 .   ? 14.643  4.927   11.603  1.00 18.13 ? 323 HOH A O   1 
HETATM 1441 O O   . HOH D 4 .   ? 5.233   -3.167  -14.713 1.00 19.62 ? 324 HOH A O   1 
HETATM 1442 O O   . HOH D 4 .   ? -0.596  -7.215  -14.104 1.00 33.08 ? 325 HOH A O   1 
HETATM 1443 O O   . HOH D 4 .   ? 11.098  -5.352  -13.526 1.00 16.84 ? 326 HOH A O   1 
HETATM 1444 O O   . HOH D 4 .   ? -9.248  7.840   -15.915 1.00 29.47 ? 327 HOH A O   1 
HETATM 1445 O O   . HOH D 4 .   ? 9.553   -15.329 2.122   1.00 22.67 ? 328 HOH A O   1 
HETATM 1446 O O   . HOH D 4 .   ? -24.307 9.853   2.092   1.00 35.35 ? 329 HOH A O   1 
HETATM 1447 O O   . HOH D 4 .   ? -25.350 4.110   -7.624  1.00 40.22 ? 330 HOH A O   1 
HETATM 1448 O O   . HOH D 4 .   ? -21.150 11.943  0.147   1.00 29.76 ? 331 HOH A O   1 
HETATM 1449 O O   . HOH D 4 .   ? 11.398  -15.591 -4.026  1.00 24.72 ? 332 HOH A O   1 
HETATM 1450 O O   . HOH D 4 .   ? -11.819 -1.948  -20.007 0.50 29.86 ? 333 HOH A O   1 
HETATM 1451 O O   . HOH D 4 .   ? 15.497  8.170   10.160  1.00 19.48 ? 334 HOH A O   1 
HETATM 1452 O O   . HOH D 4 .   ? -5.324  10.962  9.138   1.00 17.34 ? 335 HOH A O   1 
HETATM 1453 O O   . HOH D 4 .   ? -3.280  -8.108  -13.525 1.00 35.87 ? 336 HOH A O   1 
HETATM 1454 O O   . HOH D 4 .   ? 6.748   15.648  6.654   1.00 29.53 ? 337 HOH A O   1 
HETATM 1455 O O   . HOH D 4 .   ? -5.868  11.785  3.730   1.00 19.22 ? 338 HOH A O   1 
HETATM 1456 O O   . HOH D 4 .   ? -9.892  0.831   10.137  0.50 30.09 ? 339 HOH A O   1 
HETATM 1457 O O   . HOH D 4 .   ? -4.537  4.273   -15.708 1.00 29.41 ? 340 HOH A O   1 
HETATM 1458 O O   . HOH D 4 .   ? 2.019   15.855  5.730   1.00 18.73 ? 341 HOH A O   1 
HETATM 1459 O O   . HOH D 4 .   ? 8.517   15.973  4.472   1.00 42.23 ? 342 HOH A O   1 
HETATM 1460 O O   . HOH D 4 .   ? -2.068  2.911   -13.446 1.00 21.83 ? 343 HOH A O   1 
HETATM 1461 O O   . HOH D 4 .   ? 10.205  -19.975 6.382   1.00 35.68 ? 344 HOH A O   1 
HETATM 1462 O O   . HOH D 4 .   ? -3.274  0.686   -16.106 1.00 19.09 ? 345 HOH A O   1 
HETATM 1463 O O   A HOH D 4 .   ? 2.784   -3.484  -12.471 0.50 17.08 ? 346 HOH A O   1 
HETATM 1464 O O   . HOH D 4 .   ? 0.435   -4.338  21.970  1.00 49.62 ? 347 HOH A O   1 
HETATM 1465 O O   A HOH D 4 .   ? 13.322  -11.406 -8.965  1.00 27.03 ? 348 HOH A O   1 
HETATM 1466 O O   A HOH D 4 .   ? 10.658  10.319  10.029  0.50 18.40 ? 349 HOH A O   1 
HETATM 1467 O O   . HOH D 4 .   ? -16.087 4.519   2.449   1.00 14.29 ? 350 HOH A O   1 
HETATM 1468 O O   . HOH D 4 .   ? -16.907 8.369   2.320   1.00 23.06 ? 351 HOH A O   1 
HETATM 1469 O O   B HOH D 4 .   ? 9.742   11.363  9.568   0.50 21.66 ? 352 HOH A O   1 
HETATM 1470 O O   . HOH D 4 .   ? -12.052 3.644   2.243   1.00 17.37 ? 353 HOH A O   1 
HETATM 1471 O O   . HOH D 4 .   ? -22.714 3.952   1.894   1.00 13.68 ? 354 HOH A O   1 
HETATM 1472 O O   . HOH D 4 .   ? -18.272 10.817  3.427   1.00 33.93 ? 355 HOH A O   1 
HETATM 1473 O O   B HOH D 4 .   ? -24.573 5.746   -2.501  0.40 23.23 ? 356 HOH A O   1 
HETATM 1474 O O   . HOH D 4 .   ? -8.043  -4.292  -17.271 1.00 27.80 ? 357 HOH A O   1 
HETATM 1475 O O   . HOH D 4 .   ? 2.807   17.384  2.011   1.00 31.28 ? 358 HOH A O   1 
HETATM 1476 O O   . HOH D 4 .   ? -8.141  9.446   -13.736 1.00 31.77 ? 359 HOH A O   1 
HETATM 1477 O O   A HOH D 4 .   ? -25.042 1.440   -7.924  0.60 29.01 ? 360 HOH A O   1 
HETATM 1478 O O   . HOH D 4 .   ? 21.081  4.241   7.648   1.00 29.05 ? 361 HOH A O   1 
HETATM 1479 O O   . HOH D 4 .   ? 18.535  4.951   10.430  1.00 34.24 ? 362 HOH A O   1 
HETATM 1480 O O   . HOH D 4 .   ? 25.048  -10.673 6.379   1.00 40.84 ? 363 HOH A O   1 
HETATM 1481 O O   . HOH D 4 .   ? 1.542   -10.432 -14.379 1.00 30.83 ? 364 HOH A O   1 
HETATM 1482 O O   . HOH D 4 .   ? 5.258   15.005  8.847   1.00 22.23 ? 365 HOH A O   1 
HETATM 1483 O O   . HOH D 4 .   ? 22.413  -2.418  7.104   1.00 20.85 ? 366 HOH A O   1 
HETATM 1484 O O   . HOH D 4 .   ? 15.374  10.502  6.759   1.00 17.38 ? 367 HOH A O   1 
HETATM 1485 O O   B HOH D 4 .   ? 2.035   -5.404  -14.080 1.00 29.25 ? 368 HOH A O   1 
HETATM 1486 O O   . HOH D 4 .   ? 17.441  -13.946 0.103   1.00 15.71 ? 369 HOH A O   1 
HETATM 1487 O O   . HOH D 4 .   ? -7.213  3.837   -17.014 1.00 27.09 ? 370 HOH A O   1 
HETATM 1488 O O   . HOH D 4 .   ? -13.145 -7.187  -6.158  1.00 31.46 ? 371 HOH A O   1 
HETATM 1489 O O   B HOH D 4 .   ? -0.884  11.769  -9.809  0.50 19.13 ? 372 HOH A O   1 
HETATM 1490 O O   . HOH D 4 .   ? 2.204   -9.272  -6.535  1.00 34.35 ? 373 HOH A O   1 
HETATM 1491 O O   B HOH D 4 .   ? 8.450   1.038   -11.842 1.00 21.11 ? 374 HOH A O   1 
HETATM 1492 O O   . HOH D 4 .   ? 5.834   2.095   19.754  1.00 38.51 ? 375 HOH A O   1 
HETATM 1493 O O   A HOH D 4 .   ? 7.011   1.117   -9.901  1.00 11.78 ? 376 HOH A O   1 
HETATM 1494 O O   . HOH D 4 .   ? -11.103 1.289   4.235   1.00 30.29 ? 377 HOH A O   1 
HETATM 1495 O O   . HOH D 4 .   ? 15.199  -3.612  -11.174 1.00 41.74 ? 378 HOH A O   1 
HETATM 1496 O O   . HOH D 4 .   ? 0.178   13.629  1.629   1.00 22.24 ? 379 HOH A O   1 
HETATM 1497 O O   . HOH D 4 .   ? 8.537   1.903   19.854  1.00 41.80 ? 380 HOH A O   1 
HETATM 1498 O O   . HOH D 4 .   ? 3.440   13.602  -1.052  1.00 28.15 ? 381 HOH A O   1 
HETATM 1499 O O   . HOH D 4 .   ? -2.397  4.291   -7.932  1.00 21.86 ? 382 HOH A O   1 
HETATM 1500 O O   . HOH D 4 .   ? -3.182  1.814   -7.170  1.00 32.70 ? 383 HOH A O   1 
HETATM 1501 O O   A HOH D 4 .   ? -1.577  0.126   -4.768  0.60 26.87 ? 384 HOH A O   1 
HETATM 1502 O O   . HOH D 4 .   ? -4.521  0.316   -4.666  1.00 31.70 ? 385 HOH A O   1 
HETATM 1503 O O   . HOH D 4 .   ? -12.980 7.095   -15.828 1.00 30.59 ? 386 HOH A O   1 
HETATM 1504 O O   . HOH D 4 .   ? -11.765 -3.974  -17.409 1.00 35.69 ? 387 HOH A O   1 
HETATM 1505 O O   . HOH D 4 .   ? -10.435 -4.047  -14.824 1.00 25.20 ? 388 HOH A O   1 
HETATM 1506 O O   . HOH D 4 .   ? -11.224 -3.859  -12.017 1.00 18.68 ? 389 HOH A O   1 
HETATM 1507 O O   . HOH D 4 .   ? -1.422  1.677   -9.560  1.00 32.42 ? 390 HOH A O   1 
HETATM 1508 O O   . HOH D 4 .   ? -5.620  -0.330  -7.010  1.00 19.60 ? 391 HOH A O   1 
HETATM 1509 O O   . HOH D 4 .   ? -3.758  -4.268  -7.359  1.00 38.85 ? 392 HOH A O   1 
HETATM 1510 O O   . HOH D 4 .   ? 1.684   -4.481  -9.540  1.00 24.94 ? 393 HOH A O   1 
HETATM 1511 O O   . HOH D 4 .   ? 0.120   -5.925  -6.521  1.00 33.83 ? 394 HOH A O   1 
HETATM 1512 O O   . HOH D 4 .   ? -8.262  7.884   -2.266  1.00 11.66 ? 395 HOH A O   1 
HETATM 1513 O O   . HOH D 4 .   ? -7.036  5.823   -0.856  1.00 12.76 ? 396 HOH A O   1 
HETATM 1514 O O   . HOH D 4 .   ? -5.900  -0.250  2.910   1.00 18.64 ? 397 HOH A O   1 
HETATM 1515 O O   . HOH D 4 .   ? -19.454 13.523  -9.167  1.00 19.66 ? 398 HOH A O   1 
HETATM 1516 O O   . HOH D 4 .   ? -23.762 13.426  -6.463  1.00 29.41 ? 399 HOH A O   1 
HETATM 1517 O O   . HOH D 4 .   ? -19.855 6.298   -9.740  1.00 17.13 ? 400 HOH A O   1 
HETATM 1518 O O   . HOH D 4 .   ? -18.946 13.653  -0.089  1.00 27.40 ? 401 HOH A O   1 
HETATM 1519 O O   . HOH D 4 .   ? -17.523 15.340  -8.278  1.00 28.00 ? 402 HOH A O   1 
HETATM 1520 O O   . HOH D 4 .   ? -16.271 17.191  -1.578  1.00 29.89 ? 403 HOH A O   1 
HETATM 1521 O O   . HOH D 4 .   ? -11.574 18.665  -6.160  1.00 23.90 ? 404 HOH A O   1 
HETATM 1522 O O   . HOH D 4 .   ? -12.331 19.022  -2.653  1.00 23.50 ? 405 HOH A O   1 
HETATM 1523 O O   . HOH D 4 .   ? -13.480 16.262  -9.409  1.00 29.92 ? 406 HOH A O   1 
HETATM 1524 O O   . HOH D 4 .   ? -8.115  -3.578  8.184   1.00 29.37 ? 407 HOH A O   1 
HETATM 1525 O O   . HOH D 4 .   ? -3.602  -13.580 12.487  1.00 35.04 ? 408 HOH A O   1 
HETATM 1526 O O   . HOH D 4 .   ? 5.977   -13.085 12.214  1.00 28.03 ? 409 HOH A O   1 
HETATM 1527 O O   . HOH D 4 .   ? 12.905  -5.138  13.682  1.00 15.96 ? 410 HOH A O   1 
HETATM 1528 O O   A HOH D 4 .   ? 4.042   -7.143  19.666  0.80 32.70 ? 411 HOH A O   1 
HETATM 1529 O O   . HOH D 4 .   ? 4.687   -1.291  -1.277  1.00 12.29 ? 412 HOH A O   1 
HETATM 1530 O O   . HOH D 4 .   ? -4.446  -2.823  3.152   1.00 21.65 ? 413 HOH A O   1 
HETATM 1531 O O   . HOH D 4 .   ? 3.690   -5.126  -7.866  1.00 19.01 ? 414 HOH A O   1 
HETATM 1532 O O   . HOH D 4 .   ? 18.900  -12.265 1.863   1.00 18.89 ? 415 HOH A O   1 
HETATM 1533 O O   . HOH D 4 .   ? 19.887  -14.063 3.919   0.60 28.63 ? 416 HOH A O   1 
HETATM 1534 O O   . HOH D 4 .   ? 20.878  -5.076  0.511   1.00 27.19 ? 417 HOH A O   1 
HETATM 1535 O O   . HOH D 4 .   ? 17.259  -5.158  -2.795  1.00 17.00 ? 418 HOH A O   1 
HETATM 1536 O O   . HOH D 4 .   ? 17.690  -9.589  -4.521  1.00 20.36 ? 419 HOH A O   1 
HETATM 1537 O O   . HOH D 4 .   ? 13.146  3.724   -7.164  1.00 17.97 ? 420 HOH A O   1 
HETATM 1538 O O   . HOH D 4 .   ? 12.380  6.438   -7.150  1.00 16.54 ? 421 HOH A O   1 
HETATM 1539 O O   . HOH D 4 .   ? 16.393  -0.523  -3.066  1.00 18.28 ? 422 HOH A O   1 
HETATM 1540 O O   . HOH D 4 .   ? 18.000  -1.145  -0.892  1.00 26.80 ? 423 HOH A O   1 
HETATM 1541 O O   . HOH D 4 .   ? 4.574   4.077   -7.489  1.00 20.60 ? 424 HOH A O   1 
HETATM 1542 O O   . HOH D 4 .   ? 14.141  7.365   -5.232  1.00 24.78 ? 425 HOH A O   1 
HETATM 1543 O O   . HOH D 4 .   ? 13.798  5.860   1.899   1.00 14.30 ? 426 HOH A O   1 
HETATM 1544 O O   . HOH D 4 .   ? 2.662   10.680  -7.227  1.00 33.35 ? 427 HOH A O   1 
HETATM 1545 O O   . HOH D 4 .   ? -3.669  7.868   -8.473  1.00 30.87 ? 428 HOH A O   1 
HETATM 1546 O O   . HOH D 4 .   ? -19.575 -2.101  -17.387 1.00 35.96 ? 429 HOH A O   1 
HETATM 1547 O O   . HOH D 4 .   ? -23.190 1.340   -11.913 1.00 35.19 ? 430 HOH A O   1 
HETATM 1548 O O   . HOH D 4 .   ? -5.838  -11.398 10.855  1.00 40.54 ? 431 HOH A O   1 
HETATM 1549 O O   . HOH D 4 .   ? 2.527   -6.764  -5.991  1.00 28.52 ? 432 HOH A O   1 
HETATM 1550 O O   . HOH D 4 .   ? 8.692   -15.027 9.712   1.00 20.78 ? 433 HOH A O   1 
HETATM 1551 O O   . HOH D 4 .   ? 9.510   6.477   -9.903  1.00 31.54 ? 434 HOH A O   1 
HETATM 1552 O O   . HOH D 4 .   ? 7.046   4.186   -9.148  1.00 27.49 ? 435 HOH A O   1 
HETATM 1553 O O   . HOH D 4 .   ? -10.120 -6.507  -14.070 1.00 34.90 ? 436 HOH A O   1 
HETATM 1554 O O   . HOH D 4 .   ? -26.424 11.400  -4.931  1.00 36.88 ? 437 HOH A O   1 
HETATM 1555 O O   . HOH D 4 .   ? -14.859 8.551   -14.536 1.00 36.00 ? 438 HOH A O   1 
HETATM 1556 O O   B HOH D 4 .   ? 14.745  -9.083  -8.339  0.80 34.47 ? 439 HOH A O   1 
HETATM 1557 O O   . HOH D 4 .   ? 14.689  3.506   -9.294  1.00 37.17 ? 440 HOH A O   1 
HETATM 1558 O O   A HOH D 4 .   ? 2.444   0.978   -7.387  1.00 27.19 ? 441 HOH A O   1 
HETATM 1559 O O   B HOH D 4 .   ? 0.935   3.474   -7.826  0.60 25.06 ? 442 HOH A O   1 
HETATM 1560 O O   B HOH D 4 .   ? -2.953  -1.735  -4.858  0.70 26.22 ? 443 HOH A O   1 
HETATM 1561 O O   . HOH D 4 .   ? -17.024 -2.508  -18.422 1.00 38.90 ? 444 HOH A O   1 
HETATM 1562 O O   . HOH D 4 .   ? -18.871 16.189  -3.150  1.00 30.05 ? 445 HOH A O   1 
HETATM 1563 O O   . HOH D 4 .   ? 1.468   -12.318 17.666  0.70 27.78 ? 446 HOH A O   1 
HETATM 1564 O O   . HOH D 4 .   ? 4.251   -15.680 7.569   1.00 38.44 ? 447 HOH A O   1 
HETATM 1565 O O   . HOH D 4 .   ? -5.749  -8.855  2.290   1.00 38.48 ? 448 HOH A O   1 
HETATM 1566 O O   A HOH D 4 .   ? -7.595  14.051  -11.658 0.50 13.07 ? 449 HOH A O   1 
HETATM 1567 O O   B HOH D 4 .   ? -7.996  13.043  -12.583 0.50 23.47 ? 450 HOH A O   1 
HETATM 1568 O O   . HOH D 4 .   ? 0.547   -2.474  -7.531  1.00 36.25 ? 451 HOH A O   1 
HETATM 1569 O O   . HOH D 4 .   ? -6.796  -7.028  -14.828 0.50 28.65 ? 452 HOH A O   1 
HETATM 1570 O O   . HOH D 4 .   ? -20.343 2.915   -17.318 0.50 29.50 ? 453 HOH A O   1 
HETATM 1571 O O   A HOH D 4 .   ? 14.828  4.208   -4.866  0.50 21.48 ? 454 HOH A O   1 
HETATM 1572 O O   B HOH D 4 .   ? 16.775  3.682   -3.694  0.50 21.86 ? 455 HOH A O   1 
HETATM 1573 O O   A HOH D 4 .   ? 0.041   13.058  -8.793  0.50 32.09 ? 456 HOH A O   1 
HETATM 1574 O O   . HOH D 4 .   ? -2.417  -13.566 7.155   0.50 33.00 ? 457 HOH A O   1 
HETATM 1575 O O   . HOH D 4 .   ? -2.255  -9.724  16.566  0.50 25.44 ? 458 HOH A O   1 
HETATM 1576 O O   . HOH D 4 .   ? 16.231  -8.548  16.568  1.00 35.82 ? 459 HOH A O   1 
# 
loop_
_pdbx_poly_seq_scheme.asym_id 
_pdbx_poly_seq_scheme.entity_id 
_pdbx_poly_seq_scheme.seq_id 
_pdbx_poly_seq_scheme.mon_id 
_pdbx_poly_seq_scheme.ndb_seq_num 
_pdbx_poly_seq_scheme.pdb_seq_num 
_pdbx_poly_seq_scheme.auth_seq_num 
_pdbx_poly_seq_scheme.pdb_mon_id 
_pdbx_poly_seq_scheme.auth_mon_id 
_pdbx_poly_seq_scheme.pdb_strand_id 
_pdbx_poly_seq_scheme.pdb_ins_code 
_pdbx_poly_seq_scheme.hetero 
A 1 1   MET 1   1   1   MET MET A . n 
A 1 2   ASN 2   2   2   ASN ASN A . n 
A 1 3   ILE 3   3   3   ILE ILE A . n 
A 1 4   PHE 4   4   4   PHE PHE A . n 
A 1 5   GLU 5   5   5   GLU GLU A . n 
A 1 6   MET 6   6   6   MET MET A . n 
A 1 7   LEU 7   7   7   LEU LEU A . n 
A 1 8   ARG 8   8   8   ARG ARG A . n 
A 1 9   ILE 9   9   9   ILE ILE A . n 
A 1 10  ASP 10  10  10  ASP ASP A . n 
A 1 11  GLU 11  11  11  GLU GLU A . n 
A 1 12  GLY 12  12  12  GLY GLY A . n 
A 1 13  LEU 13  13  13  LEU LEU A . n 
A 1 14  ARG 14  14  14  ARG ARG A . n 
A 1 15  LEU 15  15  15  LEU LEU A . n 
A 1 16  LYS 16  16  16  LYS LYS A . n 
A 1 17  ILE 17  17  17  ILE ILE A . n 
A 1 18  TYR 18  18  18  TYR TYR A . n 
A 1 19  LYS 19  19  19  LYS LYS A . n 
A 1 20  ASP 20  20  20  ASP ASP A . n 
A 1 21  THR 21  21  21  THR THR A . n 
A 1 22  GLU 22  22  22  GLU GLU A . n 
A 1 23  GLY 23  23  23  GLY GLY A . n 
A 1 24  TYR 24  24  24  TYR TYR A . n 
A 1 25  TYR 25  25  25  TYR TYR A . n 
A 1 26  THR 26  26  26  THR THR A . n 
A 1 27  ILE 27  27  27  ILE ILE A . n 
A 1 28  GLY 28  28  28  GLY GLY A . n 
A 1 29  ILE 29  29  29  ILE ILE A . n 
A 1 30  GLY 30  30  30  GLY GLY A . n 
A 1 31  HIS 31  31  31  HIS HIS A . n 
A 1 32  LEU 32  32  32  LEU LEU A . n 
A 1 33  LEU 33  33  33  LEU LEU A . n 
A 1 34  THR 34  34  34  THR THR A . n 
A 1 35  LYS 35  35  35  LYS LYS A . n 
A 1 36  SER 36  36  36  SER SER A . n 
A 1 37  PRO 37  37  37  PRO PRO A . n 
A 1 38  SER 38  38  38  SER SER A . n 
A 1 39  LEU 39  39  39  LEU LEU A . n 
A 1 40  ASN 40  40  40  ASN ASN A . n 
A 1 41  ALA 41  41  41  ALA ALA A . n 
A 1 42  ALA 42  42  42  ALA ALA A . n 
A 1 43  LYS 43  43  43  LYS LYS A . n 
A 1 44  SER 44  44  44  SER SER A . n 
A 1 45  GLU 45  45  45  GLU GLU A . n 
A 1 46  LEU 46  46  46  LEU LEU A . n 
A 1 47  ASP 47  47  47  ASP ASP A . n 
A 1 48  LYS 48  48  48  LYS LYS A . n 
A 1 49  ALA 49  49  49  ALA ALA A . n 
A 1 50  ILE 50  50  50  ILE ILE A . n 
A 1 51  GLY 51  51  51  GLY GLY A . n 
A 1 52  ARG 52  52  52  ARG ARG A . n 
A 1 53  ASN 53  53  53  ASN ASN A . n 
A 1 54  CYS 54  54  54  CYS CYS A . n 
A 1 55  ASN 55  55  55  ASN ASN A . n 
A 1 56  GLY 56  56  56  GLY GLY A . n 
A 1 57  VAL 57  57  57  VAL VAL A . n 
A 1 58  ILE 58  58  58  ILE ILE A . n 
A 1 59  THR 59  59  59  THR THR A . n 
A 1 60  LYS 60  60  60  LYS LYS A . n 
A 1 61  ASP 61  61  61  ASP ASP A . n 
A 1 62  GLU 62  62  62  GLU GLU A . n 
A 1 63  ALA 63  63  63  ALA ALA A . n 
A 1 64  GLU 64  64  64  GLU GLU A . n 
A 1 65  LYS 65  65  65  LYS LYS A . n 
A 1 66  LEU 66  66  66  LEU LEU A . n 
A 1 67  PHE 67  67  67  PHE PHE A . n 
A 1 68  ASN 68  68  68  ASN ASN A . n 
A 1 69  GLN 69  69  69  GLN GLN A . n 
A 1 70  ASP 70  70  70  ASP ASP A . n 
A 1 71  VAL 71  71  71  VAL VAL A . n 
A 1 72  ASP 72  72  72  ASP ASP A . n 
A 1 73  ALA 73  73  73  ALA ALA A . n 
A 1 74  ALA 74  74  74  ALA ALA A . n 
A 1 75  VAL 75  75  75  VAL VAL A . n 
A 1 76  ARG 76  76  76  ARG ARG A . n 
A 1 77  GLY 77  77  77  GLY GLY A . n 
A 1 78  ILE 78  78  78  ILE ILE A . n 
A 1 79  LEU 79  79  79  LEU LEU A . n 
A 1 80  ARG 80  80  80  ARG ARG A . n 
A 1 81  ASN 81  81  81  ASN ASN A . n 
A 1 82  ALA 82  82  82  ALA ALA A . n 
A 1 83  LYS 83  83  83  LYS LYS A . n 
A 1 84  LEU 84  84  84  LEU LEU A . n 
A 1 85  LYS 85  85  85  LYS LYS A . n 
A 1 86  PRO 86  86  86  PRO PRO A . n 
A 1 87  VAL 87  87  87  VAL VAL A . n 
A 1 88  TYR 88  88  88  TYR TYR A . n 
A 1 89  ASP 89  89  89  ASP ASP A . n 
A 1 90  SER 90  90  90  SER SER A . n 
A 1 91  LEU 91  91  91  LEU LEU A . n 
A 1 92  ASP 92  92  92  ASP ASP A . n 
A 1 93  ALA 93  93  93  ALA ALA A . n 
A 1 94  VAL 94  94  94  VAL VAL A . n 
A 1 95  ARG 95  95  95  ARG ARG A . n 
A 1 96  ARG 96  96  96  ARG ARG A . n 
A 1 97  CYS 97  97  97  CYS CYS A . n 
A 1 98  ALA 98  98  98  ALA ALA A . n 
A 1 99  ALA 99  99  99  ALA ALA A . n 
A 1 100 ILE 100 100 100 ILE ILE A . n 
A 1 101 ASN 101 101 101 ASN ASN A . n 
A 1 102 MET 102 102 102 MET MET A . n 
A 1 103 VAL 103 103 103 VAL VAL A . n 
A 1 104 PHE 104 104 104 PHE PHE A . n 
A 1 105 GLN 105 105 105 GLN GLN A . n 
A 1 106 MET 106 106 106 MET MET A . n 
A 1 107 GLY 107 107 107 GLY GLY A . n 
A 1 108 GLU 108 108 108 GLU GLU A . n 
A 1 109 THR 109 109 109 THR THR A . n 
A 1 110 GLY 110 110 110 GLY GLY A . n 
A 1 111 VAL 111 111 111 VAL VAL A . n 
A 1 112 ALA 112 112 112 ALA ALA A . n 
A 1 113 GLY 113 113 113 GLY GLY A . n 
A 1 114 PHE 114 114 114 PHE PHE A . n 
A 1 115 THR 115 115 115 THR THR A . n 
A 1 116 ASN 116 116 116 ASN ASN A . n 
A 1 117 SER 117 117 117 SER SER A . n 
A 1 118 LEU 118 118 118 LEU LEU A . n 
A 1 119 ARG 119 119 119 ARG ARG A . n 
A 1 120 MET 120 120 120 MET MET A . n 
A 1 121 LEU 121 121 121 LEU LEU A . n 
A 1 122 GLN 122 122 122 GLN GLN A . n 
A 1 123 GLN 123 123 123 GLN GLN A . n 
A 1 124 LYS 124 124 124 LYS LYS A . n 
A 1 125 ARG 125 125 125 ARG ARG A . n 
A 1 126 TRP 126 126 126 TRP TRP A . n 
A 1 127 ASP 127 127 127 ASP ASP A . n 
A 1 128 GLU 128 128 128 GLU GLU A . n 
A 1 129 ALA 129 129 129 ALA ALA A . n 
A 1 130 ALA 130 130 130 ALA ALA A . n 
A 1 131 VAL 131 131 131 VAL VAL A . n 
A 1 132 ASN 132 132 132 ASN ASN A . n 
A 1 133 LEU 133 133 133 LEU LEU A . n 
A 1 134 ALA 134 134 134 ALA ALA A . n 
A 1 135 LYS 135 135 135 LYS LYS A . n 
A 1 136 SER 136 136 136 SER SER A . n 
A 1 137 ARG 137 137 137 ARG ARG A . n 
A 1 138 TRP 138 138 138 TRP TRP A . n 
A 1 139 TYR 139 139 139 TYR TYR A . n 
A 1 140 ASN 140 140 140 ASN ASN A . n 
A 1 141 GLN 141 141 141 GLN GLN A . n 
A 1 142 THR 142 142 142 THR THR A . n 
A 1 143 PRO 143 143 143 PRO PRO A . n 
A 1 144 ASN 144 144 144 ASN ASN A . n 
A 1 145 ARG 145 145 145 ARG ARG A . n 
A 1 146 ALA 146 146 146 ALA ALA A . n 
A 1 147 LYS 147 147 147 LYS LYS A . n 
A 1 148 ARG 148 148 148 ARG ARG A . n 
A 1 149 VAL 149 149 149 VAL VAL A . n 
A 1 150 ILE 150 150 150 ILE ILE A . n 
A 1 151 THR 151 151 151 THR THR A . n 
A 1 152 THR 152 152 152 THR THR A . n 
A 1 153 PHE 153 153 153 PHE PHE A . n 
A 1 154 ARG 154 154 154 ARG ARG A . n 
A 1 155 THR 155 155 155 THR THR A . n 
A 1 156 GLY 156 156 156 GLY GLY A . n 
A 1 157 THR 157 157 157 THR THR A . n 
A 1 158 TRP 158 158 158 TRP TRP A . n 
A 1 159 ASP 159 159 159 ASP ASP A . n 
A 1 160 ALA 160 160 160 ALA ALA A . n 
A 1 161 TYR 161 161 161 TYR TYR A . n 
A 1 162 LYS 162 162 162 LYS LYS A . n 
A 1 163 ASN 163 163 163 ASN ASN A . n 
A 1 164 LEU 164 164 164 LEU LEU A . n 
A 1 165 LEU 165 165 ?   ?   ?   A . n 
A 1 166 GLU 166 166 ?   ?   ?   A . n 
A 1 167 HIS 167 167 ?   ?   ?   A . n 
A 1 168 HIS 168 168 ?   ?   ?   A . n 
A 1 169 HIS 169 169 ?   ?   ?   A . n 
A 1 170 HIS 170 170 ?   ?   ?   A . n 
A 1 171 HIS 171 171 ?   ?   ?   A . n 
A 1 172 HIS 172 172 ?   ?   ?   A . n 
# 
loop_
_pdbx_nonpoly_scheme.asym_id 
_pdbx_nonpoly_scheme.entity_id 
_pdbx_nonpoly_scheme.mon_id 
_pdbx_nonpoly_scheme.ndb_seq_num 
_pdbx_nonpoly_scheme.pdb_seq_num 
_pdbx_nonpoly_scheme.auth_seq_num 
_pdbx_nonpoly_scheme.pdb_mon_id 
_pdbx_nonpoly_scheme.auth_mon_id 
_pdbx_nonpoly_scheme.pdb_strand_id 
_pdbx_nonpoly_scheme.pdb_ins_code 
B 2 3GY 1   200 200 3GY DRG A . 
C 3 EPE 1   201 201 EPE EPE A . 
D 4 HOH 1   301 152 HOH HOH A . 
D 4 HOH 2   302 72  HOH HOH A . 
D 4 HOH 3   303 118 HOH HOH A . 
D 4 HOH 4   304 159 HOH HOH A . 
D 4 HOH 5   305 83  HOH HOH A . 
D 4 HOH 6   306 91  HOH HOH A . 
D 4 HOH 7   307 36  HOH HOH A . 
D 4 HOH 8   308 156 HOH HOH A . 
D 4 HOH 9   309 45  HOH HOH A . 
D 4 HOH 10  310 58  HOH HOH A . 
D 4 HOH 11  311 130 HOH HOH A . 
D 4 HOH 12  312 107 HOH HOH A . 
D 4 HOH 13  313 142 HOH HOH A . 
D 4 HOH 14  314 33  HOH HOH A . 
D 4 HOH 15  315 106 HOH HOH A . 
D 4 HOH 16  316 110 HOH HOH A . 
D 4 HOH 17  317 2   HOH HOH A . 
D 4 HOH 18  318 59  HOH HOH A . 
D 4 HOH 19  319 54  HOH HOH A . 
D 4 HOH 20  320 135 HOH HOH A . 
D 4 HOH 21  321 64  HOH HOH A . 
D 4 HOH 22  322 27  HOH HOH A . 
D 4 HOH 23  323 55  HOH HOH A . 
D 4 HOH 24  324 67  HOH HOH A . 
D 4 HOH 25  325 127 HOH HOH A . 
D 4 HOH 26  326 66  HOH HOH A . 
D 4 HOH 27  327 13  HOH HOH A . 
D 4 HOH 28  328 38  HOH HOH A . 
D 4 HOH 29  329 101 HOH HOH A . 
D 4 HOH 30  330 100 HOH HOH A . 
D 4 HOH 31  331 42  HOH HOH A . 
D 4 HOH 32  332 37  HOH HOH A . 
D 4 HOH 33  333 138 HOH HOH A . 
D 4 HOH 34  334 56  HOH HOH A . 
D 4 HOH 35  335 5   HOH HOH A . 
D 4 HOH 36  336 26  HOH HOH A . 
D 4 HOH 37  337 1   HOH HOH A . 
D 4 HOH 38  338 3   HOH HOH A . 
D 4 HOH 39  339 155 HOH HOH A . 
D 4 HOH 40  340 12  HOH HOH A . 
D 4 HOH 41  341 6   HOH HOH A . 
D 4 HOH 42  342 124 HOH HOH A . 
D 4 HOH 43  343 20  HOH HOH A . 
D 4 HOH 44  344 120 HOH HOH A . 
D 4 HOH 45  345 21  HOH HOH A . 
D 4 HOH 46  346 28  HOH HOH A . 
D 4 HOH 47  347 133 HOH HOH A . 
D 4 HOH 48  348 115 HOH HOH A . 
D 4 HOH 49  349 153 HOH HOH A . 
D 4 HOH 50  350 40  HOH HOH A . 
D 4 HOH 51  351 41  HOH HOH A . 
D 4 HOH 52  352 154 HOH HOH A . 
D 4 HOH 53  353 34  HOH HOH A . 
D 4 HOH 54  354 39  HOH HOH A . 
D 4 HOH 55  355 121 HOH HOH A . 
D 4 HOH 56  356 157 HOH HOH A . 
D 4 HOH 57  357 17  HOH HOH A . 
D 4 HOH 58  358 111 HOH HOH A . 
D 4 HOH 59  359 126 HOH HOH A . 
D 4 HOH 60  360 143 HOH HOH A . 
D 4 HOH 61  361 92  HOH HOH A . 
D 4 HOH 62  362 93  HOH HOH A . 
D 4 HOH 63  363 97  HOH HOH A . 
D 4 HOH 64  364 57  HOH HOH A . 
D 4 HOH 65  365 4   HOH HOH A . 
D 4 HOH 66  366 75  HOH HOH A . 
D 4 HOH 67  367 94  HOH HOH A . 
D 4 HOH 68  368 29  HOH HOH A . 
D 4 HOH 69  369 78  HOH HOH A . 
D 4 HOH 70  370 15  HOH HOH A . 
D 4 HOH 71  371 47  HOH HOH A . 
D 4 HOH 72  372 149 HOH HOH A . 
D 4 HOH 73  373 79  HOH HOH A . 
D 4 HOH 74  374 82  HOH HOH A . 
D 4 HOH 75  375 103 HOH HOH A . 
D 4 HOH 76  376 81  HOH HOH A . 
D 4 HOH 77  377 146 HOH HOH A . 
D 4 HOH 78  378 80  HOH HOH A . 
D 4 HOH 79  379 119 HOH HOH A . 
D 4 HOH 80  380 147 HOH HOH A . 
D 4 HOH 81  381 7   HOH HOH A . 
D 4 HOH 82  382 8   HOH HOH A . 
D 4 HOH 83  383 9   HOH HOH A . 
D 4 HOH 84  384 10  HOH HOH A . 
D 4 HOH 85  385 11  HOH HOH A . 
D 4 HOH 86  386 14  HOH HOH A . 
D 4 HOH 87  387 16  HOH HOH A . 
D 4 HOH 88  388 18  HOH HOH A . 
D 4 HOH 89  389 19  HOH HOH A . 
D 4 HOH 90  390 22  HOH HOH A . 
D 4 HOH 91  391 23  HOH HOH A . 
D 4 HOH 92  392 24  HOH HOH A . 
D 4 HOH 93  393 25  HOH HOH A . 
D 4 HOH 94  394 30  HOH HOH A . 
D 4 HOH 95  395 31  HOH HOH A . 
D 4 HOH 96  396 32  HOH HOH A . 
D 4 HOH 97  397 35  HOH HOH A . 
D 4 HOH 98  398 43  HOH HOH A . 
D 4 HOH 99  399 44  HOH HOH A . 
D 4 HOH 100 400 46  HOH HOH A . 
D 4 HOH 101 401 48  HOH HOH A . 
D 4 HOH 102 402 49  HOH HOH A . 
D 4 HOH 103 403 50  HOH HOH A . 
D 4 HOH 104 404 51  HOH HOH A . 
D 4 HOH 105 405 52  HOH HOH A . 
D 4 HOH 106 406 53  HOH HOH A . 
D 4 HOH 107 407 60  HOH HOH A . 
D 4 HOH 108 408 61  HOH HOH A . 
D 4 HOH 109 409 62  HOH HOH A . 
D 4 HOH 110 410 63  HOH HOH A . 
D 4 HOH 111 411 65  HOH HOH A . 
D 4 HOH 112 412 68  HOH HOH A . 
D 4 HOH 113 413 69  HOH HOH A . 
D 4 HOH 114 414 70  HOH HOH A . 
D 4 HOH 115 415 71  HOH HOH A . 
D 4 HOH 116 416 73  HOH HOH A . 
D 4 HOH 117 417 74  HOH HOH A . 
D 4 HOH 118 418 76  HOH HOH A . 
D 4 HOH 119 419 77  HOH HOH A . 
D 4 HOH 120 420 84  HOH HOH A . 
D 4 HOH 121 421 85  HOH HOH A . 
D 4 HOH 122 422 86  HOH HOH A . 
D 4 HOH 123 423 87  HOH HOH A . 
D 4 HOH 124 424 88  HOH HOH A . 
D 4 HOH 125 425 89  HOH HOH A . 
D 4 HOH 126 426 90  HOH HOH A . 
D 4 HOH 127 427 95  HOH HOH A . 
D 4 HOH 128 428 96  HOH HOH A . 
D 4 HOH 129 429 98  HOH HOH A . 
D 4 HOH 130 430 99  HOH HOH A . 
D 4 HOH 131 431 102 HOH HOH A . 
D 4 HOH 132 432 104 HOH HOH A . 
D 4 HOH 133 433 105 HOH HOH A . 
D 4 HOH 134 434 108 HOH HOH A . 
D 4 HOH 135 435 109 HOH HOH A . 
D 4 HOH 136 436 112 HOH HOH A . 
D 4 HOH 137 437 113 HOH HOH A . 
D 4 HOH 138 438 114 HOH HOH A . 
D 4 HOH 139 439 116 HOH HOH A . 
D 4 HOH 140 440 117 HOH HOH A . 
D 4 HOH 141 441 122 HOH HOH A . 
D 4 HOH 142 442 123 HOH HOH A . 
D 4 HOH 143 443 125 HOH HOH A . 
D 4 HOH 144 444 128 HOH HOH A . 
D 4 HOH 145 445 129 HOH HOH A . 
D 4 HOH 146 446 131 HOH HOH A . 
D 4 HOH 147 447 132 HOH HOH A . 
D 4 HOH 148 448 134 HOH HOH A . 
D 4 HOH 149 449 136 HOH HOH A . 
D 4 HOH 150 450 137 HOH HOH A . 
D 4 HOH 151 451 139 HOH HOH A . 
D 4 HOH 152 452 140 HOH HOH A . 
D 4 HOH 153 453 141 HOH HOH A . 
D 4 HOH 154 454 144 HOH HOH A . 
D 4 HOH 155 455 145 HOH HOH A . 
D 4 HOH 156 456 148 HOH HOH A . 
D 4 HOH 157 457 150 HOH HOH A . 
D 4 HOH 158 458 151 HOH HOH A . 
D 4 HOH 159 459 158 HOH HOH A . 
# 
_pdbx_struct_assembly.id                   1 
_pdbx_struct_assembly.details              author_and_software_defined_assembly 
_pdbx_struct_assembly.method_details       PISA 
_pdbx_struct_assembly.oligomeric_details   monomeric 
_pdbx_struct_assembly.oligomeric_count     1 
# 
_pdbx_struct_assembly_gen.assembly_id       1 
_pdbx_struct_assembly_gen.oper_expression   1 
_pdbx_struct_assembly_gen.asym_id_list      A,B,C,D 
# 
loop_
_pdbx_struct_assembly_prop.biol_id 
_pdbx_struct_assembly_prop.type 
_pdbx_struct_assembly_prop.value 
_pdbx_struct_assembly_prop.details 
1 'ABSA (A^2)' 460  ? 
1 MORE         6    ? 
1 'SSA (A^2)'  8570 ? 
# 
_pdbx_struct_oper_list.id                   1 
_pdbx_struct_oper_list.type                 'identity operation' 
_pdbx_struct_oper_list.name                 1_555 
_pdbx_struct_oper_list.symmetry_operation   x,y,z 
_pdbx_struct_oper_list.matrix[1][1]         1.0000000000 
_pdbx_struct_oper_list.matrix[1][2]         0.0000000000 
_pdbx_struct_oper_list.matrix[1][3]         0.0000000000 
_pdbx_struct_oper_list.vector[1]            0.0000000000 
_pdbx_struct_oper_list.matrix[2][1]         0.0000000000 
_pdbx_struct_oper_list.matrix[2][2]         1.0000000000 
_pdbx_struct_oper_list.matrix[2][3]         0.0000000000 
_pdbx_struct_oper_list.vector[2]            0.0000000000 
_pdbx_struct_oper_list.matrix[3][1]         0.0000000000 
_pdbx_struct_oper_list.matrix[3][2]         0.0000000000 
_pdbx_struct_oper_list.matrix[3][3]         1.0000000000 
_pdbx_struct_oper_list.vector[3]            0.0000000000 
# 
loop_
_pdbx_audit_revision_history.ordinal 
_pdbx_audit_revision_history.data_content_type 
_pdbx_audit_revision_history.major_revision 
_pdbx_audit_revision_history.minor_revision 
_pdbx_audit_revision_history.revision_date 
1 'Structure model' 1 0 2015-04-01 
2 'Structure model' 1 1 2015-04-22 
3 'Structure model' 1 2 2015-05-06 
4 'Structure model' 1 3 2017-09-06 
5 'Structure model' 1 4 2017-11-22 
6 'Structure model' 1 5 2019-12-25 
7 'Structure model' 1 6 2023-09-27 
# 
_pdbx_audit_revision_details.ordinal             1 
_pdbx_audit_revision_details.revision_ordinal    1 
_pdbx_audit_revision_details.data_content_type   'Structure model' 
_pdbx_audit_revision_details.provider            repository 
_pdbx_audit_revision_details.type                'Initial release' 
_pdbx_audit_revision_details.description         ? 
_pdbx_audit_revision_details.details             ? 
# 
loop_
_pdbx_audit_revision_group.ordinal 
_pdbx_audit_revision_group.revision_ordinal 
_pdbx_audit_revision_group.data_content_type 
_pdbx_audit_revision_group.group 
1  2 'Structure model' 'Database references'        
2  3 'Structure model' 'Database references'        
3  4 'Structure model' 'Author supporting evidence' 
4  4 'Structure model' 'Database references'        
5  4 'Structure model' 'Derived calculations'       
6  4 'Structure model' Other                        
7  4 'Structure model' 'Source and taxonomy'        
8  5 'Structure model' 'Refinement description'     
9  6 'Structure model' 'Author supporting evidence' 
10 7 'Structure model' 'Data collection'            
11 7 'Structure model' 'Database references'        
12 7 'Structure model' 'Refinement description'     
# 
loop_
_pdbx_audit_revision_category.ordinal 
_pdbx_audit_revision_category.revision_ordinal 
_pdbx_audit_revision_category.data_content_type 
_pdbx_audit_revision_category.category 
1  4 'Structure model' citation                      
2  4 'Structure model' entity_src_gen                
3  4 'Structure model' pdbx_audit_support            
4  4 'Structure model' pdbx_database_status          
5  4 'Structure model' pdbx_struct_oper_list         
6  5 'Structure model' software                      
7  6 'Structure model' pdbx_audit_support            
8  7 'Structure model' chem_comp_atom                
9  7 'Structure model' chem_comp_bond                
10 7 'Structure model' database_2                    
11 7 'Structure model' pdbx_initial_refinement_model 
12 7 'Structure model' refine_hist                   
# 
loop_
_pdbx_audit_revision_item.ordinal 
_pdbx_audit_revision_item.revision_ordinal 
_pdbx_audit_revision_item.data_content_type 
_pdbx_audit_revision_item.item 
1  4 'Structure model' '_citation.journal_id_CSD'                    
2  4 'Structure model' '_entity_src_gen.pdbx_alt_source_flag'        
3  4 'Structure model' '_pdbx_audit_support.funding_organization'    
4  4 'Structure model' '_pdbx_database_status.pdb_format_compatible' 
5  4 'Structure model' '_pdbx_struct_oper_list.symmetry_operation'   
6  6 'Structure model' '_pdbx_audit_support.funding_organization'    
7  7 'Structure model' '_database_2.pdbx_DOI'                        
8  7 'Structure model' '_database_2.pdbx_database_accession'         
9  7 'Structure model' '_refine_hist.number_atoms_total'             
10 7 'Structure model' '_refine_hist.pdbx_number_atoms_nucleic_acid' 
11 7 'Structure model' '_refine_hist.pdbx_number_atoms_protein'      
# 
loop_
_software.citation_id 
_software.classification 
_software.compiler_name 
_software.compiler_version 
_software.contact_author 
_software.contact_author_email 
_software.date 
_software.description 
_software.dependencies 
_software.hardware 
_software.language 
_software.location 
_software.mods 
_software.name 
_software.os 
_software.os_version 
_software.type 
_software.version 
_software.pdbx_ordinal 
? 'data scaling'    ? ? ? ? ? ? ? ? ? ? ? XSCALE      ? ? ? .                            1 
? 'data extraction' ? ? ? ? ? ? ? ? ? ? ? PDB_EXTRACT ? ? ? 3.15                         2 
? refinement        ? ? ? ? ? ? ? ? ? ? ? PHENIX      ? ? ? '(phenix.refine: 1.7.1_743)' 3 
? 'model building'  ? ? ? ? ? ? ? ? ? ? ? Coot        ? ? ? .                            4 
# 
_pdbx_validate_torsion.id              1 
_pdbx_validate_torsion.PDB_model_num   1 
_pdbx_validate_torsion.auth_comp_id    ILE 
_pdbx_validate_torsion.auth_asym_id    A 
_pdbx_validate_torsion.auth_seq_id     29 
_pdbx_validate_torsion.PDB_ins_code    ? 
_pdbx_validate_torsion.label_alt_id    ? 
_pdbx_validate_torsion.phi             -102.04 
_pdbx_validate_torsion.psi             75.53 
# 
loop_
_pdbx_unobs_or_zero_occ_atoms.id 
_pdbx_unobs_or_zero_occ_atoms.PDB_model_num 
_pdbx_unobs_or_zero_occ_atoms.polymer_flag 
_pdbx_unobs_or_zero_occ_atoms.occupancy_flag 
_pdbx_unobs_or_zero_occ_atoms.auth_asym_id 
_pdbx_unobs_or_zero_occ_atoms.auth_comp_id 
_pdbx_unobs_or_zero_occ_atoms.auth_seq_id 
_pdbx_unobs_or_zero_occ_atoms.PDB_ins_code 
_pdbx_unobs_or_zero_occ_atoms.auth_atom_id 
_pdbx_unobs_or_zero_occ_atoms.label_alt_id 
_pdbx_unobs_or_zero_occ_atoms.label_asym_id 
_pdbx_unobs_or_zero_occ_atoms.label_comp_id 
_pdbx_unobs_or_zero_occ_atoms.label_seq_id 
_pdbx_unobs_or_zero_occ_atoms.label_atom_id 
1  1 Y 1 A LYS 16  ? CE  ? A LYS 16  CE  
2  1 Y 1 A LYS 16  ? NZ  ? A LYS 16  NZ  
3  1 Y 1 A LYS 60  ? NZ  ? A LYS 60  NZ  
4  1 Y 1 A ARG 80  ? CG  ? A ARG 80  CG  
5  1 Y 1 A ARG 80  ? CD  ? A ARG 80  CD  
6  1 Y 1 A ARG 80  ? NE  ? A ARG 80  NE  
7  1 Y 1 A ARG 80  ? CZ  ? A ARG 80  CZ  
8  1 Y 1 A ARG 80  ? NH1 ? A ARG 80  NH1 
9  1 Y 1 A ARG 80  ? NH2 ? A ARG 80  NH2 
10 1 Y 1 A LYS 83  ? CD  ? A LYS 83  CD  
11 1 Y 1 A LYS 83  ? CE  ? A LYS 83  CE  
12 1 Y 1 A LYS 83  ? NZ  ? A LYS 83  NZ  
13 1 Y 1 A GLN 122 ? OE1 ? A GLN 122 OE1 
14 1 Y 1 A GLN 122 ? NE2 ? A GLN 122 NE2 
15 1 Y 1 A LYS 147 ? NZ  ? A LYS 147 NZ  
16 1 Y 1 A LYS 162 ? CD  ? A LYS 162 CD  
17 1 Y 1 A LYS 162 ? CE  ? A LYS 162 CE  
18 1 Y 1 A LYS 162 ? NZ  ? A LYS 162 NZ  
19 1 Y 1 A ASN 163 ? CG  ? A ASN 163 CG  
20 1 Y 1 A ASN 163 ? OD1 ? A ASN 163 OD1 
21 1 Y 1 A ASN 163 ? ND2 ? A ASN 163 ND2 
# 
loop_
_pdbx_unobs_or_zero_occ_residues.id 
_pdbx_unobs_or_zero_occ_residues.PDB_model_num 
_pdbx_unobs_or_zero_occ_residues.polymer_flag 
_pdbx_unobs_or_zero_occ_residues.occupancy_flag 
_pdbx_unobs_or_zero_occ_residues.auth_asym_id 
_pdbx_unobs_or_zero_occ_residues.auth_comp_id 
_pdbx_unobs_or_zero_occ_residues.auth_seq_id 
_pdbx_unobs_or_zero_occ_residues.PDB_ins_code 
_pdbx_unobs_or_zero_occ_residues.label_asym_id 
_pdbx_unobs_or_zero_occ_residues.label_comp_id 
_pdbx_unobs_or_zero_occ_residues.label_seq_id 
1 1 Y 1 A LEU 165 ? A LEU 165 
2 1 Y 1 A GLU 166 ? A GLU 166 
3 1 Y 1 A HIS 167 ? A HIS 167 
4 1 Y 1 A HIS 168 ? A HIS 168 
5 1 Y 1 A HIS 169 ? A HIS 169 
6 1 Y 1 A HIS 170 ? A HIS 170 
7 1 Y 1 A HIS 171 ? A HIS 171 
8 1 Y 1 A HIS 172 ? A HIS 172 
# 
loop_
_chem_comp_atom.comp_id 
_chem_comp_atom.atom_id 
_chem_comp_atom.type_symbol 
_chem_comp_atom.pdbx_aromatic_flag 
_chem_comp_atom.pdbx_stereo_config 
_chem_comp_atom.pdbx_ordinal 
3GY CAA  C N N 1   
3GY CAH  C N N 2   
3GY CAJ  C N R 3   
3GY CAB  C N N 4   
3GY CAI  C Y N 5   
3GY CAF  C Y N 6   
3GY CAD  C Y N 7   
3GY CAC  C Y N 8   
3GY CAE  C Y N 9   
3GY CAG  C Y N 10  
3GY H1   H N N 11  
3GY H2   H N N 12  
3GY H3   H N N 13  
3GY H4   H N N 14  
3GY H5   H N N 15  
3GY H6   H N N 16  
3GY H7   H N N 17  
3GY H8   H N N 18  
3GY H9   H N N 19  
3GY H10  H N N 20  
3GY H11  H N N 21  
3GY H12  H N N 22  
3GY H13  H N N 23  
3GY H14  H N N 24  
ALA N    N N N 25  
ALA CA   C N S 26  
ALA C    C N N 27  
ALA O    O N N 28  
ALA CB   C N N 29  
ALA OXT  O N N 30  
ALA H    H N N 31  
ALA H2   H N N 32  
ALA HA   H N N 33  
ALA HB1  H N N 34  
ALA HB2  H N N 35  
ALA HB3  H N N 36  
ALA HXT  H N N 37  
ARG N    N N N 38  
ARG CA   C N S 39  
ARG C    C N N 40  
ARG O    O N N 41  
ARG CB   C N N 42  
ARG CG   C N N 43  
ARG CD   C N N 44  
ARG NE   N N N 45  
ARG CZ   C N N 46  
ARG NH1  N N N 47  
ARG NH2  N N N 48  
ARG OXT  O N N 49  
ARG H    H N N 50  
ARG H2   H N N 51  
ARG HA   H N N 52  
ARG HB2  H N N 53  
ARG HB3  H N N 54  
ARG HG2  H N N 55  
ARG HG3  H N N 56  
ARG HD2  H N N 57  
ARG HD3  H N N 58  
ARG HE   H N N 59  
ARG HH11 H N N 60  
ARG HH12 H N N 61  
ARG HH21 H N N 62  
ARG HH22 H N N 63  
ARG HXT  H N N 64  
ASN N    N N N 65  
ASN CA   C N S 66  
ASN C    C N N 67  
ASN O    O N N 68  
ASN CB   C N N 69  
ASN CG   C N N 70  
ASN OD1  O N N 71  
ASN ND2  N N N 72  
ASN OXT  O N N 73  
ASN H    H N N 74  
ASN H2   H N N 75  
ASN HA   H N N 76  
ASN HB2  H N N 77  
ASN HB3  H N N 78  
ASN HD21 H N N 79  
ASN HD22 H N N 80  
ASN HXT  H N N 81  
ASP N    N N N 82  
ASP CA   C N S 83  
ASP C    C N N 84  
ASP O    O N N 85  
ASP CB   C N N 86  
ASP CG   C N N 87  
ASP OD1  O N N 88  
ASP OD2  O N N 89  
ASP OXT  O N N 90  
ASP H    H N N 91  
ASP H2   H N N 92  
ASP HA   H N N 93  
ASP HB2  H N N 94  
ASP HB3  H N N 95  
ASP HD2  H N N 96  
ASP HXT  H N N 97  
CYS N    N N N 98  
CYS CA   C N R 99  
CYS C    C N N 100 
CYS O    O N N 101 
CYS CB   C N N 102 
CYS SG   S N N 103 
CYS OXT  O N N 104 
CYS H    H N N 105 
CYS H2   H N N 106 
CYS HA   H N N 107 
CYS HB2  H N N 108 
CYS HB3  H N N 109 
CYS HG   H N N 110 
CYS HXT  H N N 111 
EPE N1   N N N 112 
EPE C2   C N N 113 
EPE C3   C N N 114 
EPE N4   N N N 115 
EPE C5   C N N 116 
EPE C6   C N N 117 
EPE C7   C N N 118 
EPE C8   C N N 119 
EPE O8   O N N 120 
EPE C9   C N N 121 
EPE C10  C N N 122 
EPE S    S N N 123 
EPE O1S  O N N 124 
EPE O2S  O N N 125 
EPE O3S  O N N 126 
EPE H21  H N N 127 
EPE H22  H N N 128 
EPE H31  H N N 129 
EPE H32  H N N 130 
EPE H51  H N N 131 
EPE H52  H N N 132 
EPE H61  H N N 133 
EPE H62  H N N 134 
EPE H71  H N N 135 
EPE H72  H N N 136 
EPE H81  H N N 137 
EPE H82  H N N 138 
EPE HO8  H N N 139 
EPE H91  H N N 140 
EPE H92  H N N 141 
EPE H101 H N N 142 
EPE H102 H N N 143 
EPE HOS3 H N N 144 
GLN N    N N N 145 
GLN CA   C N S 146 
GLN C    C N N 147 
GLN O    O N N 148 
GLN CB   C N N 149 
GLN CG   C N N 150 
GLN CD   C N N 151 
GLN OE1  O N N 152 
GLN NE2  N N N 153 
GLN OXT  O N N 154 
GLN H    H N N 155 
GLN H2   H N N 156 
GLN HA   H N N 157 
GLN HB2  H N N 158 
GLN HB3  H N N 159 
GLN HG2  H N N 160 
GLN HG3  H N N 161 
GLN HE21 H N N 162 
GLN HE22 H N N 163 
GLN HXT  H N N 164 
GLU N    N N N 165 
GLU CA   C N S 166 
GLU C    C N N 167 
GLU O    O N N 168 
GLU CB   C N N 169 
GLU CG   C N N 170 
GLU CD   C N N 171 
GLU OE1  O N N 172 
GLU OE2  O N N 173 
GLU OXT  O N N 174 
GLU H    H N N 175 
GLU H2   H N N 176 
GLU HA   H N N 177 
GLU HB2  H N N 178 
GLU HB3  H N N 179 
GLU HG2  H N N 180 
GLU HG3  H N N 181 
GLU HE2  H N N 182 
GLU HXT  H N N 183 
GLY N    N N N 184 
GLY CA   C N N 185 
GLY C    C N N 186 
GLY O    O N N 187 
GLY OXT  O N N 188 
GLY H    H N N 189 
GLY H2   H N N 190 
GLY HA2  H N N 191 
GLY HA3  H N N 192 
GLY HXT  H N N 193 
HIS N    N N N 194 
HIS CA   C N S 195 
HIS C    C N N 196 
HIS O    O N N 197 
HIS CB   C N N 198 
HIS CG   C Y N 199 
HIS ND1  N Y N 200 
HIS CD2  C Y N 201 
HIS CE1  C Y N 202 
HIS NE2  N Y N 203 
HIS OXT  O N N 204 
HIS H    H N N 205 
HIS H2   H N N 206 
HIS HA   H N N 207 
HIS HB2  H N N 208 
HIS HB3  H N N 209 
HIS HD1  H N N 210 
HIS HD2  H N N 211 
HIS HE1  H N N 212 
HIS HE2  H N N 213 
HIS HXT  H N N 214 
HOH O    O N N 215 
HOH H1   H N N 216 
HOH H2   H N N 217 
ILE N    N N N 218 
ILE CA   C N S 219 
ILE C    C N N 220 
ILE O    O N N 221 
ILE CB   C N S 222 
ILE CG1  C N N 223 
ILE CG2  C N N 224 
ILE CD1  C N N 225 
ILE OXT  O N N 226 
ILE H    H N N 227 
ILE H2   H N N 228 
ILE HA   H N N 229 
ILE HB   H N N 230 
ILE HG12 H N N 231 
ILE HG13 H N N 232 
ILE HG21 H N N 233 
ILE HG22 H N N 234 
ILE HG23 H N N 235 
ILE HD11 H N N 236 
ILE HD12 H N N 237 
ILE HD13 H N N 238 
ILE HXT  H N N 239 
LEU N    N N N 240 
LEU CA   C N S 241 
LEU C    C N N 242 
LEU O    O N N 243 
LEU CB   C N N 244 
LEU CG   C N N 245 
LEU CD1  C N N 246 
LEU CD2  C N N 247 
LEU OXT  O N N 248 
LEU H    H N N 249 
LEU H2   H N N 250 
LEU HA   H N N 251 
LEU HB2  H N N 252 
LEU HB3  H N N 253 
LEU HG   H N N 254 
LEU HD11 H N N 255 
LEU HD12 H N N 256 
LEU HD13 H N N 257 
LEU HD21 H N N 258 
LEU HD22 H N N 259 
LEU HD23 H N N 260 
LEU HXT  H N N 261 
LYS N    N N N 262 
LYS CA   C N S 263 
LYS C    C N N 264 
LYS O    O N N 265 
LYS CB   C N N 266 
LYS CG   C N N 267 
LYS CD   C N N 268 
LYS CE   C N N 269 
LYS NZ   N N N 270 
LYS OXT  O N N 271 
LYS H    H N N 272 
LYS H2   H N N 273 
LYS HA   H N N 274 
LYS HB2  H N N 275 
LYS HB3  H N N 276 
LYS HG2  H N N 277 
LYS HG3  H N N 278 
LYS HD2  H N N 279 
LYS HD3  H N N 280 
LYS HE2  H N N 281 
LYS HE3  H N N 282 
LYS HZ1  H N N 283 
LYS HZ2  H N N 284 
LYS HZ3  H N N 285 
LYS HXT  H N N 286 
MET N    N N N 287 
MET CA   C N S 288 
MET C    C N N 289 
MET O    O N N 290 
MET CB   C N N 291 
MET CG   C N N 292 
MET SD   S N N 293 
MET CE   C N N 294 
MET OXT  O N N 295 
MET H    H N N 296 
MET H2   H N N 297 
MET HA   H N N 298 
MET HB2  H N N 299 
MET HB3  H N N 300 
MET HG2  H N N 301 
MET HG3  H N N 302 
MET HE1  H N N 303 
MET HE2  H N N 304 
MET HE3  H N N 305 
MET HXT  H N N 306 
PHE N    N N N 307 
PHE CA   C N S 308 
PHE C    C N N 309 
PHE O    O N N 310 
PHE CB   C N N 311 
PHE CG   C Y N 312 
PHE CD1  C Y N 313 
PHE CD2  C Y N 314 
PHE CE1  C Y N 315 
PHE CE2  C Y N 316 
PHE CZ   C Y N 317 
PHE OXT  O N N 318 
PHE H    H N N 319 
PHE H2   H N N 320 
PHE HA   H N N 321 
PHE HB2  H N N 322 
PHE HB3  H N N 323 
PHE HD1  H N N 324 
PHE HD2  H N N 325 
PHE HE1  H N N 326 
PHE HE2  H N N 327 
PHE HZ   H N N 328 
PHE HXT  H N N 329 
PRO N    N N N 330 
PRO CA   C N S 331 
PRO C    C N N 332 
PRO O    O N N 333 
PRO CB   C N N 334 
PRO CG   C N N 335 
PRO CD   C N N 336 
PRO OXT  O N N 337 
PRO H    H N N 338 
PRO HA   H N N 339 
PRO HB2  H N N 340 
PRO HB3  H N N 341 
PRO HG2  H N N 342 
PRO HG3  H N N 343 
PRO HD2  H N N 344 
PRO HD3  H N N 345 
PRO HXT  H N N 346 
SER N    N N N 347 
SER CA   C N S 348 
SER C    C N N 349 
SER O    O N N 350 
SER CB   C N N 351 
SER OG   O N N 352 
SER OXT  O N N 353 
SER H    H N N 354 
SER H2   H N N 355 
SER HA   H N N 356 
SER HB2  H N N 357 
SER HB3  H N N 358 
SER HG   H N N 359 
SER HXT  H N N 360 
THR N    N N N 361 
THR CA   C N S 362 
THR C    C N N 363 
THR O    O N N 364 
THR CB   C N R 365 
THR OG1  O N N 366 
THR CG2  C N N 367 
THR OXT  O N N 368 
THR H    H N N 369 
THR H2   H N N 370 
THR HA   H N N 371 
THR HB   H N N 372 
THR HG1  H N N 373 
THR HG21 H N N 374 
THR HG22 H N N 375 
THR HG23 H N N 376 
THR HXT  H N N 377 
TRP N    N N N 378 
TRP CA   C N S 379 
TRP C    C N N 380 
TRP O    O N N 381 
TRP CB   C N N 382 
TRP CG   C Y N 383 
TRP CD1  C Y N 384 
TRP CD2  C Y N 385 
TRP NE1  N Y N 386 
TRP CE2  C Y N 387 
TRP CE3  C Y N 388 
TRP CZ2  C Y N 389 
TRP CZ3  C Y N 390 
TRP CH2  C Y N 391 
TRP OXT  O N N 392 
TRP H    H N N 393 
TRP H2   H N N 394 
TRP HA   H N N 395 
TRP HB2  H N N 396 
TRP HB3  H N N 397 
TRP HD1  H N N 398 
TRP HE1  H N N 399 
TRP HE3  H N N 400 
TRP HZ2  H N N 401 
TRP HZ3  H N N 402 
TRP HH2  H N N 403 
TRP HXT  H N N 404 
TYR N    N N N 405 
TYR CA   C N S 406 
TYR C    C N N 407 
TYR O    O N N 408 
TYR CB   C N N 409 
TYR CG   C Y N 410 
TYR CD1  C Y N 411 
TYR CD2  C Y N 412 
TYR CE1  C Y N 413 
TYR CE2  C Y N 414 
TYR CZ   C Y N 415 
TYR OH   O N N 416 
TYR OXT  O N N 417 
TYR H    H N N 418 
TYR H2   H N N 419 
TYR HA   H N N 420 
TYR HB2  H N N 421 
TYR HB3  H N N 422 
TYR HD1  H N N 423 
TYR HD2  H N N 424 
TYR HE1  H N N 425 
TYR HE2  H N N 426 
TYR HH   H N N 427 
TYR HXT  H N N 428 
VAL N    N N N 429 
VAL CA   C N S 430 
VAL C    C N N 431 
VAL O    O N N 432 
VAL CB   C N N 433 
VAL CG1  C N N 434 
VAL CG2  C N N 435 
VAL OXT  O N N 436 
VAL H    H N N 437 
VAL H2   H N N 438 
VAL HA   H N N 439 
VAL HB   H N N 440 
VAL HG11 H N N 441 
VAL HG12 H N N 442 
VAL HG13 H N N 443 
VAL HG21 H N N 444 
VAL HG22 H N N 445 
VAL HG23 H N N 446 
VAL HXT  H N N 447 
# 
loop_
_chem_comp_bond.comp_id 
_chem_comp_bond.atom_id_1 
_chem_comp_bond.atom_id_2 
_chem_comp_bond.value_order 
_chem_comp_bond.pdbx_aromatic_flag 
_chem_comp_bond.pdbx_stereo_config 
_chem_comp_bond.pdbx_ordinal 
3GY CAA CAH  sing N N 1   
3GY CAH CAJ  sing N N 2   
3GY CAG CAE  doub Y N 3   
3GY CAG CAI  sing Y N 4   
3GY CAE CAC  sing Y N 5   
3GY CAJ CAI  sing N N 6   
3GY CAJ CAB  sing N N 7   
3GY CAI CAF  doub Y N 8   
3GY CAC CAD  doub Y N 9   
3GY CAF CAD  sing Y N 10  
3GY CAA H1   sing N N 11  
3GY CAA H2   sing N N 12  
3GY CAA H3   sing N N 13  
3GY CAH H4   sing N N 14  
3GY CAH H5   sing N N 15  
3GY CAJ H6   sing N N 16  
3GY CAB H7   sing N N 17  
3GY CAB H8   sing N N 18  
3GY CAB H9   sing N N 19  
3GY CAF H10  sing N N 20  
3GY CAD H11  sing N N 21  
3GY CAC H12  sing N N 22  
3GY CAE H13  sing N N 23  
3GY CAG H14  sing N N 24  
ALA N   CA   sing N N 25  
ALA N   H    sing N N 26  
ALA N   H2   sing N N 27  
ALA CA  C    sing N N 28  
ALA CA  CB   sing N N 29  
ALA CA  HA   sing N N 30  
ALA C   O    doub N N 31  
ALA C   OXT  sing N N 32  
ALA CB  HB1  sing N N 33  
ALA CB  HB2  sing N N 34  
ALA CB  HB3  sing N N 35  
ALA OXT HXT  sing N N 36  
ARG N   CA   sing N N 37  
ARG N   H    sing N N 38  
ARG N   H2   sing N N 39  
ARG CA  C    sing N N 40  
ARG CA  CB   sing N N 41  
ARG CA  HA   sing N N 42  
ARG C   O    doub N N 43  
ARG C   OXT  sing N N 44  
ARG CB  CG   sing N N 45  
ARG CB  HB2  sing N N 46  
ARG CB  HB3  sing N N 47  
ARG CG  CD   sing N N 48  
ARG CG  HG2  sing N N 49  
ARG CG  HG3  sing N N 50  
ARG CD  NE   sing N N 51  
ARG CD  HD2  sing N N 52  
ARG CD  HD3  sing N N 53  
ARG NE  CZ   sing N N 54  
ARG NE  HE   sing N N 55  
ARG CZ  NH1  sing N N 56  
ARG CZ  NH2  doub N N 57  
ARG NH1 HH11 sing N N 58  
ARG NH1 HH12 sing N N 59  
ARG NH2 HH21 sing N N 60  
ARG NH2 HH22 sing N N 61  
ARG OXT HXT  sing N N 62  
ASN N   CA   sing N N 63  
ASN N   H    sing N N 64  
ASN N   H2   sing N N 65  
ASN CA  C    sing N N 66  
ASN CA  CB   sing N N 67  
ASN CA  HA   sing N N 68  
ASN C   O    doub N N 69  
ASN C   OXT  sing N N 70  
ASN CB  CG   sing N N 71  
ASN CB  HB2  sing N N 72  
ASN CB  HB3  sing N N 73  
ASN CG  OD1  doub N N 74  
ASN CG  ND2  sing N N 75  
ASN ND2 HD21 sing N N 76  
ASN ND2 HD22 sing N N 77  
ASN OXT HXT  sing N N 78  
ASP N   CA   sing N N 79  
ASP N   H    sing N N 80  
ASP N   H2   sing N N 81  
ASP CA  C    sing N N 82  
ASP CA  CB   sing N N 83  
ASP CA  HA   sing N N 84  
ASP C   O    doub N N 85  
ASP C   OXT  sing N N 86  
ASP CB  CG   sing N N 87  
ASP CB  HB2  sing N N 88  
ASP CB  HB3  sing N N 89  
ASP CG  OD1  doub N N 90  
ASP CG  OD2  sing N N 91  
ASP OD2 HD2  sing N N 92  
ASP OXT HXT  sing N N 93  
CYS N   CA   sing N N 94  
CYS N   H    sing N N 95  
CYS N   H2   sing N N 96  
CYS CA  C    sing N N 97  
CYS CA  CB   sing N N 98  
CYS CA  HA   sing N N 99  
CYS C   O    doub N N 100 
CYS C   OXT  sing N N 101 
CYS CB  SG   sing N N 102 
CYS CB  HB2  sing N N 103 
CYS CB  HB3  sing N N 104 
CYS SG  HG   sing N N 105 
CYS OXT HXT  sing N N 106 
EPE N1  C2   sing N N 107 
EPE N1  C6   sing N N 108 
EPE N1  C9   sing N N 109 
EPE C2  C3   sing N N 110 
EPE C2  H21  sing N N 111 
EPE C2  H22  sing N N 112 
EPE C3  N4   sing N N 113 
EPE C3  H31  sing N N 114 
EPE C3  H32  sing N N 115 
EPE N4  C5   sing N N 116 
EPE N4  C7   sing N N 117 
EPE C5  C6   sing N N 118 
EPE C5  H51  sing N N 119 
EPE C5  H52  sing N N 120 
EPE C6  H61  sing N N 121 
EPE C6  H62  sing N N 122 
EPE C7  C8   sing N N 123 
EPE C7  H71  sing N N 124 
EPE C7  H72  sing N N 125 
EPE C8  O8   sing N N 126 
EPE C8  H81  sing N N 127 
EPE C8  H82  sing N N 128 
EPE O8  HO8  sing N N 129 
EPE C9  C10  sing N N 130 
EPE C9  H91  sing N N 131 
EPE C9  H92  sing N N 132 
EPE C10 S    sing N N 133 
EPE C10 H101 sing N N 134 
EPE C10 H102 sing N N 135 
EPE S   O1S  doub N N 136 
EPE S   O2S  doub N N 137 
EPE S   O3S  sing N N 138 
EPE O3S HOS3 sing N N 139 
GLN N   CA   sing N N 140 
GLN N   H    sing N N 141 
GLN N   H2   sing N N 142 
GLN CA  C    sing N N 143 
GLN CA  CB   sing N N 144 
GLN CA  HA   sing N N 145 
GLN C   O    doub N N 146 
GLN C   OXT  sing N N 147 
GLN CB  CG   sing N N 148 
GLN CB  HB2  sing N N 149 
GLN CB  HB3  sing N N 150 
GLN CG  CD   sing N N 151 
GLN CG  HG2  sing N N 152 
GLN CG  HG3  sing N N 153 
GLN CD  OE1  doub N N 154 
GLN CD  NE2  sing N N 155 
GLN NE2 HE21 sing N N 156 
GLN NE2 HE22 sing N N 157 
GLN OXT HXT  sing N N 158 
GLU N   CA   sing N N 159 
GLU N   H    sing N N 160 
GLU N   H2   sing N N 161 
GLU CA  C    sing N N 162 
GLU CA  CB   sing N N 163 
GLU CA  HA   sing N N 164 
GLU C   O    doub N N 165 
GLU C   OXT  sing N N 166 
GLU CB  CG   sing N N 167 
GLU CB  HB2  sing N N 168 
GLU CB  HB3  sing N N 169 
GLU CG  CD   sing N N 170 
GLU CG  HG2  sing N N 171 
GLU CG  HG3  sing N N 172 
GLU CD  OE1  doub N N 173 
GLU CD  OE2  sing N N 174 
GLU OE2 HE2  sing N N 175 
GLU OXT HXT  sing N N 176 
GLY N   CA   sing N N 177 
GLY N   H    sing N N 178 
GLY N   H2   sing N N 179 
GLY CA  C    sing N N 180 
GLY CA  HA2  sing N N 181 
GLY CA  HA3  sing N N 182 
GLY C   O    doub N N 183 
GLY C   OXT  sing N N 184 
GLY OXT HXT  sing N N 185 
HIS N   CA   sing N N 186 
HIS N   H    sing N N 187 
HIS N   H2   sing N N 188 
HIS CA  C    sing N N 189 
HIS CA  CB   sing N N 190 
HIS CA  HA   sing N N 191 
HIS C   O    doub N N 192 
HIS C   OXT  sing N N 193 
HIS CB  CG   sing N N 194 
HIS CB  HB2  sing N N 195 
HIS CB  HB3  sing N N 196 
HIS CG  ND1  sing Y N 197 
HIS CG  CD2  doub Y N 198 
HIS ND1 CE1  doub Y N 199 
HIS ND1 HD1  sing N N 200 
HIS CD2 NE2  sing Y N 201 
HIS CD2 HD2  sing N N 202 
HIS CE1 NE2  sing Y N 203 
HIS CE1 HE1  sing N N 204 
HIS NE2 HE2  sing N N 205 
HIS OXT HXT  sing N N 206 
HOH O   H1   sing N N 207 
HOH O   H2   sing N N 208 
ILE N   CA   sing N N 209 
ILE N   H    sing N N 210 
ILE N   H2   sing N N 211 
ILE CA  C    sing N N 212 
ILE CA  CB   sing N N 213 
ILE CA  HA   sing N N 214 
ILE C   O    doub N N 215 
ILE C   OXT  sing N N 216 
ILE CB  CG1  sing N N 217 
ILE CB  CG2  sing N N 218 
ILE CB  HB   sing N N 219 
ILE CG1 CD1  sing N N 220 
ILE CG1 HG12 sing N N 221 
ILE CG1 HG13 sing N N 222 
ILE CG2 HG21 sing N N 223 
ILE CG2 HG22 sing N N 224 
ILE CG2 HG23 sing N N 225 
ILE CD1 HD11 sing N N 226 
ILE CD1 HD12 sing N N 227 
ILE CD1 HD13 sing N N 228 
ILE OXT HXT  sing N N 229 
LEU N   CA   sing N N 230 
LEU N   H    sing N N 231 
LEU N   H2   sing N N 232 
LEU CA  C    sing N N 233 
LEU CA  CB   sing N N 234 
LEU CA  HA   sing N N 235 
LEU C   O    doub N N 236 
LEU C   OXT  sing N N 237 
LEU CB  CG   sing N N 238 
LEU CB  HB2  sing N N 239 
LEU CB  HB3  sing N N 240 
LEU CG  CD1  sing N N 241 
LEU CG  CD2  sing N N 242 
LEU CG  HG   sing N N 243 
LEU CD1 HD11 sing N N 244 
LEU CD1 HD12 sing N N 245 
LEU CD1 HD13 sing N N 246 
LEU CD2 HD21 sing N N 247 
LEU CD2 HD22 sing N N 248 
LEU CD2 HD23 sing N N 249 
LEU OXT HXT  sing N N 250 
LYS N   CA   sing N N 251 
LYS N   H    sing N N 252 
LYS N   H2   sing N N 253 
LYS CA  C    sing N N 254 
LYS CA  CB   sing N N 255 
LYS CA  HA   sing N N 256 
LYS C   O    doub N N 257 
LYS C   OXT  sing N N 258 
LYS CB  CG   sing N N 259 
LYS CB  HB2  sing N N 260 
LYS CB  HB3  sing N N 261 
LYS CG  CD   sing N N 262 
LYS CG  HG2  sing N N 263 
LYS CG  HG3  sing N N 264 
LYS CD  CE   sing N N 265 
LYS CD  HD2  sing N N 266 
LYS CD  HD3  sing N N 267 
LYS CE  NZ   sing N N 268 
LYS CE  HE2  sing N N 269 
LYS CE  HE3  sing N N 270 
LYS NZ  HZ1  sing N N 271 
LYS NZ  HZ2  sing N N 272 
LYS NZ  HZ3  sing N N 273 
LYS OXT HXT  sing N N 274 
MET N   CA   sing N N 275 
MET N   H    sing N N 276 
MET N   H2   sing N N 277 
MET CA  C    sing N N 278 
MET CA  CB   sing N N 279 
MET CA  HA   sing N N 280 
MET C   O    doub N N 281 
MET C   OXT  sing N N 282 
MET CB  CG   sing N N 283 
MET CB  HB2  sing N N 284 
MET CB  HB3  sing N N 285 
MET CG  SD   sing N N 286 
MET CG  HG2  sing N N 287 
MET CG  HG3  sing N N 288 
MET SD  CE   sing N N 289 
MET CE  HE1  sing N N 290 
MET CE  HE2  sing N N 291 
MET CE  HE3  sing N N 292 
MET OXT HXT  sing N N 293 
PHE N   CA   sing N N 294 
PHE N   H    sing N N 295 
PHE N   H2   sing N N 296 
PHE CA  C    sing N N 297 
PHE CA  CB   sing N N 298 
PHE CA  HA   sing N N 299 
PHE C   O    doub N N 300 
PHE C   OXT  sing N N 301 
PHE CB  CG   sing N N 302 
PHE CB  HB2  sing N N 303 
PHE CB  HB3  sing N N 304 
PHE CG  CD1  doub Y N 305 
PHE CG  CD2  sing Y N 306 
PHE CD1 CE1  sing Y N 307 
PHE CD1 HD1  sing N N 308 
PHE CD2 CE2  doub Y N 309 
PHE CD2 HD2  sing N N 310 
PHE CE1 CZ   doub Y N 311 
PHE CE1 HE1  sing N N 312 
PHE CE2 CZ   sing Y N 313 
PHE CE2 HE2  sing N N 314 
PHE CZ  HZ   sing N N 315 
PHE OXT HXT  sing N N 316 
PRO N   CA   sing N N 317 
PRO N   CD   sing N N 318 
PRO N   H    sing N N 319 
PRO CA  C    sing N N 320 
PRO CA  CB   sing N N 321 
PRO CA  HA   sing N N 322 
PRO C   O    doub N N 323 
PRO C   OXT  sing N N 324 
PRO CB  CG   sing N N 325 
PRO CB  HB2  sing N N 326 
PRO CB  HB3  sing N N 327 
PRO CG  CD   sing N N 328 
PRO CG  HG2  sing N N 329 
PRO CG  HG3  sing N N 330 
PRO CD  HD2  sing N N 331 
PRO CD  HD3  sing N N 332 
PRO OXT HXT  sing N N 333 
SER N   CA   sing N N 334 
SER N   H    sing N N 335 
SER N   H2   sing N N 336 
SER CA  C    sing N N 337 
SER CA  CB   sing N N 338 
SER CA  HA   sing N N 339 
SER C   O    doub N N 340 
SER C   OXT  sing N N 341 
SER CB  OG   sing N N 342 
SER CB  HB2  sing N N 343 
SER CB  HB3  sing N N 344 
SER OG  HG   sing N N 345 
SER OXT HXT  sing N N 346 
THR N   CA   sing N N 347 
THR N   H    sing N N 348 
THR N   H2   sing N N 349 
THR CA  C    sing N N 350 
THR CA  CB   sing N N 351 
THR CA  HA   sing N N 352 
THR C   O    doub N N 353 
THR C   OXT  sing N N 354 
THR CB  OG1  sing N N 355 
THR CB  CG2  sing N N 356 
THR CB  HB   sing N N 357 
THR OG1 HG1  sing N N 358 
THR CG2 HG21 sing N N 359 
THR CG2 HG22 sing N N 360 
THR CG2 HG23 sing N N 361 
THR OXT HXT  sing N N 362 
TRP N   CA   sing N N 363 
TRP N   H    sing N N 364 
TRP N   H2   sing N N 365 
TRP CA  C    sing N N 366 
TRP CA  CB   sing N N 367 
TRP CA  HA   sing N N 368 
TRP C   O    doub N N 369 
TRP C   OXT  sing N N 370 
TRP CB  CG   sing N N 371 
TRP CB  HB2  sing N N 372 
TRP CB  HB3  sing N N 373 
TRP CG  CD1  doub Y N 374 
TRP CG  CD2  sing Y N 375 
TRP CD1 NE1  sing Y N 376 
TRP CD1 HD1  sing N N 377 
TRP CD2 CE2  doub Y N 378 
TRP CD2 CE3  sing Y N 379 
TRP NE1 CE2  sing Y N 380 
TRP NE1 HE1  sing N N 381 
TRP CE2 CZ2  sing Y N 382 
TRP CE3 CZ3  doub Y N 383 
TRP CE3 HE3  sing N N 384 
TRP CZ2 CH2  doub Y N 385 
TRP CZ2 HZ2  sing N N 386 
TRP CZ3 CH2  sing Y N 387 
TRP CZ3 HZ3  sing N N 388 
TRP CH2 HH2  sing N N 389 
TRP OXT HXT  sing N N 390 
TYR N   CA   sing N N 391 
TYR N   H    sing N N 392 
TYR N   H2   sing N N 393 
TYR CA  C    sing N N 394 
TYR CA  CB   sing N N 395 
TYR CA  HA   sing N N 396 
TYR C   O    doub N N 397 
TYR C   OXT  sing N N 398 
TYR CB  CG   sing N N 399 
TYR CB  HB2  sing N N 400 
TYR CB  HB3  sing N N 401 
TYR CG  CD1  doub Y N 402 
TYR CG  CD2  sing Y N 403 
TYR CD1 CE1  sing Y N 404 
TYR CD1 HD1  sing N N 405 
TYR CD2 CE2  doub Y N 406 
TYR CD2 HD2  sing N N 407 
TYR CE1 CZ   doub Y N 408 
TYR CE1 HE1  sing N N 409 
TYR CE2 CZ   sing Y N 410 
TYR CE2 HE2  sing N N 411 
TYR CZ  OH   sing N N 412 
TYR OH  HH   sing N N 413 
TYR OXT HXT  sing N N 414 
VAL N   CA   sing N N 415 
VAL N   H    sing N N 416 
VAL N   H2   sing N N 417 
VAL CA  C    sing N N 418 
VAL CA  CB   sing N N 419 
VAL CA  HA   sing N N 420 
VAL C   O    doub N N 421 
VAL C   OXT  sing N N 422 
VAL CB  CG1  sing N N 423 
VAL CB  CG2  sing N N 424 
VAL CB  HB   sing N N 425 
VAL CG1 HG11 sing N N 426 
VAL CG1 HG12 sing N N 427 
VAL CG1 HG13 sing N N 428 
VAL CG2 HG21 sing N N 429 
VAL CG2 HG22 sing N N 430 
VAL CG2 HG23 sing N N 431 
VAL OXT HXT  sing N N 432 
# 
_pdbx_audit_support.funding_organization   
'National Institutes of Health/National Institute of General Medical Sciences (NIH/NIGMS)' 
_pdbx_audit_support.country                'United States' 
_pdbx_audit_support.grant_number           GM59957 
_pdbx_audit_support.ordinal                1 
# 
loop_
_pdbx_entity_nonpoly.entity_id 
_pdbx_entity_nonpoly.name 
_pdbx_entity_nonpoly.comp_id 
2 '(2R)-butan-2-ylbenzene'                              3GY 
3 '4-(2-HYDROXYETHYL)-1-PIPERAZINE ETHANESULFONIC ACID' EPE 
4 water                                                 HOH 
# 
_pdbx_initial_refinement_model.id               1 
_pdbx_initial_refinement_model.entity_id_list   ? 
_pdbx_initial_refinement_model.type             'experimental model' 
_pdbx_initial_refinement_model.source_name      PDB 
_pdbx_initial_refinement_model.accession_code   181L 
_pdbx_initial_refinement_model.details          ? 
# 
